data_5CRG
#
_entry.id   5CRG
#
_cell.length_a   91.179
_cell.length_b   67.462
_cell.length_c   158.062
_cell.angle_alpha   90.00
_cell.angle_beta   96.48
_cell.angle_gamma   90.00
#
_symmetry.space_group_name_H-M   'P 1 21 1'
#
loop_
_entity.id
_entity.type
_entity.pdbx_description
1 polymer Calsequestrin-1
2 non-polymer 'CALCIUM ION'
3 water water
#
_entity_poly.entity_id   1
_entity_poly.type   'polypeptide(L)'
_entity_poly.pdbx_seq_one_letter_code
;QEGLDFPEYDGVDRVINVNAKNYKNVFKKYEVLALLYHEPPEDDKASQRQFEMEELILELAAQVLEDKGVGFGLVDSEKD
AAVAKKLGLTEVDSMYVFKGDEVIEYDGEFSADTIVEFLLDVLEDPVELIEGERELQAFENIEDEIKLIGYFKSKDSEHY
KAFEDAAEEFHPYIPFFATFDSKVAKKLTLKLNEIDFYEAFMEEPVTIPGKPNSEEEIVNFVEEHRRSTLRKLKPESMYE
TWEDDMDGIHIVAFAEEADPDGFEFLETLKAVAQDNTENPDLSIIWIDPDDFPLLVPYWEKTFDIDLSAPQIGVVNVTDA
DSVWMEMDDEEDLPSAEELEDWLEDVLEGEINTEDDDDDDDD
;
_entity_poly.pdbx_strand_id   A,B,C,D
#
loop_
_chem_comp.id
_chem_comp.type
_chem_comp.name
_chem_comp.formula
CA non-polymer 'CALCIUM ION' 'Ca 2'
#
# COMPACT_ATOMS: atom_id res chain seq x y z
N GLN A 1 -18.85 -24.74 14.86
CA GLN A 1 -17.52 -24.30 15.25
C GLN A 1 -16.82 -23.52 14.16
N GLU A 2 -17.08 -23.91 12.91
CA GLU A 2 -16.41 -23.29 11.78
C GLU A 2 -16.87 -21.85 11.63
N GLY A 3 -15.93 -20.92 11.69
CA GLY A 3 -16.22 -19.50 11.65
C GLY A 3 -16.30 -18.84 13.01
N LEU A 4 -16.28 -19.63 14.10
CA LEU A 4 -16.42 -19.13 15.45
C LEU A 4 -15.53 -19.92 16.40
N ASP A 5 -14.31 -20.21 15.97
CA ASP A 5 -13.41 -21.13 16.68
C ASP A 5 -12.42 -20.31 17.51
N PHE A 6 -12.65 -20.28 18.82
CA PHE A 6 -11.72 -19.59 19.71
C PHE A 6 -10.36 -20.30 19.66
N PRO A 7 -9.27 -19.55 19.64
CA PRO A 7 -7.94 -20.18 19.56
C PRO A 7 -7.53 -20.79 20.89
N GLU A 8 -6.84 -21.92 20.81
CA GLU A 8 -6.33 -22.63 21.96
C GLU A 8 -4.81 -22.66 21.90
N TYR A 9 -4.17 -22.54 23.07
CA TYR A 9 -2.71 -22.47 23.12
C TYR A 9 -2.10 -23.75 22.58
N ASP A 10 -1.13 -23.61 21.67
CA ASP A 10 -0.54 -24.74 20.97
C ASP A 10 0.72 -25.27 21.64
N GLY A 11 1.05 -24.79 22.84
CA GLY A 11 2.21 -25.26 23.57
C GLY A 11 3.54 -24.70 23.13
N VAL A 12 3.58 -23.92 22.06
CA VAL A 12 4.85 -23.33 21.61
C VAL A 12 5.28 -22.23 22.56
N ASP A 13 6.57 -22.22 22.90
CA ASP A 13 7.13 -21.28 23.88
C ASP A 13 7.49 -19.99 23.16
N ARG A 14 6.55 -19.03 23.17
CA ARG A 14 6.77 -17.74 22.52
C ARG A 14 7.12 -16.62 23.47
N VAL A 15 6.79 -16.76 24.75
CA VAL A 15 7.05 -15.74 25.77
C VAL A 15 8.21 -16.23 26.63
N ILE A 16 9.30 -15.47 26.65
CA ILE A 16 10.51 -15.87 27.37
C ILE A 16 10.93 -14.75 28.31
N ASN A 17 11.89 -15.08 29.18
CA ASN A 17 12.49 -14.07 30.06
C ASN A 17 13.40 -13.17 29.24
N VAL A 18 13.22 -11.86 29.39
CA VAL A 18 14.01 -10.85 28.69
C VAL A 18 15.02 -10.30 29.68
N ASN A 19 16.32 -10.45 29.36
CA ASN A 19 17.40 -10.12 30.27
C ASN A 19 18.45 -9.28 29.54
N ALA A 20 19.51 -8.94 30.27
CA ALA A 20 20.58 -8.12 29.70
C ALA A 20 21.26 -8.78 28.51
N LYS A 21 21.20 -10.11 28.41
CA LYS A 21 21.90 -10.79 27.32
C LYS A 21 21.10 -10.81 26.03
N ASN A 22 19.78 -10.93 26.13
CA ASN A 22 18.96 -11.14 24.93
C ASN A 22 18.01 -10.00 24.60
N TYR A 23 17.94 -8.94 25.41
CA TYR A 23 16.87 -7.97 25.23
C TYR A 23 16.97 -7.24 23.90
N LYS A 24 18.19 -7.00 23.41
CA LYS A 24 18.33 -6.35 22.10
C LYS A 24 17.86 -7.27 20.99
N ASN A 25 18.13 -8.58 21.12
CA ASN A 25 17.64 -9.53 20.13
C ASN A 25 16.12 -9.59 20.11
N VAL A 26 15.49 -9.53 21.27
CA VAL A 26 14.03 -9.64 21.33
C VAL A 26 13.37 -8.40 20.72
N PHE A 27 13.90 -7.21 21.02
CA PHE A 27 13.38 -6.00 20.39
C PHE A 27 13.54 -6.03 18.88
N LYS A 28 14.58 -6.70 18.38
CA LYS A 28 14.80 -6.77 16.93
C LYS A 28 13.83 -7.74 16.28
N LYS A 29 13.39 -8.76 17.00
CA LYS A 29 12.55 -9.80 16.40
C LYS A 29 11.12 -9.32 16.17
N TYR A 30 10.62 -8.41 17.01
CA TYR A 30 9.22 -8.03 16.98
C TYR A 30 9.05 -6.56 16.65
N GLU A 31 8.00 -6.25 15.87
CA GLU A 31 7.66 -4.85 15.61
C GLU A 31 7.22 -4.16 16.89
N VAL A 32 6.28 -4.78 17.62
CA VAL A 32 5.77 -4.27 18.89
C VAL A 32 6.08 -5.29 19.96
N LEU A 33 6.66 -4.83 21.08
CA LEU A 33 7.08 -5.70 22.17
C LEU A 33 6.41 -5.29 23.46
N ALA A 34 5.74 -6.23 24.11
CA ALA A 34 5.08 -6.01 25.39
C ALA A 34 5.83 -6.78 26.47
N LEU A 35 6.33 -6.07 27.47
CA LEU A 35 7.15 -6.66 28.52
C LEU A 35 6.42 -6.55 29.84
N LEU A 36 6.11 -7.69 30.46
CA LEU A 36 5.51 -7.71 31.79
C LEU A 36 6.60 -7.60 32.83
N TYR A 37 6.58 -6.51 33.59
CA TYR A 37 7.54 -6.27 34.66
C TYR A 37 6.98 -6.80 35.96
N HIS A 38 7.63 -7.82 36.53
CA HIS A 38 7.06 -8.58 37.62
C HIS A 38 8.11 -8.89 38.68
N GLU A 39 7.66 -9.00 39.92
CA GLU A 39 8.50 -9.53 40.97
C GLU A 39 8.60 -11.05 40.86
N PRO A 40 9.64 -11.65 41.41
CA PRO A 40 9.69 -13.12 41.51
C PRO A 40 8.52 -13.63 42.34
N PRO A 41 7.83 -14.66 41.88
CA PRO A 41 6.70 -15.20 42.65
C PRO A 41 7.18 -15.90 43.91
N GLU A 42 6.28 -15.97 44.89
CA GLU A 42 6.57 -16.71 46.10
C GLU A 42 6.69 -18.20 45.78
N ASP A 43 7.34 -18.93 46.68
CA ASP A 43 7.72 -20.31 46.41
C ASP A 43 6.63 -21.33 46.69
N ASP A 44 5.53 -20.93 47.35
CA ASP A 44 4.47 -21.88 47.62
C ASP A 44 3.75 -22.25 46.32
N LYS A 45 3.05 -23.39 46.37
CA LYS A 45 2.47 -23.96 45.16
C LYS A 45 1.40 -23.05 44.55
N ALA A 46 0.57 -22.43 45.40
CA ALA A 46 -0.47 -21.55 44.87
C ALA A 46 0.13 -20.33 44.19
N SER A 47 1.17 -19.74 44.77
CA SER A 47 1.83 -18.61 44.14
C SER A 47 2.49 -19.02 42.83
N GLN A 48 3.07 -20.22 42.79
CA GLN A 48 3.67 -20.72 41.56
C GLN A 48 2.62 -20.96 40.49
N ARG A 49 1.47 -21.53 40.87
CA ARG A 49 0.41 -21.77 39.90
C ARG A 49 -0.12 -20.47 39.32
N GLN A 50 -0.31 -19.46 40.16
CA GLN A 50 -0.84 -18.19 39.67
C GLN A 50 0.12 -17.51 38.73
N PHE A 51 1.43 -17.66 38.95
CA PHE A 51 2.40 -17.07 38.04
C PHE A 51 2.39 -17.80 36.70
N GLU A 52 2.37 -19.14 36.72
CA GLU A 52 2.30 -19.91 35.48
C GLU A 52 1.01 -19.64 34.73
N MET A 53 -0.09 -19.37 35.46
CA MET A 53 -1.34 -19.01 34.80
C MET A 53 -1.20 -17.69 34.04
N GLU A 54 -0.50 -16.73 34.63
CA GLU A 54 -0.35 -15.43 33.99
C GLU A 54 0.53 -15.51 32.75
N GLU A 55 1.57 -16.36 32.79
CA GLU A 55 2.41 -16.51 31.61
C GLU A 55 1.66 -17.21 30.48
N LEU A 56 0.80 -18.18 30.82
CA LEU A 56 0.00 -18.84 29.80
C LEU A 56 -0.99 -17.87 29.16
N ILE A 57 -1.50 -16.91 29.92
CA ILE A 57 -2.31 -15.84 29.32
C ILE A 57 -1.50 -15.09 28.28
N LEU A 58 -0.24 -14.78 28.60
CA LEU A 58 0.62 -14.08 27.64
C LEU A 58 0.98 -14.98 26.47
N GLU A 59 1.16 -16.29 26.73
CA GLU A 59 1.45 -17.21 25.64
C GLU A 59 0.30 -17.27 24.64
N LEU A 60 -0.93 -17.27 25.14
CA LEU A 60 -2.09 -17.27 24.25
C LEU A 60 -2.16 -15.97 23.46
N ALA A 61 -1.92 -14.84 24.11
CA ALA A 61 -1.93 -13.56 23.40
C ALA A 61 -0.81 -13.49 22.38
N ALA A 62 0.36 -14.06 22.71
CA ALA A 62 1.48 -14.07 21.77
C ALA A 62 1.17 -14.94 20.56
N GLN A 63 0.46 -16.06 20.78
CA GLN A 63 0.08 -16.91 19.66
C GLN A 63 -0.93 -16.21 18.75
N VAL A 64 -1.91 -15.53 19.34
CA VAL A 64 -2.95 -14.88 18.56
C VAL A 64 -2.40 -13.73 17.74
N LEU A 65 -1.44 -12.99 18.30
CA LEU A 65 -0.93 -11.78 17.68
C LEU A 65 0.42 -11.97 16.99
N GLU A 66 0.84 -13.21 16.77
CA GLU A 66 2.16 -13.47 16.21
C GLU A 66 2.28 -12.91 14.79
N ASP A 67 1.27 -13.18 13.95
CA ASP A 67 1.31 -12.72 12.57
C ASP A 67 1.22 -11.20 12.45
N LYS A 68 0.75 -10.51 13.48
CA LYS A 68 0.68 -9.06 13.47
C LYS A 68 1.93 -8.39 14.03
N GLY A 69 3.00 -9.16 14.26
CA GLY A 69 4.26 -8.59 14.64
C GLY A 69 4.41 -8.26 16.11
N VAL A 70 3.58 -8.84 16.97
CA VAL A 70 3.61 -8.56 18.40
C VAL A 70 4.32 -9.69 19.12
N GLY A 71 5.17 -9.33 20.08
CA GLY A 71 5.80 -10.29 20.96
C GLY A 71 5.61 -9.91 22.41
N PHE A 72 5.72 -10.91 23.27
CA PHE A 72 5.59 -10.71 24.71
C PHE A 72 6.80 -11.28 25.41
N GLY A 73 7.20 -10.63 26.50
CA GLY A 73 8.32 -11.10 27.30
C GLY A 73 8.13 -10.76 28.76
N LEU A 74 8.88 -11.45 29.61
CA LEU A 74 8.84 -11.27 31.05
C LEU A 74 10.17 -10.68 31.52
N VAL A 75 10.10 -9.71 32.43
CA VAL A 75 11.28 -9.10 33.01
C VAL A 75 11.19 -9.22 34.52
N ASP A 76 12.16 -9.89 35.13
CA ASP A 76 12.20 -10.13 36.56
C ASP A 76 12.78 -8.92 37.28
N SER A 77 12.04 -8.38 38.25
CA SER A 77 12.47 -7.16 38.92
C SER A 77 13.69 -7.36 39.79
N GLU A 78 14.02 -8.59 40.16
CA GLU A 78 15.23 -8.88 40.93
C GLU A 78 16.38 -9.34 40.05
N LYS A 79 16.15 -10.35 39.20
CA LYS A 79 17.23 -10.86 38.36
C LYS A 79 17.62 -9.86 37.28
N ASP A 80 16.65 -9.12 36.74
CA ASP A 80 16.86 -8.24 35.60
C ASP A 80 16.72 -6.77 35.98
N ALA A 81 17.21 -6.40 37.17
CA ALA A 81 17.03 -5.04 37.66
C ALA A 81 17.74 -4.02 36.78
N ALA A 82 18.89 -4.38 36.21
CA ALA A 82 19.65 -3.43 35.40
C ALA A 82 18.93 -3.13 34.09
N VAL A 83 18.51 -4.19 33.37
CA VAL A 83 17.86 -3.97 32.09
C VAL A 83 16.48 -3.34 32.28
N ALA A 84 15.82 -3.62 33.40
CA ALA A 84 14.54 -2.97 33.68
C ALA A 84 14.72 -1.47 33.86
N LYS A 85 15.75 -1.07 34.59
CA LYS A 85 16.03 0.35 34.76
C LYS A 85 16.41 1.00 33.43
N LYS A 86 17.15 0.27 32.58
CA LYS A 86 17.56 0.83 31.30
C LYS A 86 16.37 0.98 30.35
N LEU A 87 15.39 0.07 30.43
CA LEU A 87 14.21 0.13 29.58
C LEU A 87 13.09 0.98 30.16
N GLY A 88 13.26 1.50 31.38
CA GLY A 88 12.23 2.30 31.99
C GLY A 88 11.06 1.51 32.54
N LEU A 89 11.32 0.30 33.06
CA LEU A 89 10.30 -0.52 33.70
C LEU A 89 10.42 -0.32 35.21
N THR A 90 9.45 0.39 35.79
CA THR A 90 9.52 0.78 37.19
C THR A 90 8.34 0.34 38.03
N GLU A 91 7.19 0.06 37.44
CA GLU A 91 5.97 -0.26 38.19
C GLU A 91 5.73 -1.76 38.10
N VAL A 92 5.87 -2.43 39.25
CA VAL A 92 5.65 -3.87 39.30
C VAL A 92 4.23 -4.21 38.88
N ASP A 93 4.10 -5.28 38.09
CA ASP A 93 2.86 -5.83 37.53
C ASP A 93 2.32 -4.99 36.36
N SER A 94 3.03 -3.96 35.93
CA SER A 94 2.67 -3.26 34.71
C SER A 94 3.32 -3.95 33.52
N MET A 95 2.61 -3.92 32.38
CA MET A 95 3.12 -4.43 31.13
C MET A 95 3.41 -3.26 30.21
N TYR A 96 4.67 -3.10 29.83
CA TYR A 96 5.11 -1.99 29.01
C TYR A 96 5.16 -2.40 27.56
N VAL A 97 4.45 -1.65 26.71
CA VAL A 97 4.31 -1.97 25.29
C VAL A 97 5.13 -0.96 24.51
N PHE A 98 6.11 -1.45 23.74
CA PHE A 98 7.02 -0.61 22.97
C PHE A 98 6.56 -0.58 21.51
N LYS A 99 6.05 0.56 21.08
CA LYS A 99 5.66 0.78 19.69
C LYS A 99 6.34 2.04 19.21
N GLY A 100 7.17 1.92 18.17
CA GLY A 100 7.89 3.09 17.68
C GLY A 100 8.77 3.68 18.76
N ASP A 101 8.68 4.99 18.93
CA ASP A 101 9.44 5.71 19.94
C ASP A 101 8.69 5.85 21.26
N GLU A 102 7.56 5.17 21.42
CA GLU A 102 6.70 5.33 22.59
C GLU A 102 6.73 4.08 23.47
N VAL A 103 6.57 4.29 24.76
CA VAL A 103 6.40 3.22 25.74
C VAL A 103 5.02 3.39 26.36
N ILE A 104 4.14 2.42 26.13
CA ILE A 104 2.76 2.47 26.60
C ILE A 104 2.63 1.52 27.79
N GLU A 105 2.20 2.06 28.93
CA GLU A 105 2.03 1.27 30.14
C GLU A 105 0.64 0.65 30.15
N TYR A 106 0.58 -0.67 30.24
CA TYR A 106 -0.69 -1.37 30.44
C TYR A 106 -0.86 -1.66 31.93
N ASP A 107 -1.97 -1.19 32.50
CA ASP A 107 -2.27 -1.36 33.92
C ASP A 107 -3.75 -1.73 34.05
N GLY A 108 -4.16 -2.78 33.35
CA GLY A 108 -5.55 -3.18 33.33
C GLY A 108 -5.78 -4.64 33.68
N GLU A 109 -6.99 -5.13 33.43
CA GLU A 109 -7.33 -6.51 33.74
C GLU A 109 -6.39 -7.46 33.02
N PHE A 110 -5.80 -8.41 33.75
CA PHE A 110 -4.85 -9.36 33.17
C PHE A 110 -5.63 -10.57 32.67
N SER A 111 -6.26 -10.39 31.52
CA SER A 111 -6.98 -11.45 30.83
C SER A 111 -6.57 -11.45 29.37
N ALA A 112 -6.60 -12.64 28.76
CA ALA A 112 -6.11 -12.77 27.38
C ALA A 112 -6.91 -11.90 26.41
N ASP A 113 -8.24 -11.89 26.54
CA ASP A 113 -9.03 -11.11 25.60
C ASP A 113 -8.81 -9.61 25.81
N THR A 114 -8.76 -9.16 27.06
CA THR A 114 -8.54 -7.74 27.33
C THR A 114 -7.17 -7.30 26.84
N ILE A 115 -6.16 -8.17 26.99
CA ILE A 115 -4.82 -7.83 26.54
C ILE A 115 -4.74 -7.80 25.02
N VAL A 116 -5.33 -8.81 24.36
CA VAL A 116 -5.34 -8.83 22.90
C VAL A 116 -6.11 -7.64 22.35
N GLU A 117 -7.25 -7.32 22.96
CA GLU A 117 -8.00 -6.14 22.53
C GLU A 117 -7.17 -4.87 22.70
N PHE A 118 -6.40 -4.79 23.80
CA PHE A 118 -5.55 -3.62 24.01
C PHE A 118 -4.45 -3.54 22.96
N LEU A 119 -3.80 -4.68 22.65
CA LEU A 119 -2.73 -4.67 21.67
C LEU A 119 -3.25 -4.34 20.28
N LEU A 120 -4.44 -4.83 19.93
CA LEU A 120 -5.05 -4.45 18.66
C LEU A 120 -5.32 -2.95 18.61
N ASP A 121 -5.71 -2.36 19.74
CA ASP A 121 -5.85 -0.92 19.80
C ASP A 121 -4.50 -0.22 19.65
N VAL A 122 -3.45 -0.79 20.24
CA VAL A 122 -2.12 -0.20 20.12
C VAL A 122 -1.67 -0.19 18.66
N LEU A 123 -1.99 -1.26 17.92
CA LEU A 123 -1.56 -1.36 16.53
C LEU A 123 -2.27 -0.39 15.60
N GLU A 124 -3.41 0.16 16.02
CA GLU A 124 -4.10 1.13 15.20
C GLU A 124 -3.33 2.45 15.16
N ASP A 125 -3.56 3.22 14.10
CA ASP A 125 -2.96 4.55 14.00
C ASP A 125 -3.53 5.46 15.09
N PRO A 126 -2.74 6.42 15.58
CA PRO A 126 -3.18 7.21 16.74
C PRO A 126 -4.18 8.31 16.44
N VAL A 127 -4.38 8.68 15.17
CA VAL A 127 -5.32 9.74 14.81
C VAL A 127 -6.35 9.18 13.85
N GLU A 128 -7.63 9.34 14.19
CA GLU A 128 -8.73 8.96 13.34
C GLU A 128 -9.27 10.20 12.63
N LEU A 129 -9.45 10.12 11.32
CA LEU A 129 -9.95 11.24 10.55
C LEU A 129 -11.47 11.29 10.57
N ILE A 130 -12.01 12.50 10.48
CA ILE A 130 -13.45 12.71 10.44
C ILE A 130 -13.77 13.47 9.15
N GLU A 131 -14.60 12.86 8.30
CA GLU A 131 -14.98 13.46 7.03
C GLU A 131 -16.44 13.15 6.78
N GLY A 132 -17.27 14.18 6.66
CA GLY A 132 -18.68 14.02 6.43
C GLY A 132 -19.49 14.08 7.71
N GLU A 133 -20.81 14.22 7.53
CA GLU A 133 -21.71 14.39 8.67
C GLU A 133 -21.90 13.10 9.45
N ARG A 134 -21.87 11.95 8.79
CA ARG A 134 -22.12 10.70 9.51
C ARG A 134 -20.93 10.30 10.37
N GLU A 135 -19.71 10.52 9.87
CA GLU A 135 -18.53 10.33 10.72
C GLU A 135 -18.50 11.33 11.86
N LEU A 136 -18.98 12.55 11.61
CA LEU A 136 -19.06 13.53 12.70
C LEU A 136 -20.03 13.05 13.77
N GLN A 137 -21.15 12.43 13.38
CA GLN A 137 -22.07 11.87 14.35
C GLN A 137 -21.41 10.78 15.17
N ALA A 138 -20.58 9.95 14.54
CA ALA A 138 -19.86 8.92 15.29
C ALA A 138 -18.94 9.54 16.33
N PHE A 139 -18.28 10.65 15.97
CA PHE A 139 -17.45 11.35 16.95
C PHE A 139 -18.30 11.90 18.10
N GLU A 140 -19.44 12.50 17.78
CA GLU A 140 -20.29 13.07 18.81
C GLU A 140 -20.91 12.01 19.72
N ASN A 141 -21.01 10.77 19.24
CA ASN A 141 -21.57 9.71 20.07
C ASN A 141 -20.62 9.28 21.19
N ILE A 142 -19.33 9.60 21.07
CA ILE A 142 -18.35 9.23 22.09
C ILE A 142 -18.55 10.11 23.32
N GLU A 143 -18.75 9.49 24.48
CA GLU A 143 -18.97 10.25 25.70
C GLU A 143 -18.29 9.69 26.94
N ASP A 144 -17.96 8.40 27.01
CA ASP A 144 -17.42 7.82 28.24
C ASP A 144 -15.90 7.93 28.32
N GLU A 145 -15.29 8.74 27.47
CA GLU A 145 -13.84 8.90 27.51
C GLU A 145 -13.48 10.28 26.98
N ILE A 146 -12.32 10.76 27.42
CA ILE A 146 -11.76 12.00 26.90
C ILE A 146 -11.50 11.85 25.41
N LYS A 147 -11.78 12.89 24.65
CA LYS A 147 -11.48 12.91 23.23
C LYS A 147 -11.03 14.30 22.82
N LEU A 148 -10.16 14.35 21.81
CA LEU A 148 -9.70 15.61 21.23
C LEU A 148 -9.97 15.58 19.73
N ILE A 149 -10.29 16.74 19.17
CA ILE A 149 -10.49 16.88 17.73
C ILE A 149 -9.90 18.20 17.27
N GLY A 150 -9.17 18.15 16.17
CA GLY A 150 -8.53 19.34 15.63
C GLY A 150 -8.86 19.52 14.17
N TYR A 151 -8.81 20.79 13.74
CA TYR A 151 -9.09 21.18 12.37
C TYR A 151 -7.79 21.66 11.72
N PHE A 152 -7.36 20.98 10.66
CA PHE A 152 -6.13 21.31 9.97
C PHE A 152 -6.38 21.32 8.47
N LYS A 153 -5.42 21.88 7.72
CA LYS A 153 -5.57 21.98 6.27
C LYS A 153 -5.54 20.61 5.62
N SER A 154 -4.54 19.80 5.95
CA SER A 154 -4.38 18.47 5.38
C SER A 154 -3.39 17.71 6.26
N LYS A 155 -3.10 16.47 5.86
CA LYS A 155 -2.09 15.68 6.56
C LYS A 155 -0.70 16.29 6.43
N ASP A 156 -0.46 17.12 5.42
CA ASP A 156 0.83 17.76 5.23
C ASP A 156 1.03 18.96 6.14
N SER A 157 0.00 19.38 6.87
CA SER A 157 0.12 20.52 7.77
C SER A 157 1.14 20.23 8.87
N GLU A 158 2.02 21.21 9.11
CA GLU A 158 2.92 21.13 10.25
C GLU A 158 2.14 20.95 11.55
N HIS A 159 0.95 21.54 11.64
CA HIS A 159 0.19 21.48 12.88
C HIS A 159 -0.57 20.17 13.02
N TYR A 160 -0.95 19.54 11.91
CA TYR A 160 -1.47 18.18 12.00
C TYR A 160 -0.40 17.22 12.50
N LYS A 161 0.83 17.39 12.02
CA LYS A 161 1.91 16.48 12.41
C LYS A 161 2.24 16.63 13.89
N ALA A 162 2.20 17.86 14.41
CA ALA A 162 2.37 18.04 15.85
C ALA A 162 1.19 17.43 16.61
N PHE A 163 -0.01 17.52 16.04
CA PHE A 163 -1.19 16.89 16.64
C PHE A 163 -1.03 15.37 16.69
N GLU A 164 -0.53 14.78 15.59
CA GLU A 164 -0.30 13.35 15.59
C GLU A 164 0.81 12.96 16.57
N ASP A 165 1.83 13.81 16.71
CA ASP A 165 2.88 13.53 17.67
C ASP A 165 2.32 13.47 19.09
N ALA A 166 1.45 14.41 19.44
CA ALA A 166 0.85 14.39 20.77
C ALA A 166 -0.08 13.20 20.95
N ALA A 167 -0.77 12.80 19.87
CA ALA A 167 -1.66 11.65 19.96
C ALA A 167 -0.91 10.39 20.36
N GLU A 168 0.32 10.22 19.85
CA GLU A 168 1.11 9.03 20.16
C GLU A 168 1.48 8.97 21.65
N GLU A 169 1.48 10.10 22.34
CA GLU A 169 1.83 10.11 23.75
C GLU A 169 0.74 9.55 24.65
N PHE A 170 -0.50 9.50 24.18
CA PHE A 170 -1.61 9.00 24.97
C PHE A 170 -2.29 7.80 24.34
N HIS A 171 -1.72 7.27 23.25
CA HIS A 171 -2.23 6.11 22.55
C HIS A 171 -2.12 4.87 23.44
N PRO A 172 -3.19 4.06 23.50
CA PRO A 172 -4.47 4.23 22.82
C PRO A 172 -5.59 4.68 23.76
N TYR A 173 -5.23 5.33 24.87
CA TYR A 173 -6.20 5.61 25.92
C TYR A 173 -7.06 6.83 25.63
N ILE A 174 -6.53 7.82 24.93
CA ILE A 174 -7.30 9.01 24.58
C ILE A 174 -7.40 9.10 23.06
N PRO A 175 -8.59 8.90 22.48
CA PRO A 175 -8.71 9.00 21.03
C PRO A 175 -8.52 10.43 20.54
N PHE A 176 -7.63 10.59 19.58
CA PHE A 176 -7.42 11.87 18.90
C PHE A 176 -8.10 11.82 17.53
N PHE A 177 -8.84 12.86 17.20
CA PHE A 177 -9.52 12.97 15.93
C PHE A 177 -9.06 14.22 15.20
N ALA A 178 -9.00 14.14 13.88
CA ALA A 178 -8.63 15.27 13.06
C ALA A 178 -9.60 15.36 11.88
N THR A 179 -9.93 16.58 11.49
CA THR A 179 -10.75 16.79 10.31
C THR A 179 -10.07 17.81 9.40
N PHE A 180 -10.15 17.55 8.10
CA PHE A 180 -9.79 18.51 7.07
C PHE A 180 -11.03 19.06 6.38
N ASP A 181 -12.21 18.72 6.91
CA ASP A 181 -13.50 19.05 6.32
C ASP A 181 -13.99 20.36 6.92
N SER A 182 -14.10 21.40 6.10
CA SER A 182 -14.54 22.70 6.60
C SER A 182 -15.97 22.66 7.11
N LYS A 183 -16.82 21.83 6.51
CA LYS A 183 -18.20 21.71 6.99
C LYS A 183 -18.25 21.06 8.36
N VAL A 184 -17.43 20.02 8.58
CA VAL A 184 -17.37 19.39 9.90
C VAL A 184 -16.82 20.36 10.92
N ALA A 185 -15.75 21.09 10.55
CA ALA A 185 -15.18 22.06 11.47
C ALA A 185 -16.18 23.15 11.83
N LYS A 186 -17.00 23.59 10.86
CA LYS A 186 -17.97 24.64 11.13
C LYS A 186 -19.02 24.17 12.14
N LYS A 187 -19.50 22.93 11.99
CA LYS A 187 -20.46 22.40 12.96
C LYS A 187 -19.85 22.30 14.35
N LEU A 188 -18.57 21.88 14.43
CA LEU A 188 -17.88 21.79 15.70
C LEU A 188 -17.40 23.14 16.21
N THR A 189 -17.56 24.20 15.43
CA THR A 189 -17.08 25.56 15.74
C THR A 189 -15.56 25.61 15.86
N LEU A 190 -14.86 24.76 15.11
CA LEU A 190 -13.40 24.74 15.10
C LEU A 190 -12.88 25.71 14.05
N LYS A 191 -11.99 26.60 14.46
CA LYS A 191 -11.21 27.40 13.52
C LYS A 191 -9.97 26.60 13.11
N LEU A 192 -9.34 27.03 12.02
CA LEU A 192 -8.18 26.29 11.53
C LEU A 192 -7.08 26.26 12.57
N ASN A 193 -6.50 25.08 12.78
CA ASN A 193 -5.44 24.77 13.74
C ASN A 193 -5.93 24.77 15.18
N GLU A 194 -7.23 24.94 15.43
CA GLU A 194 -7.76 24.84 16.78
C GLU A 194 -8.00 23.38 17.16
N ILE A 195 -7.79 23.08 18.44
CA ILE A 195 -8.02 21.76 19.00
C ILE A 195 -8.99 21.88 20.15
N ASP A 196 -10.08 21.14 20.09
CA ASP A 196 -11.08 21.10 21.15
C ASP A 196 -10.88 19.85 22.00
N PHE A 197 -10.86 20.05 23.32
CA PHE A 197 -10.70 18.97 24.29
C PHE A 197 -12.07 18.71 24.92
N TYR A 198 -12.57 17.48 24.79
CA TYR A 198 -13.85 17.08 25.37
C TYR A 198 -13.57 16.20 26.58
N GLU A 199 -13.75 16.75 27.77
CA GLU A 199 -13.74 15.94 28.97
C GLU A 199 -14.87 14.91 28.89
N ALA A 200 -14.63 13.74 29.48
CA ALA A 200 -15.62 12.67 29.45
C ALA A 200 -16.95 13.15 30.01
N PHE A 201 -18.03 12.80 29.32
CA PHE A 201 -19.42 13.07 29.70
C PHE A 201 -19.77 14.55 29.69
N MET A 202 -18.89 15.42 29.23
CA MET A 202 -19.18 16.84 29.15
C MET A 202 -19.72 17.19 27.76
N GLU A 203 -20.73 18.07 27.74
CA GLU A 203 -21.26 18.52 26.46
C GLU A 203 -20.41 19.62 25.84
N GLU A 204 -19.81 20.48 26.67
CA GLU A 204 -19.05 21.60 26.14
C GLU A 204 -17.56 21.32 26.18
N PRO A 205 -16.85 21.50 25.07
CA PRO A 205 -15.41 21.28 25.07
C PRO A 205 -14.65 22.49 25.60
N VAL A 206 -13.35 22.28 25.81
CA VAL A 206 -12.41 23.33 26.15
C VAL A 206 -11.41 23.45 25.02
N THR A 207 -11.33 24.62 24.41
CA THR A 207 -10.38 24.84 23.32
C THR A 207 -8.98 25.03 23.89
N ILE A 208 -8.01 24.34 23.31
CA ILE A 208 -6.63 24.44 23.77
C ILE A 208 -6.11 25.83 23.41
N PRO A 209 -5.65 26.62 24.39
CA PRO A 209 -5.21 27.99 24.08
C PRO A 209 -3.86 27.99 23.39
N GLY A 210 -3.58 29.10 22.73
CA GLY A 210 -2.29 29.32 22.10
C GLY A 210 -2.11 28.66 20.76
N LYS A 211 -3.15 28.61 19.94
CA LYS A 211 -3.02 28.04 18.59
C LYS A 211 -2.08 28.90 17.75
N PRO A 212 -1.35 28.28 16.82
CA PRO A 212 -1.25 26.84 16.58
C PRO A 212 -0.50 26.12 17.70
N ASN A 213 -0.84 24.86 17.95
CA ASN A 213 -0.33 24.12 19.09
C ASN A 213 0.80 23.20 18.66
N SER A 214 1.95 23.34 19.32
CA SER A 214 3.01 22.37 19.19
C SER A 214 2.63 21.08 19.91
N GLU A 215 3.44 20.04 19.73
CA GLU A 215 3.21 18.81 20.47
C GLU A 215 3.27 19.05 21.97
N GLU A 216 4.28 19.80 22.42
CA GLU A 216 4.45 20.06 23.85
C GLU A 216 3.25 20.80 24.42
N GLU A 217 2.67 21.73 23.66
CA GLU A 217 1.51 22.45 24.14
C GLU A 217 0.31 21.52 24.30
N ILE A 218 0.12 20.59 23.35
CA ILE A 218 -0.99 19.66 23.47
C ILE A 218 -0.76 18.69 24.62
N VAL A 219 0.46 18.17 24.74
CA VAL A 219 0.77 17.21 25.79
C VAL A 219 0.58 17.84 27.17
N ASN A 220 1.06 19.07 27.35
CA ASN A 220 0.93 19.73 28.64
C ASN A 220 -0.53 19.98 29.00
N PHE A 221 -1.35 20.38 28.01
CA PHE A 221 -2.77 20.61 28.28
C PHE A 221 -3.46 19.31 28.69
N VAL A 222 -3.24 18.24 27.92
CA VAL A 222 -3.91 16.97 28.21
C VAL A 222 -3.49 16.45 29.59
N GLU A 223 -2.20 16.56 29.92
CA GLU A 223 -1.73 16.10 31.22
C GLU A 223 -2.36 16.90 32.35
N GLU A 224 -2.57 18.21 32.13
CA GLU A 224 -3.19 19.04 33.17
C GLU A 224 -4.68 18.78 33.30
N HIS A 225 -5.34 18.27 32.25
CA HIS A 225 -6.76 17.98 32.26
C HIS A 225 -7.05 16.48 32.20
N ARG A 226 -6.14 15.67 32.75
CA ARG A 226 -6.20 14.23 32.52
C ARG A 226 -7.32 13.55 33.30
N ARG A 227 -7.72 14.09 34.45
CA ARG A 227 -8.71 13.44 35.32
C ARG A 227 -10.07 14.10 35.10
N SER A 228 -11.00 13.35 34.50
CA SER A 228 -12.34 13.85 34.31
C SER A 228 -13.10 13.89 35.64
N THR A 229 -14.06 14.81 35.73
CA THR A 229 -14.94 14.86 36.90
C THR A 229 -15.69 13.55 37.09
N LEU A 230 -16.16 12.96 35.99
CA LEU A 230 -16.80 11.66 36.00
C LEU A 230 -16.05 10.77 35.02
N ARG A 231 -15.46 9.68 35.52
CA ARG A 231 -14.73 8.75 34.67
C ARG A 231 -15.23 7.33 34.88
N LYS A 232 -15.32 6.59 33.78
CA LYS A 232 -15.86 5.23 33.81
C LYS A 232 -14.72 4.24 34.00
N LEU A 233 -14.91 3.30 34.92
CA LEU A 233 -13.93 2.24 35.11
C LEU A 233 -13.99 1.29 33.93
N LYS A 234 -12.83 1.05 33.32
CA LYS A 234 -12.77 0.19 32.14
C LYS A 234 -11.71 -0.88 32.35
N PRO A 235 -11.99 -2.12 31.90
CA PRO A 235 -11.03 -3.22 32.11
C PRO A 235 -9.63 -2.91 31.61
N GLU A 236 -9.50 -2.22 30.47
CA GLU A 236 -8.17 -1.96 29.91
C GLU A 236 -7.32 -1.07 30.81
N SER A 237 -7.93 -0.30 31.71
CA SER A 237 -7.20 0.67 32.51
C SER A 237 -7.69 0.70 33.95
N MET A 238 -8.24 -0.41 34.44
CA MET A 238 -8.94 -0.38 35.73
C MET A 238 -7.98 -0.10 36.88
N TYR A 239 -6.76 -0.64 36.83
CA TYR A 239 -5.83 -0.44 37.93
C TYR A 239 -5.17 0.93 37.89
N GLU A 240 -4.89 1.44 36.68
CA GLU A 240 -4.40 2.82 36.56
C GLU A 240 -5.39 3.80 37.18
N THR A 241 -6.68 3.62 36.89
CA THR A 241 -7.70 4.49 37.44
C THR A 241 -7.79 4.33 38.95
N TRP A 242 -7.81 3.08 39.43
CA TRP A 242 -7.99 2.85 40.86
C TRP A 242 -6.81 3.36 41.67
N GLU A 243 -5.60 3.26 41.12
CA GLU A 243 -4.43 3.78 41.80
C GLU A 243 -4.31 5.29 41.72
N ASP A 244 -5.18 5.95 40.94
CA ASP A 244 -5.20 7.40 40.83
C ASP A 244 -6.20 7.98 41.83
N ASP A 245 -5.96 7.68 43.11
CA ASP A 245 -6.89 8.08 44.15
C ASP A 245 -6.71 9.56 44.51
N MET A 246 -7.75 10.12 45.13
CA MET A 246 -7.79 11.50 45.57
C MET A 246 -7.63 11.51 47.10
N ASP A 247 -6.39 11.68 47.57
CA ASP A 247 -6.08 11.72 48.99
C ASP A 247 -6.54 10.44 49.70
N GLY A 248 -6.32 9.30 49.06
CA GLY A 248 -6.57 8.01 49.68
C GLY A 248 -7.98 7.48 49.56
N ILE A 249 -8.87 8.16 48.83
CA ILE A 249 -10.24 7.70 48.67
C ILE A 249 -10.69 7.86 47.22
N HIS A 250 -11.73 7.11 46.87
CA HIS A 250 -12.50 7.30 45.66
C HIS A 250 -13.95 7.52 46.03
N ILE A 251 -14.61 8.42 45.32
CA ILE A 251 -16.06 8.42 45.26
C ILE A 251 -16.47 7.46 44.15
N VAL A 252 -17.20 6.40 44.51
CA VAL A 252 -17.52 5.31 43.60
C VAL A 252 -19.02 5.28 43.40
N ALA A 253 -19.46 5.30 42.15
CA ALA A 253 -20.87 5.22 41.80
C ALA A 253 -21.10 3.94 41.01
N PHE A 254 -21.92 3.06 41.56
CA PHE A 254 -22.35 1.85 40.84
C PHE A 254 -23.68 2.13 40.14
N ALA A 255 -23.71 1.90 38.83
CA ALA A 255 -24.94 2.09 38.07
C ALA A 255 -24.88 1.22 36.83
N GLU A 256 -25.88 0.35 36.67
CA GLU A 256 -26.03 -0.47 35.47
C GLU A 256 -26.77 0.35 34.42
N GLU A 257 -26.04 0.74 33.37
CA GLU A 257 -26.59 1.67 32.38
C GLU A 257 -27.86 1.11 31.73
N ALA A 258 -27.89 -0.19 31.45
CA ALA A 258 -29.04 -0.75 30.73
C ALA A 258 -30.27 -0.86 31.63
N ASP A 259 -30.08 -0.97 32.93
CA ASP A 259 -31.21 -1.08 33.84
C ASP A 259 -31.92 0.27 33.96
N PRO A 260 -33.26 0.29 33.97
CA PRO A 260 -33.97 1.57 34.05
C PRO A 260 -33.60 2.40 35.28
N ASP A 261 -33.44 1.77 36.44
CA ASP A 261 -33.06 2.52 37.64
C ASP A 261 -31.62 2.98 37.56
N GLY A 262 -30.72 2.12 37.09
CA GLY A 262 -29.34 2.55 36.88
C GLY A 262 -29.24 3.70 35.89
N PHE A 263 -30.04 3.64 34.82
CA PHE A 263 -30.07 4.73 33.85
C PHE A 263 -30.53 6.03 34.50
N GLU A 264 -31.58 5.96 35.32
CA GLU A 264 -32.08 7.16 35.99
C GLU A 264 -31.01 7.78 36.88
N PHE A 265 -30.35 6.96 37.70
CA PHE A 265 -29.29 7.47 38.56
C PHE A 265 -28.14 8.03 37.73
N LEU A 266 -27.84 7.40 36.60
CA LEU A 266 -26.75 7.86 35.75
C LEU A 266 -27.06 9.21 35.15
N GLU A 267 -28.31 9.45 34.75
CA GLU A 267 -28.70 10.77 34.28
C GLU A 267 -28.38 11.84 35.31
N THR A 268 -28.81 11.62 36.56
CA THR A 268 -28.57 12.59 37.62
C THR A 268 -27.08 12.78 37.87
N LEU A 269 -26.32 11.68 37.87
CA LEU A 269 -24.89 11.78 38.11
C LEU A 269 -24.20 12.59 37.02
N LYS A 270 -24.55 12.34 35.76
CA LYS A 270 -23.97 13.10 34.65
C LYS A 270 -24.33 14.57 34.75
N ALA A 271 -25.58 14.87 35.12
CA ALA A 271 -25.99 16.27 35.23
C ALA A 271 -25.25 16.99 36.35
N VAL A 272 -25.11 16.34 37.51
CA VAL A 272 -24.40 16.95 38.62
C VAL A 272 -22.92 17.12 38.29
N ALA A 273 -22.33 16.12 37.61
CA ALA A 273 -20.93 16.23 37.22
C ALA A 273 -20.70 17.40 36.28
N GLN A 274 -21.62 17.61 35.33
CA GLN A 274 -21.48 18.75 34.42
C GLN A 274 -21.64 20.06 35.16
N ASP A 275 -22.58 20.13 36.11
CA ASP A 275 -22.79 21.35 36.88
C ASP A 275 -21.62 21.68 37.80
N ASN A 276 -20.80 20.69 38.15
CA ASN A 276 -19.68 20.88 39.05
C ASN A 276 -18.35 20.52 38.41
N THR A 277 -18.27 20.61 37.08
CA THR A 277 -17.11 20.10 36.37
C THR A 277 -15.86 20.93 36.60
N GLU A 278 -15.99 22.17 37.06
CA GLU A 278 -14.80 23.00 37.26
C GLU A 278 -14.09 22.71 38.58
N ASN A 279 -14.73 22.01 39.50
CA ASN A 279 -14.12 21.68 40.78
C ASN A 279 -12.96 20.71 40.57
N PRO A 280 -11.71 21.11 40.82
CA PRO A 280 -10.59 20.18 40.61
C PRO A 280 -10.50 19.09 41.67
N ASP A 281 -11.22 19.22 42.78
CA ASP A 281 -11.17 18.25 43.86
C ASP A 281 -12.22 17.16 43.73
N LEU A 282 -13.13 17.26 42.77
CA LEU A 282 -14.21 16.31 42.60
C LEU A 282 -13.89 15.35 41.46
N SER A 283 -13.85 14.06 41.76
CA SER A 283 -13.74 13.05 40.72
C SER A 283 -14.53 11.83 41.18
N ILE A 284 -15.36 11.30 40.28
CA ILE A 284 -16.23 10.17 40.57
C ILE A 284 -15.88 9.05 39.60
N ILE A 285 -15.70 7.84 40.13
CA ILE A 285 -15.52 6.65 39.33
C ILE A 285 -16.89 5.99 39.16
N TRP A 286 -17.40 5.97 37.94
CA TRP A 286 -18.61 5.24 37.62
C TRP A 286 -18.22 3.81 37.26
N ILE A 287 -18.73 2.84 38.02
CA ILE A 287 -18.57 1.43 37.72
C ILE A 287 -19.93 0.90 37.27
N ASP A 288 -19.98 0.35 36.06
CA ASP A 288 -21.13 -0.41 35.63
C ASP A 288 -20.87 -1.87 36.01
N PRO A 289 -21.60 -2.43 36.97
CA PRO A 289 -21.32 -3.80 37.40
C PRO A 289 -21.43 -4.82 36.28
N ASP A 290 -22.17 -4.53 35.21
CA ASP A 290 -22.20 -5.42 34.06
C ASP A 290 -20.84 -5.57 33.39
N ASP A 291 -19.93 -4.61 33.61
CA ASP A 291 -18.60 -4.69 33.01
C ASP A 291 -17.62 -5.52 33.82
N PHE A 292 -17.95 -5.88 35.06
CA PHE A 292 -17.04 -6.65 35.92
C PHE A 292 -17.81 -7.72 36.68
N PRO A 293 -18.38 -8.71 35.97
CA PRO A 293 -19.17 -9.75 36.66
C PRO A 293 -18.38 -10.53 37.70
N LEU A 294 -17.09 -10.77 37.47
CA LEU A 294 -16.31 -11.53 38.44
C LEU A 294 -16.05 -10.76 39.73
N LEU A 295 -16.31 -9.45 39.76
CA LEU A 295 -16.10 -8.65 40.96
C LEU A 295 -17.37 -8.33 41.70
N VAL A 296 -18.53 -8.70 41.17
CA VAL A 296 -19.81 -8.29 41.76
C VAL A 296 -20.01 -8.93 43.13
N PRO A 297 -19.88 -10.26 43.30
CA PRO A 297 -20.01 -10.80 44.67
C PRO A 297 -18.95 -10.27 45.62
N TYR A 298 -17.73 -10.07 45.14
CA TYR A 298 -16.68 -9.49 45.97
C TYR A 298 -17.08 -8.10 46.46
N TRP A 299 -17.59 -7.26 45.55
CA TRP A 299 -17.98 -5.90 45.91
C TRP A 299 -19.13 -5.89 46.92
N GLU A 300 -20.15 -6.71 46.67
CA GLU A 300 -21.30 -6.76 47.57
C GLU A 300 -20.89 -7.19 48.97
N LYS A 301 -19.93 -8.10 49.07
CA LYS A 301 -19.47 -8.55 50.38
C LYS A 301 -18.51 -7.54 51.00
N THR A 302 -17.62 -6.96 50.20
CA THR A 302 -16.61 -6.05 50.74
C THR A 302 -17.24 -4.71 51.12
N PHE A 303 -18.12 -4.17 50.28
CA PHE A 303 -18.74 -2.89 50.53
C PHE A 303 -20.09 -2.98 51.24
N ASP A 304 -20.65 -4.19 51.35
CA ASP A 304 -21.95 -4.41 51.99
C ASP A 304 -23.03 -3.59 51.32
N ILE A 305 -23.16 -3.75 50.00
CA ILE A 305 -24.14 -3.04 49.21
C ILE A 305 -24.85 -4.01 48.27
N ASP A 306 -26.02 -3.61 47.81
CA ASP A 306 -26.84 -4.39 46.89
C ASP A 306 -26.60 -3.84 45.48
N LEU A 307 -25.83 -4.56 44.68
CA LEU A 307 -25.46 -4.06 43.36
C LEU A 307 -26.56 -4.24 42.32
N SER A 308 -27.71 -4.81 42.69
CA SER A 308 -28.88 -4.77 41.82
C SER A 308 -29.51 -3.38 41.79
N ALA A 309 -29.10 -2.49 42.69
CA ALA A 309 -29.60 -1.13 42.79
C ALA A 309 -28.44 -0.14 42.64
N PRO A 310 -28.71 1.07 42.16
CA PRO A 310 -27.65 2.08 42.06
C PRO A 310 -27.13 2.49 43.43
N GLN A 311 -25.83 2.78 43.48
CA GLN A 311 -25.15 3.13 44.71
C GLN A 311 -24.11 4.20 44.44
N ILE A 312 -23.84 5.03 45.44
CA ILE A 312 -22.69 5.92 45.40
C ILE A 312 -22.14 6.04 46.81
N GLY A 313 -20.81 6.06 46.92
CA GLY A 313 -20.21 6.08 48.24
C GLY A 313 -18.74 6.44 48.17
N VAL A 314 -18.09 6.37 49.33
CA VAL A 314 -16.69 6.68 49.50
C VAL A 314 -15.95 5.39 49.83
N VAL A 315 -14.88 5.11 49.10
CA VAL A 315 -14.08 3.91 49.31
C VAL A 315 -12.66 4.33 49.65
N ASN A 316 -12.15 3.82 50.76
CA ASN A 316 -10.77 4.05 51.16
C ASN A 316 -9.89 3.01 50.48
N VAL A 317 -8.87 3.48 49.75
CA VAL A 317 -8.07 2.55 48.94
C VAL A 317 -7.05 1.76 49.74
N THR A 318 -6.86 2.09 51.03
CA THR A 318 -5.89 1.35 51.83
C THR A 318 -6.45 0.01 52.30
N ASP A 319 -7.70 -0.01 52.79
CA ASP A 319 -8.29 -1.22 53.35
C ASP A 319 -9.70 -1.48 52.86
N ALA A 320 -10.16 -0.78 51.82
CA ALA A 320 -11.48 -0.98 51.21
C ALA A 320 -12.63 -0.66 52.17
N ASP A 321 -12.35 0.05 53.26
CA ASP A 321 -13.42 0.54 54.10
C ASP A 321 -14.27 1.52 53.31
N SER A 322 -15.58 1.58 53.61
CA SER A 322 -16.48 2.33 52.76
C SER A 322 -17.69 2.83 53.53
N VAL A 323 -18.31 3.87 52.99
CA VAL A 323 -19.60 4.37 53.46
C VAL A 323 -20.42 4.77 52.23
N TRP A 324 -21.72 4.50 52.27
CA TRP A 324 -22.56 4.63 51.10
C TRP A 324 -23.79 5.47 51.40
N MET A 325 -24.29 6.15 50.37
CA MET A 325 -25.52 6.93 50.51
C MET A 325 -26.69 5.99 50.79
N GLU A 326 -27.46 6.31 51.83
CA GLU A 326 -28.62 5.51 52.17
C GLU A 326 -29.76 5.78 51.19
N MET A 327 -30.33 4.70 50.65
CA MET A 327 -31.53 4.76 49.85
C MET A 327 -32.43 3.61 50.27
N ASP A 328 -33.73 3.86 50.38
CA ASP A 328 -34.66 2.80 50.77
C ASP A 328 -34.52 1.59 49.85
N ASP A 329 -34.54 1.83 48.55
CA ASP A 329 -34.35 0.80 47.53
C ASP A 329 -33.98 1.51 46.23
N GLU A 330 -34.05 0.76 45.13
CA GLU A 330 -33.63 1.30 43.83
C GLU A 330 -34.52 2.44 43.36
N GLU A 331 -35.72 2.59 43.90
CA GLU A 331 -36.61 3.68 43.53
C GLU A 331 -36.35 4.95 44.33
N ASP A 332 -35.61 4.87 45.43
CA ASP A 332 -35.36 6.01 46.31
C ASP A 332 -34.05 6.70 45.93
N LEU A 333 -33.97 7.12 44.67
CA LEU A 333 -32.76 7.76 44.16
C LEU A 333 -32.72 9.22 44.59
N PRO A 334 -31.52 9.77 44.77
CA PRO A 334 -31.42 11.19 45.14
C PRO A 334 -31.72 12.10 43.96
N SER A 335 -32.33 13.24 44.27
CA SER A 335 -32.44 14.30 43.29
C SER A 335 -31.05 14.90 43.02
N ALA A 336 -30.97 15.73 41.98
CA ALA A 336 -29.70 16.38 41.66
C ALA A 336 -29.19 17.21 42.82
N GLU A 337 -30.09 17.92 43.51
CA GLU A 337 -29.67 18.74 44.65
C GLU A 337 -29.24 17.87 45.82
N GLU A 338 -29.95 16.78 46.08
CA GLU A 338 -29.56 15.87 47.16
C GLU A 338 -28.22 15.22 46.86
N LEU A 339 -27.99 14.83 45.61
CA LEU A 339 -26.71 14.24 45.25
C LEU A 339 -25.58 15.25 45.38
N GLU A 340 -25.83 16.49 44.97
CA GLU A 340 -24.79 17.52 45.09
C GLU A 340 -24.49 17.83 46.56
N ASP A 341 -25.51 17.84 47.42
CA ASP A 341 -25.28 18.06 48.84
C ASP A 341 -24.46 16.93 49.45
N TRP A 342 -24.71 15.69 49.02
CA TRP A 342 -23.95 14.55 49.52
C TRP A 342 -22.49 14.64 49.08
N LEU A 343 -22.25 15.00 47.82
CA LEU A 343 -20.88 15.14 47.33
C LEU A 343 -20.14 16.24 48.08
N GLU A 344 -20.83 17.36 48.38
CA GLU A 344 -20.20 18.42 49.14
C GLU A 344 -19.81 17.95 50.54
N ASP A 345 -20.71 17.21 51.21
CA ASP A 345 -20.37 16.67 52.53
C ASP A 345 -19.16 15.74 52.45
N VAL A 346 -19.02 14.99 51.36
CA VAL A 346 -17.85 14.14 51.19
C VAL A 346 -16.60 14.98 51.02
N LEU A 347 -16.67 15.99 50.15
CA LEU A 347 -15.51 16.84 49.90
C LEU A 347 -15.10 17.67 51.12
N GLU A 348 -16.02 17.91 52.05
CA GLU A 348 -15.70 18.63 53.26
C GLU A 348 -15.26 17.70 54.40
N GLY A 349 -15.30 16.38 54.17
CA GLY A 349 -14.99 15.43 55.21
C GLY A 349 -16.12 15.16 56.18
N GLU A 350 -17.28 15.77 55.99
CA GLU A 350 -18.41 15.52 56.88
C GLU A 350 -18.92 14.09 56.74
N ILE A 351 -18.80 13.53 55.53
CA ILE A 351 -19.07 12.12 55.29
C ILE A 351 -17.73 11.46 54.96
N ASN A 352 -17.33 10.49 55.77
CA ASN A 352 -16.06 9.81 55.56
C ASN A 352 -16.17 8.38 56.07
N THR A 353 -15.16 7.59 55.75
CA THR A 353 -15.17 6.18 56.13
C THR A 353 -14.76 5.94 57.57
N GLU A 354 -14.04 6.88 58.18
CA GLU A 354 -13.60 6.74 59.56
C GLU A 354 -14.64 7.30 60.54
N GLN B 1 -6.21 -3.43 43.78
CA GLN B 1 -6.11 -4.46 44.81
C GLN B 1 -7.26 -4.35 45.80
N GLU B 2 -7.06 -3.58 46.88
CA GLU B 2 -8.08 -3.42 47.89
C GLU B 2 -9.29 -2.71 47.31
N GLY B 3 -10.45 -3.35 47.39
CA GLY B 3 -11.65 -2.85 46.76
C GLY B 3 -11.77 -3.16 45.29
N LEU B 4 -10.82 -3.91 44.73
CA LEU B 4 -10.79 -4.21 43.30
C LEU B 4 -9.93 -5.45 43.06
N ASP B 5 -10.29 -6.57 43.69
CA ASP B 5 -9.47 -7.76 43.73
C ASP B 5 -10.18 -8.92 43.06
N PHE B 6 -9.72 -9.30 41.87
CA PHE B 6 -10.32 -10.41 41.15
C PHE B 6 -10.16 -11.70 41.96
N PRO B 7 -11.17 -12.57 41.98
CA PRO B 7 -11.03 -13.84 42.71
C PRO B 7 -10.11 -14.81 41.97
N GLU B 8 -9.28 -15.49 42.73
CA GLU B 8 -8.41 -16.56 42.23
C GLU B 8 -8.88 -17.89 42.79
N TYR B 9 -8.83 -18.93 41.98
CA TYR B 9 -9.35 -20.23 42.38
C TYR B 9 -8.61 -20.76 43.61
N ASP B 10 -9.36 -21.13 44.64
CA ASP B 10 -8.77 -21.56 45.90
C ASP B 10 -8.51 -23.06 45.96
N GLY B 11 -8.75 -23.79 44.87
CA GLY B 11 -8.46 -25.21 44.82
C GLY B 11 -9.52 -26.11 45.41
N VAL B 12 -10.56 -25.56 46.04
CA VAL B 12 -11.60 -26.39 46.62
C VAL B 12 -12.46 -26.99 45.51
N ASP B 13 -12.76 -28.28 45.65
CA ASP B 13 -13.49 -29.03 44.63
C ASP B 13 -14.98 -28.81 44.82
N ARG B 14 -15.57 -27.92 44.01
CA ARG B 14 -16.99 -27.61 44.10
C ARG B 14 -17.81 -28.13 42.94
N VAL B 15 -17.18 -28.43 41.80
CA VAL B 15 -17.87 -28.96 40.63
C VAL B 15 -17.60 -30.46 40.58
N ILE B 16 -18.65 -31.26 40.73
CA ILE B 16 -18.52 -32.70 40.81
C ILE B 16 -19.38 -33.35 39.73
N ASN B 17 -19.08 -34.63 39.47
CA ASN B 17 -19.90 -35.40 38.54
C ASN B 17 -21.26 -35.67 39.15
N VAL B 18 -22.31 -35.36 38.39
CA VAL B 18 -23.68 -35.60 38.80
C VAL B 18 -24.14 -36.90 38.15
N ASN B 19 -24.68 -37.81 38.96
CA ASN B 19 -25.04 -39.15 38.49
C ASN B 19 -26.33 -39.58 39.16
N ALA B 20 -26.74 -40.83 38.88
CA ALA B 20 -28.01 -41.34 39.41
C ALA B 20 -28.00 -41.43 40.93
N LYS B 21 -26.82 -41.55 41.53
CA LYS B 21 -26.74 -41.67 42.98
C LYS B 21 -27.03 -40.34 43.67
N ASN B 22 -26.44 -39.26 43.18
CA ASN B 22 -26.41 -38.01 43.92
C ASN B 22 -27.25 -36.89 43.30
N TYR B 23 -27.80 -37.07 42.10
CA TYR B 23 -28.42 -35.94 41.41
C TYR B 23 -29.62 -35.40 42.18
N LYS B 24 -30.32 -36.25 42.92
CA LYS B 24 -31.47 -35.75 43.68
C LYS B 24 -31.02 -34.90 44.87
N ASN B 25 -29.89 -35.25 45.50
CA ASN B 25 -29.39 -34.45 46.61
C ASN B 25 -28.72 -33.17 46.14
N VAL B 26 -28.05 -33.22 44.99
CA VAL B 26 -27.40 -32.02 44.46
C VAL B 26 -28.43 -30.95 44.15
N PHE B 27 -29.57 -31.36 43.58
CA PHE B 27 -30.66 -30.41 43.34
C PHE B 27 -31.19 -29.84 44.65
N LYS B 28 -31.24 -30.67 45.70
CA LYS B 28 -31.71 -30.18 46.99
C LYS B 28 -30.71 -29.21 47.63
N LYS B 29 -29.42 -29.36 47.32
CA LYS B 29 -28.41 -28.54 47.97
C LYS B 29 -28.40 -27.12 47.43
N TYR B 30 -28.52 -26.96 46.11
CA TYR B 30 -28.38 -25.66 45.46
C TYR B 30 -29.73 -25.13 45.01
N GLU B 31 -29.94 -23.83 45.22
CA GLU B 31 -31.16 -23.19 44.74
C GLU B 31 -31.20 -23.12 43.22
N VAL B 32 -30.08 -22.78 42.60
CA VAL B 32 -29.93 -22.77 41.15
C VAL B 32 -28.77 -23.68 40.79
N LEU B 33 -29.00 -24.60 39.85
CA LEU B 33 -28.02 -25.61 39.49
C LEU B 33 -27.72 -25.53 37.99
N ALA B 34 -26.43 -25.45 37.66
CA ALA B 34 -25.97 -25.41 36.28
C ALA B 34 -25.22 -26.70 35.97
N LEU B 35 -25.71 -27.46 35.00
CA LEU B 35 -25.15 -28.75 34.65
C LEU B 35 -24.56 -28.69 33.25
N LEU B 36 -23.26 -28.89 33.13
CA LEU B 36 -22.61 -29.00 31.82
C LEU B 36 -22.80 -30.41 31.29
N TYR B 37 -23.51 -30.52 30.18
CA TYR B 37 -23.74 -31.80 29.51
C TYR B 37 -22.66 -32.00 28.44
N HIS B 38 -21.80 -32.99 28.64
CA HIS B 38 -20.61 -33.15 27.82
C HIS B 38 -20.40 -34.60 27.45
N GLU B 39 -19.70 -34.81 26.35
CA GLU B 39 -19.25 -36.14 25.95
C GLU B 39 -17.92 -36.46 26.63
N PRO B 40 -17.63 -37.73 26.85
CA PRO B 40 -16.35 -38.12 27.46
C PRO B 40 -15.18 -37.62 26.61
N PRO B 41 -14.13 -37.11 27.25
CA PRO B 41 -13.02 -36.53 26.48
C PRO B 41 -12.17 -37.61 25.83
N GLU B 42 -11.45 -37.20 24.79
CA GLU B 42 -10.53 -38.07 24.08
C GLU B 42 -9.13 -37.96 24.69
N ASP B 43 -8.33 -39.01 24.46
CA ASP B 43 -6.99 -39.07 25.02
C ASP B 43 -6.02 -38.08 24.38
N ASP B 44 -6.44 -37.38 23.33
CA ASP B 44 -5.56 -36.41 22.66
C ASP B 44 -5.20 -35.29 23.62
N LYS B 45 -3.91 -34.98 23.68
CA LYS B 45 -3.45 -33.97 24.63
C LYS B 45 -4.08 -32.60 24.39
N ALA B 46 -4.40 -32.27 23.13
CA ALA B 46 -5.07 -31.01 22.84
C ALA B 46 -6.51 -31.01 23.36
N SER B 47 -7.19 -32.15 23.26
CA SER B 47 -8.52 -32.28 23.84
C SER B 47 -8.49 -32.69 25.31
N GLN B 48 -7.37 -33.23 25.79
CA GLN B 48 -7.21 -33.53 27.21
C GLN B 48 -7.15 -32.26 28.04
N ARG B 49 -6.20 -31.37 27.71
CA ARG B 49 -6.07 -30.10 28.42
C ARG B 49 -7.29 -29.22 28.17
N GLN B 50 -7.99 -29.42 27.04
CA GLN B 50 -9.20 -28.64 26.78
C GLN B 50 -10.28 -28.95 27.82
N PHE B 51 -10.52 -30.24 28.08
CA PHE B 51 -11.57 -30.61 29.02
C PHE B 51 -11.21 -30.18 30.45
N GLU B 52 -9.95 -30.34 30.84
CA GLU B 52 -9.51 -29.88 32.16
C GLU B 52 -9.67 -28.37 32.28
N MET B 53 -9.46 -27.65 31.18
CA MET B 53 -9.64 -26.20 31.18
C MET B 53 -11.10 -25.82 31.43
N GLU B 54 -12.03 -26.57 30.84
CA GLU B 54 -13.45 -26.26 31.00
C GLU B 54 -13.89 -26.40 32.45
N GLU B 55 -13.50 -27.51 33.09
CA GLU B 55 -13.93 -27.74 34.47
C GLU B 55 -13.36 -26.68 35.41
N LEU B 56 -12.09 -26.28 35.19
CA LEU B 56 -11.49 -25.24 36.01
C LEU B 56 -12.21 -23.91 35.85
N ILE B 57 -12.74 -23.63 34.66
CA ILE B 57 -13.55 -22.44 34.46
C ILE B 57 -14.81 -22.52 35.30
N LEU B 58 -15.48 -23.68 35.27
CA LEU B 58 -16.65 -23.87 36.12
C LEU B 58 -16.29 -23.85 37.60
N GLU B 59 -15.08 -24.30 37.95
CA GLU B 59 -14.65 -24.24 39.34
C GLU B 59 -14.55 -22.81 39.82
N LEU B 60 -13.99 -21.92 39.00
CA LEU B 60 -13.91 -20.52 39.40
C LEU B 60 -15.30 -19.90 39.50
N ALA B 61 -16.19 -20.20 38.54
CA ALA B 61 -17.54 -19.66 38.60
C ALA B 61 -18.28 -20.19 39.83
N ALA B 62 -18.05 -21.46 40.18
CA ALA B 62 -18.69 -22.02 41.36
C ALA B 62 -18.20 -21.32 42.63
N GLN B 63 -16.93 -20.96 42.67
CA GLN B 63 -16.39 -20.26 43.82
C GLN B 63 -16.97 -18.85 43.93
N VAL B 64 -17.06 -18.14 42.81
CA VAL B 64 -17.55 -16.77 42.82
C VAL B 64 -19.02 -16.72 43.21
N LEU B 65 -19.80 -17.71 42.78
CA LEU B 65 -21.25 -17.71 42.96
C LEU B 65 -21.72 -18.58 44.12
N GLU B 66 -20.81 -19.05 44.97
CA GLU B 66 -21.19 -19.97 46.04
C GLU B 66 -22.17 -19.31 47.00
N ASP B 67 -21.88 -18.09 47.44
CA ASP B 67 -22.73 -17.43 48.42
C ASP B 67 -24.10 -17.06 47.86
N LYS B 68 -24.24 -16.94 46.54
CA LYS B 68 -25.52 -16.64 45.94
C LYS B 68 -26.35 -17.89 45.64
N GLY B 69 -25.88 -19.06 46.09
CA GLY B 69 -26.69 -20.26 46.00
C GLY B 69 -26.65 -20.98 44.67
N VAL B 70 -25.61 -20.77 43.87
CA VAL B 70 -25.48 -21.38 42.56
C VAL B 70 -24.52 -22.56 42.66
N GLY B 71 -24.90 -23.69 42.07
CA GLY B 71 -24.05 -24.86 42.01
C GLY B 71 -23.79 -25.26 40.56
N PHE B 72 -22.63 -25.88 40.34
CA PHE B 72 -22.24 -26.36 39.02
C PHE B 72 -21.94 -27.85 39.09
N GLY B 73 -22.29 -28.57 38.02
CA GLY B 73 -22.06 -29.99 37.95
C GLY B 73 -21.77 -30.43 36.53
N LEU B 74 -21.25 -31.65 36.41
CA LEU B 74 -20.92 -32.25 35.13
C LEU B 74 -21.75 -33.51 34.93
N VAL B 75 -22.26 -33.69 33.71
CA VAL B 75 -23.09 -34.84 33.37
C VAL B 75 -22.52 -35.48 32.12
N ASP B 76 -22.08 -36.74 32.25
CA ASP B 76 -21.48 -37.46 31.14
C ASP B 76 -22.56 -38.02 30.22
N SER B 77 -22.40 -37.78 28.91
CA SER B 77 -23.44 -38.17 27.96
C SER B 77 -23.59 -39.68 27.88
N GLU B 78 -22.51 -40.43 28.12
CA GLU B 78 -22.54 -41.88 28.13
C GLU B 78 -22.74 -42.46 29.51
N LYS B 79 -21.90 -42.07 30.47
CA LYS B 79 -21.97 -42.65 31.81
C LYS B 79 -23.28 -42.31 32.51
N ASP B 80 -23.76 -41.08 32.34
CA ASP B 80 -24.96 -40.61 33.00
C ASP B 80 -26.12 -40.41 32.02
N ALA B 81 -26.26 -41.35 31.08
CA ALA B 81 -27.26 -41.20 30.03
C ALA B 81 -28.67 -41.23 30.59
N ALA B 82 -28.93 -42.09 31.58
CA ALA B 82 -30.27 -42.15 32.17
C ALA B 82 -30.60 -40.84 32.88
N VAL B 83 -29.63 -40.28 33.60
CA VAL B 83 -29.84 -39.00 34.28
C VAL B 83 -30.11 -37.90 33.26
N ALA B 84 -29.34 -37.88 32.17
CA ALA B 84 -29.49 -36.83 31.17
C ALA B 84 -30.88 -36.90 30.53
N LYS B 85 -31.39 -38.10 30.28
CA LYS B 85 -32.72 -38.22 29.71
C LYS B 85 -33.79 -37.75 30.69
N LYS B 86 -33.61 -38.06 31.97
CA LYS B 86 -34.59 -37.63 32.97
C LYS B 86 -34.64 -36.12 33.10
N LEU B 87 -33.48 -35.47 33.05
CA LEU B 87 -33.40 -34.02 33.27
C LEU B 87 -33.63 -33.20 32.01
N GLY B 88 -33.55 -33.82 30.84
CA GLY B 88 -33.74 -33.09 29.59
C GLY B 88 -32.47 -32.55 28.98
N LEU B 89 -31.31 -33.14 29.29
CA LEU B 89 -30.05 -32.70 28.74
C LEU B 89 -29.81 -33.44 27.43
N THR B 90 -29.94 -32.71 26.30
CA THR B 90 -29.90 -33.33 24.99
C THR B 90 -28.82 -32.80 24.06
N GLU B 91 -28.33 -31.59 24.28
CA GLU B 91 -27.35 -30.97 23.39
C GLU B 91 -25.97 -31.02 24.04
N VAL B 92 -25.07 -31.79 23.44
CA VAL B 92 -23.70 -31.89 23.96
C VAL B 92 -23.04 -30.51 23.96
N ASP B 93 -22.26 -30.25 25.01
CA ASP B 93 -21.49 -29.02 25.23
C ASP B 93 -22.36 -27.83 25.59
N SER B 94 -23.64 -28.05 25.86
CA SER B 94 -24.50 -27.01 26.41
C SER B 94 -24.54 -27.15 27.93
N MET B 95 -24.76 -26.02 28.60
CA MET B 95 -24.88 -25.99 30.06
C MET B 95 -26.31 -25.64 30.41
N TYR B 96 -26.99 -26.54 31.10
CA TYR B 96 -28.41 -26.39 31.44
C TYR B 96 -28.53 -25.85 32.85
N VAL B 97 -29.20 -24.70 32.99
CA VAL B 97 -29.35 -24.02 34.27
C VAL B 97 -30.78 -24.24 34.76
N PHE B 98 -30.91 -24.77 35.97
CA PHE B 98 -32.21 -25.09 36.55
C PHE B 98 -32.56 -24.03 37.59
N LYS B 99 -33.58 -23.23 37.29
CA LYS B 99 -34.08 -22.21 38.21
C LYS B 99 -35.58 -22.39 38.33
N GLY B 100 -36.06 -22.76 39.51
CA GLY B 100 -37.48 -22.97 39.70
C GLY B 100 -37.99 -24.10 38.81
N ASP B 101 -39.07 -23.82 38.10
CA ASP B 101 -39.68 -24.78 37.19
C ASP B 101 -39.15 -24.68 35.77
N GLU B 102 -38.06 -23.95 35.55
CA GLU B 102 -37.56 -23.70 34.20
C GLU B 102 -36.17 -24.31 34.02
N VAL B 103 -35.87 -24.66 32.77
CA VAL B 103 -34.55 -25.14 32.38
C VAL B 103 -34.02 -24.21 31.30
N ILE B 104 -32.87 -23.59 31.55
CA ILE B 104 -32.28 -22.59 30.68
C ILE B 104 -31.01 -23.17 30.07
N GLU B 105 -30.94 -23.21 28.75
CA GLU B 105 -29.78 -23.73 28.06
C GLU B 105 -28.78 -22.60 27.79
N TYR B 106 -27.56 -22.76 28.30
CA TYR B 106 -26.48 -21.84 27.98
C TYR B 106 -25.66 -22.39 26.82
N ASP B 107 -25.60 -21.64 25.73
CA ASP B 107 -24.87 -22.03 24.53
C ASP B 107 -24.02 -20.84 24.06
N GLY B 108 -23.20 -20.33 24.98
CA GLY B 108 -22.41 -19.14 24.69
C GLY B 108 -20.93 -19.33 24.95
N GLU B 109 -20.18 -18.23 24.95
CA GLU B 109 -18.74 -18.29 25.18
C GLU B 109 -18.45 -18.94 26.52
N PHE B 110 -17.59 -19.95 26.51
CA PHE B 110 -17.27 -20.71 27.73
C PHE B 110 -16.07 -20.07 28.41
N SER B 111 -16.32 -18.94 29.07
CA SER B 111 -15.33 -18.27 29.89
C SER B 111 -15.96 -17.94 31.24
N ALA B 112 -15.10 -17.81 32.26
CA ALA B 112 -15.58 -17.64 33.63
C ALA B 112 -16.46 -16.40 33.75
N ASP B 113 -16.02 -15.26 33.20
CA ASP B 113 -16.75 -14.02 33.37
C ASP B 113 -18.07 -14.05 32.61
N THR B 114 -18.08 -14.61 31.40
CA THR B 114 -19.32 -14.67 30.64
C THR B 114 -20.33 -15.59 31.31
N ILE B 115 -19.87 -16.70 31.89
CA ILE B 115 -20.76 -17.63 32.57
C ILE B 115 -21.30 -16.99 33.85
N VAL B 116 -20.44 -16.32 34.61
CA VAL B 116 -20.88 -15.67 35.85
C VAL B 116 -21.87 -14.56 35.55
N GLU B 117 -21.58 -13.74 34.52
CA GLU B 117 -22.51 -12.69 34.14
C GLU B 117 -23.86 -13.28 33.73
N PHE B 118 -23.84 -14.39 32.99
CA PHE B 118 -25.07 -15.04 32.60
C PHE B 118 -25.84 -15.54 33.82
N LEU B 119 -25.15 -16.17 34.77
CA LEU B 119 -25.83 -16.68 35.95
C LEU B 119 -26.39 -15.54 36.80
N LEU B 120 -25.66 -14.44 36.92
CA LEU B 120 -26.21 -13.28 37.64
C LEU B 120 -27.47 -12.77 36.96
N ASP B 121 -27.52 -12.83 35.63
CA ASP B 121 -28.74 -12.46 34.91
C ASP B 121 -29.86 -13.44 35.22
N VAL B 122 -29.55 -14.74 35.28
CA VAL B 122 -30.57 -15.75 35.60
C VAL B 122 -31.14 -15.50 36.99
N LEU B 123 -30.30 -15.03 37.92
CA LEU B 123 -30.76 -14.80 39.29
C LEU B 123 -31.71 -13.61 39.41
N GLU B 124 -31.71 -12.70 38.44
CA GLU B 124 -32.62 -11.56 38.49
C GLU B 124 -34.05 -12.00 38.21
N ASP B 125 -35.00 -11.16 38.64
CA ASP B 125 -36.40 -11.41 38.34
C ASP B 125 -36.67 -11.24 36.85
N PRO B 126 -37.62 -11.98 36.30
CA PRO B 126 -37.80 -12.00 34.84
C PRO B 126 -38.53 -10.80 34.26
N VAL B 127 -39.13 -9.93 35.07
CA VAL B 127 -39.88 -8.79 34.58
C VAL B 127 -39.32 -7.52 35.21
N GLU B 128 -38.99 -6.55 34.36
CA GLU B 128 -38.50 -5.26 34.80
C GLU B 128 -39.64 -4.23 34.70
N LEU B 129 -39.89 -3.52 35.79
CA LEU B 129 -40.95 -2.54 35.79
C LEU B 129 -40.48 -1.23 35.16
N ILE B 130 -41.44 -0.47 34.64
CA ILE B 130 -41.17 0.83 34.02
C ILE B 130 -42.16 1.83 34.58
N GLU B 131 -41.66 2.87 35.24
CA GLU B 131 -42.47 3.90 35.84
C GLU B 131 -41.78 5.24 35.65
N GLY B 132 -42.49 6.20 35.07
CA GLY B 132 -41.96 7.52 34.86
C GLY B 132 -41.28 7.68 33.51
N GLU B 133 -41.05 8.94 33.15
CA GLU B 133 -40.52 9.26 31.83
C GLU B 133 -39.09 8.75 31.65
N ARG B 134 -38.28 8.81 32.71
CA ARG B 134 -36.86 8.49 32.54
C ARG B 134 -36.64 6.98 32.41
N GLU B 135 -37.39 6.17 33.16
CA GLU B 135 -37.33 4.73 32.93
C GLU B 135 -37.86 4.37 31.55
N LEU B 136 -38.85 5.12 31.05
CA LEU B 136 -39.34 4.87 29.70
C LEU B 136 -38.24 5.10 28.67
N GLN B 137 -37.43 6.14 28.87
CA GLN B 137 -36.31 6.40 27.96
C GLN B 137 -35.31 5.25 27.99
N ALA B 138 -35.06 4.68 29.18
CA ALA B 138 -34.17 3.54 29.25
C ALA B 138 -34.71 2.35 28.45
N PHE B 139 -36.02 2.15 28.49
CA PHE B 139 -36.64 1.12 27.66
C PHE B 139 -36.44 1.41 26.18
N GLU B 140 -36.69 2.66 25.78
CA GLU B 140 -36.58 3.03 24.37
C GLU B 140 -35.15 2.93 23.88
N ASN B 141 -34.16 3.08 24.77
CA ASN B 141 -32.77 2.98 24.35
C ASN B 141 -32.36 1.56 23.98
N ILE B 142 -33.14 0.55 24.37
CA ILE B 142 -32.82 -0.82 24.04
C ILE B 142 -33.11 -1.07 22.56
N GLU B 143 -32.09 -1.53 21.82
CA GLU B 143 -32.25 -1.79 20.40
C GLU B 143 -31.64 -3.10 19.91
N ASP B 144 -30.56 -3.61 20.51
CA ASP B 144 -29.87 -4.75 19.96
C ASP B 144 -30.43 -6.09 20.42
N GLU B 145 -31.66 -6.10 20.95
CA GLU B 145 -32.28 -7.33 21.38
C GLU B 145 -33.79 -7.18 21.31
N ILE B 146 -34.47 -8.32 21.14
CA ILE B 146 -35.93 -8.35 21.20
C ILE B 146 -36.37 -7.92 22.59
N LYS B 147 -37.48 -7.20 22.65
CA LYS B 147 -38.02 -6.79 23.94
C LYS B 147 -39.54 -6.77 23.87
N LEU B 148 -40.18 -7.03 25.01
CA LEU B 148 -41.63 -6.95 25.13
C LEU B 148 -41.99 -6.00 26.26
N ILE B 149 -43.11 -5.32 26.11
CA ILE B 149 -43.61 -4.42 27.15
C ILE B 149 -45.13 -4.49 27.18
N GLY B 150 -45.69 -4.61 28.39
CA GLY B 150 -47.12 -4.67 28.56
C GLY B 150 -47.58 -3.66 29.60
N TYR B 151 -48.86 -3.31 29.50
CA TYR B 151 -49.50 -2.35 30.40
C TYR B 151 -50.57 -3.08 31.19
N PHE B 152 -50.42 -3.12 32.52
CA PHE B 152 -51.34 -3.82 33.39
C PHE B 152 -51.73 -2.93 34.56
N LYS B 153 -52.79 -3.34 35.27
CA LYS B 153 -53.30 -2.54 36.37
C LYS B 153 -52.29 -2.46 37.51
N SER B 154 -51.77 -3.60 37.93
CA SER B 154 -50.81 -3.68 39.02
C SER B 154 -50.16 -5.05 38.96
N LYS B 155 -49.23 -5.30 39.90
CA LYS B 155 -48.61 -6.62 39.99
C LYS B 155 -49.61 -7.68 40.42
N ASP B 156 -50.76 -7.30 40.98
CA ASP B 156 -51.78 -8.25 41.36
C ASP B 156 -52.70 -8.63 40.21
N SER B 157 -52.56 -7.99 39.05
CA SER B 157 -53.38 -8.33 37.89
C SER B 157 -53.09 -9.74 37.43
N GLU B 158 -54.16 -10.50 37.18
CA GLU B 158 -54.02 -11.83 36.58
C GLU B 158 -53.27 -11.76 35.26
N HIS B 159 -53.44 -10.69 34.50
CA HIS B 159 -52.78 -10.58 33.21
C HIS B 159 -51.31 -10.19 33.34
N TYR B 160 -50.95 -9.45 34.40
CA TYR B 160 -49.53 -9.26 34.69
C TYR B 160 -48.88 -10.59 35.06
N LYS B 161 -49.58 -11.42 35.84
CA LYS B 161 -49.01 -12.70 36.26
C LYS B 161 -48.79 -13.62 35.07
N ALA B 162 -49.70 -13.61 34.10
CA ALA B 162 -49.50 -14.41 32.89
C ALA B 162 -48.32 -13.87 32.09
N PHE B 163 -48.16 -12.54 32.04
CA PHE B 163 -47.00 -11.93 31.41
C PHE B 163 -45.72 -12.37 32.07
N GLU B 164 -45.70 -12.41 33.41
CA GLU B 164 -44.51 -12.85 34.13
C GLU B 164 -44.25 -14.33 33.89
N ASP B 165 -45.31 -15.14 33.81
CA ASP B 165 -45.14 -16.56 33.50
C ASP B 165 -44.46 -16.75 32.15
N ALA B 166 -44.88 -15.98 31.15
CA ALA B 166 -44.26 -16.09 29.84
C ALA B 166 -42.83 -15.56 29.85
N ALA B 167 -42.56 -14.55 30.68
CA ALA B 167 -41.20 -14.03 30.77
C ALA B 167 -40.24 -15.10 31.28
N GLU B 168 -40.72 -15.97 32.18
CA GLU B 168 -39.88 -17.02 32.73
C GLU B 168 -39.47 -18.04 31.67
N GLU B 169 -40.28 -18.21 30.62
CA GLU B 169 -39.95 -19.17 29.57
C GLU B 169 -38.72 -18.73 28.78
N PHE B 170 -38.50 -17.44 28.62
CA PHE B 170 -37.42 -16.92 27.79
C PHE B 170 -36.29 -16.30 28.59
N HIS B 171 -36.37 -16.36 29.92
CA HIS B 171 -35.36 -15.77 30.80
C HIS B 171 -34.02 -16.49 30.63
N PRO B 172 -32.92 -15.72 30.55
CA PRO B 172 -32.87 -14.26 30.57
C PRO B 172 -32.58 -13.68 29.19
N TYR B 173 -32.97 -14.36 28.12
CA TYR B 173 -32.53 -13.97 26.79
C TYR B 173 -33.41 -12.87 26.18
N ILE B 174 -34.67 -12.77 26.57
CA ILE B 174 -35.57 -11.76 26.02
C ILE B 174 -36.11 -10.92 27.18
N PRO B 175 -35.71 -9.65 27.30
CA PRO B 175 -36.19 -8.83 28.42
C PRO B 175 -37.69 -8.53 28.28
N PHE B 176 -38.42 -8.79 29.36
CA PHE B 176 -39.83 -8.46 29.47
C PHE B 176 -39.98 -7.25 30.38
N PHE B 177 -40.79 -6.28 29.95
CA PHE B 177 -41.04 -5.08 30.71
C PHE B 177 -42.54 -4.93 30.96
N ALA B 178 -42.88 -4.42 32.14
CA ALA B 178 -44.27 -4.17 32.49
C ALA B 178 -44.39 -2.76 33.06
N THR B 179 -45.46 -2.06 32.68
CA THR B 179 -45.77 -0.77 33.25
C THR B 179 -47.17 -0.79 33.84
N PHE B 180 -47.31 -0.13 34.99
CA PHE B 180 -48.61 0.19 35.56
C PHE B 180 -48.88 1.68 35.47
N ASP B 181 -48.05 2.41 34.73
CA ASP B 181 -48.08 3.86 34.64
C ASP B 181 -48.89 4.24 33.39
N SER B 182 -50.08 4.81 33.61
CA SER B 182 -50.95 5.14 32.49
C SER B 182 -50.31 6.16 31.56
N LYS B 183 -49.47 7.05 32.10
CA LYS B 183 -48.81 8.04 31.25
C LYS B 183 -47.74 7.40 30.37
N VAL B 184 -47.03 6.40 30.91
CA VAL B 184 -46.09 5.64 30.09
C VAL B 184 -46.84 4.85 29.02
N ALA B 185 -47.95 4.20 29.42
CA ALA B 185 -48.73 3.42 28.46
C ALA B 185 -49.26 4.29 27.33
N LYS B 186 -49.63 5.54 27.64
CA LYS B 186 -50.16 6.42 26.61
C LYS B 186 -49.10 6.75 25.57
N LYS B 187 -47.87 7.04 26.01
CA LYS B 187 -46.80 7.34 25.06
C LYS B 187 -46.43 6.13 24.22
N LEU B 188 -46.52 4.92 24.80
CA LEU B 188 -46.28 3.71 24.04
C LEU B 188 -47.48 3.25 23.23
N THR B 189 -48.62 3.94 23.37
CA THR B 189 -49.89 3.58 22.73
C THR B 189 -50.38 2.21 23.17
N LEU B 190 -50.06 1.82 24.40
CA LEU B 190 -50.52 0.56 24.95
C LEU B 190 -51.84 0.76 25.67
N LYS B 191 -52.88 0.07 25.22
CA LYS B 191 -54.11 0.00 25.99
C LYS B 191 -53.96 -1.03 27.11
N LEU B 192 -54.94 -1.04 28.02
CA LEU B 192 -54.85 -1.92 29.18
C LEU B 192 -54.77 -3.38 28.75
N ASN B 193 -53.80 -4.10 29.33
CA ASN B 193 -53.50 -5.51 29.07
C ASN B 193 -52.92 -5.76 27.69
N GLU B 194 -52.57 -4.73 26.94
CA GLU B 194 -51.91 -4.91 25.66
C GLU B 194 -50.41 -5.10 25.85
N ILE B 195 -49.83 -5.93 24.99
CA ILE B 195 -48.40 -6.24 25.01
C ILE B 195 -47.83 -5.95 23.63
N ASP B 196 -46.77 -5.14 23.59
CA ASP B 196 -46.09 -4.80 22.35
C ASP B 196 -44.78 -5.56 22.26
N PHE B 197 -44.53 -6.14 21.09
CA PHE B 197 -43.32 -6.88 20.78
C PHE B 197 -42.44 -6.04 19.87
N TYR B 198 -41.21 -5.78 20.29
CA TYR B 198 -40.25 -5.01 19.51
C TYR B 198 -39.17 -5.95 18.98
N GLU B 199 -39.18 -6.17 17.67
CA GLU B 199 -38.08 -6.88 17.03
C GLU B 199 -36.79 -6.07 17.19
N ALA B 200 -35.68 -6.77 17.30
CA ALA B 200 -34.39 -6.11 17.46
C ALA B 200 -34.15 -5.11 16.33
N PHE B 201 -33.70 -3.91 16.70
CA PHE B 201 -33.35 -2.82 15.79
C PHE B 201 -34.53 -2.25 15.03
N MET B 202 -35.76 -2.61 15.40
CA MET B 202 -36.94 -2.10 14.72
C MET B 202 -37.53 -0.93 15.52
N GLU B 203 -38.01 0.08 14.80
CA GLU B 203 -38.65 1.22 15.44
C GLU B 203 -40.09 0.92 15.84
N GLU B 204 -40.81 0.19 15.00
CA GLU B 204 -42.25 -0.02 15.19
C GLU B 204 -42.52 -1.38 15.79
N PRO B 205 -43.32 -1.47 16.85
CA PRO B 205 -43.60 -2.76 17.46
C PRO B 205 -44.73 -3.49 16.75
N VAL B 206 -44.96 -4.73 17.18
CA VAL B 206 -46.12 -5.52 16.79
C VAL B 206 -46.91 -5.83 18.04
N THR B 207 -48.20 -5.48 18.04
CA THR B 207 -49.06 -5.75 19.18
C THR B 207 -49.54 -7.19 19.13
N ILE B 208 -49.38 -7.90 20.24
CA ILE B 208 -49.87 -9.28 20.33
C ILE B 208 -51.39 -9.25 20.25
N PRO B 209 -52.00 -9.97 19.32
CA PRO B 209 -53.45 -9.92 19.15
C PRO B 209 -54.17 -10.73 20.23
N GLY B 210 -55.47 -10.50 20.33
CA GLY B 210 -56.30 -11.31 21.21
C GLY B 210 -56.17 -11.01 22.68
N LYS B 211 -55.99 -9.75 23.05
CA LYS B 211 -55.91 -9.35 24.45
C LYS B 211 -57.22 -9.70 25.18
N PRO B 212 -57.14 -10.02 26.49
CA PRO B 212 -55.92 -10.18 27.28
C PRO B 212 -55.19 -11.46 26.91
N ASN B 213 -53.89 -11.52 27.16
CA ASN B 213 -53.04 -12.61 26.70
C ASN B 213 -52.72 -13.57 27.84
N SER B 214 -53.09 -14.83 27.65
CA SER B 214 -52.61 -15.90 28.51
C SER B 214 -51.11 -16.11 28.30
N GLU B 215 -50.50 -16.84 29.24
CA GLU B 215 -49.11 -17.25 29.05
C GLU B 215 -48.93 -17.96 27.72
N GLU B 216 -49.90 -18.81 27.35
CA GLU B 216 -49.80 -19.57 26.11
C GLU B 216 -49.80 -18.66 24.89
N GLU B 217 -50.66 -17.64 24.89
CA GLU B 217 -50.70 -16.73 23.74
C GLU B 217 -49.41 -15.93 23.60
N ILE B 218 -48.81 -15.53 24.72
CA ILE B 218 -47.56 -14.77 24.65
C ILE B 218 -46.42 -15.67 24.16
N VAL B 219 -46.29 -16.85 24.76
CA VAL B 219 -45.20 -17.76 24.41
C VAL B 219 -45.29 -18.14 22.93
N ASN B 220 -46.49 -18.44 22.44
CA ASN B 220 -46.63 -18.82 21.05
C ASN B 220 -46.28 -17.67 20.11
N PHE B 221 -46.67 -16.45 20.47
CA PHE B 221 -46.33 -15.29 19.67
C PHE B 221 -44.83 -15.09 19.59
N VAL B 222 -44.16 -15.12 20.75
CA VAL B 222 -42.71 -14.89 20.78
C VAL B 222 -41.98 -15.96 19.97
N GLU B 223 -42.41 -17.21 20.11
CA GLU B 223 -41.77 -18.28 19.34
CA GLU B 223 -41.79 -18.29 19.34
C GLU B 223 -42.00 -18.10 17.84
N GLU B 224 -43.13 -17.50 17.45
CA GLU B 224 -43.37 -17.26 16.03
CA GLU B 224 -43.39 -17.25 16.04
C GLU B 224 -42.54 -16.11 15.50
N HIS B 225 -42.16 -15.16 16.37
CA HIS B 225 -41.40 -13.98 15.98
C HIS B 225 -39.97 -14.00 16.52
N ARG B 226 -39.39 -15.21 16.64
CA ARG B 226 -38.13 -15.36 17.37
C ARG B 226 -36.95 -14.78 16.60
N ARG B 227 -36.93 -14.94 15.28
CA ARG B 227 -35.77 -14.58 14.47
C ARG B 227 -35.89 -13.15 13.95
N SER B 228 -35.00 -12.28 14.40
CA SER B 228 -34.98 -10.91 13.91
C SER B 228 -34.30 -10.82 12.55
N THR B 229 -34.71 -9.81 11.77
CA THR B 229 -34.05 -9.55 10.49
C THR B 229 -32.58 -9.22 10.67
N LEU B 230 -32.27 -8.44 11.70
CA LEU B 230 -30.90 -8.12 12.07
C LEU B 230 -30.66 -8.56 13.51
N ARG B 231 -29.69 -9.43 13.72
CA ARG B 231 -29.33 -9.93 15.03
C ARG B 231 -27.88 -9.57 15.33
N LYS B 232 -27.61 -9.16 16.57
CA LYS B 232 -26.25 -8.87 17.01
C LYS B 232 -25.70 -10.10 17.72
N LEU B 233 -24.54 -10.57 17.27
CA LEU B 233 -23.89 -11.70 17.93
C LEU B 233 -23.40 -11.29 19.31
N LYS B 234 -23.73 -12.08 20.32
CA LYS B 234 -23.37 -11.76 21.69
C LYS B 234 -22.67 -12.94 22.35
N PRO B 235 -21.66 -12.69 23.18
CA PRO B 235 -20.93 -13.81 23.80
C PRO B 235 -21.82 -14.76 24.59
N GLU B 236 -22.83 -14.24 25.30
CA GLU B 236 -23.67 -15.10 26.13
C GLU B 236 -24.46 -16.12 25.30
N SER B 237 -24.59 -15.91 23.99
CA SER B 237 -25.44 -16.76 23.16
C SER B 237 -24.84 -16.98 21.78
N MET B 238 -23.51 -16.89 21.65
CA MET B 238 -22.90 -16.83 20.33
C MET B 238 -23.08 -18.14 19.56
N TYR B 239 -22.98 -19.28 20.23
CA TYR B 239 -23.11 -20.55 19.53
C TYR B 239 -24.56 -20.89 19.24
N GLU B 240 -25.48 -20.50 20.12
CA GLU B 240 -26.90 -20.66 19.82
C GLU B 240 -27.28 -19.93 18.55
N THR B 241 -26.83 -18.67 18.43
CA THR B 241 -27.11 -17.88 17.23
C THR B 241 -26.43 -18.47 16.01
N TRP B 242 -25.17 -18.91 16.16
CA TRP B 242 -24.42 -19.44 15.02
C TRP B 242 -25.01 -20.74 14.51
N GLU B 243 -25.63 -21.53 15.41
CA GLU B 243 -26.24 -22.80 15.04
C GLU B 243 -27.70 -22.65 14.65
N ASP B 244 -28.27 -21.45 14.75
CA ASP B 244 -29.69 -21.23 14.48
C ASP B 244 -29.86 -20.68 13.07
N ASP B 245 -29.57 -21.53 12.10
CA ASP B 245 -29.76 -21.18 10.69
C ASP B 245 -30.17 -22.43 9.92
N MET B 246 -31.16 -22.27 9.05
CA MET B 246 -31.77 -23.40 8.37
C MET B 246 -30.77 -24.16 7.52
N ASP B 247 -30.08 -23.46 6.61
CA ASP B 247 -29.18 -24.12 5.66
C ASP B 247 -27.70 -23.98 6.06
N GLY B 248 -27.42 -23.59 7.29
CA GLY B 248 -26.04 -23.47 7.73
C GLY B 248 -25.24 -22.42 6.99
N ILE B 249 -25.89 -21.38 6.49
CA ILE B 249 -25.25 -20.32 5.73
C ILE B 249 -25.71 -18.99 6.31
N HIS B 250 -24.75 -18.19 6.77
CA HIS B 250 -25.04 -16.91 7.42
C HIS B 250 -24.66 -15.74 6.51
N ILE B 251 -25.49 -14.70 6.51
CA ILE B 251 -25.07 -13.38 6.10
C ILE B 251 -24.47 -12.70 7.32
N VAL B 252 -23.19 -12.33 7.24
CA VAL B 252 -22.45 -11.80 8.38
C VAL B 252 -21.95 -10.40 8.04
N ALA B 253 -22.29 -9.44 8.88
CA ALA B 253 -21.83 -8.06 8.72
C ALA B 253 -20.90 -7.71 9.87
N PHE B 254 -19.66 -7.37 9.54
CA PHE B 254 -18.69 -6.88 10.52
C PHE B 254 -18.73 -5.36 10.53
N ALA B 255 -18.96 -4.77 11.70
CA ALA B 255 -18.96 -3.32 11.82
C ALA B 255 -18.60 -2.95 13.25
N GLU B 256 -17.55 -2.15 13.41
CA GLU B 256 -17.17 -1.62 14.72
C GLU B 256 -17.99 -0.37 14.98
N GLU B 257 -18.95 -0.46 15.90
CA GLU B 257 -19.93 0.60 16.09
C GLU B 257 -19.27 1.92 16.48
N ALA B 258 -18.21 1.85 17.29
CA ALA B 258 -17.54 3.06 17.77
C ALA B 258 -16.67 3.71 16.70
N ASP B 259 -16.27 2.97 15.67
CA ASP B 259 -15.44 3.54 14.61
C ASP B 259 -16.32 4.34 13.65
N PRO B 260 -15.83 5.49 13.17
CA PRO B 260 -16.67 6.31 12.26
C PRO B 260 -17.10 5.58 11.00
N ASP B 261 -16.21 4.80 10.40
CA ASP B 261 -16.58 4.05 9.20
C ASP B 261 -17.50 2.89 9.53
N GLY B 262 -17.23 2.19 10.64
CA GLY B 262 -18.15 1.16 11.09
C GLY B 262 -19.51 1.71 11.43
N PHE B 263 -19.55 2.89 12.05
CA PHE B 263 -20.83 3.53 12.37
C PHE B 263 -21.62 3.85 11.10
N GLU B 264 -20.95 4.40 10.09
CA GLU B 264 -21.62 4.73 8.84
C GLU B 264 -22.25 3.50 8.20
N PHE B 265 -21.47 2.41 8.11
CA PHE B 265 -21.98 1.19 7.53
C PHE B 265 -23.12 0.61 8.37
N LEU B 266 -23.01 0.71 9.70
CA LEU B 266 -24.05 0.20 10.58
C LEU B 266 -25.36 0.96 10.39
N GLU B 267 -25.28 2.28 10.17
CA GLU B 267 -26.49 3.05 9.87
C GLU B 267 -27.20 2.50 8.65
N THR B 268 -26.46 2.32 7.55
CA THR B 268 -27.06 1.82 6.32
C THR B 268 -27.63 0.41 6.51
N LEU B 269 -26.90 -0.44 7.23
CA LEU B 269 -27.37 -1.80 7.48
C LEU B 269 -28.68 -1.79 8.27
N LYS B 270 -28.77 -0.95 9.30
CA LYS B 270 -30.00 -0.87 10.08
C LYS B 270 -31.17 -0.36 9.24
N ALA B 271 -30.91 0.65 8.41
CA ALA B 271 -31.97 1.20 7.57
C ALA B 271 -32.48 0.17 6.57
N VAL B 272 -31.56 -0.55 5.93
CA VAL B 272 -31.96 -1.57 4.96
C VAL B 272 -32.72 -2.69 5.65
N ALA B 273 -32.23 -3.12 6.82
CA ALA B 273 -32.93 -4.16 7.58
C ALA B 273 -34.33 -3.70 7.97
N GLN B 274 -34.47 -2.43 8.34
CA GLN B 274 -35.77 -1.90 8.69
C GLN B 274 -36.69 -1.85 7.46
N ASP B 275 -36.16 -1.46 6.30
CA ASP B 275 -36.99 -1.38 5.11
C ASP B 275 -37.37 -2.75 4.56
N ASN B 276 -36.61 -3.80 4.88
CA ASN B 276 -36.88 -5.14 4.39
C ASN B 276 -37.26 -6.10 5.50
N THR B 277 -37.75 -5.59 6.63
CA THR B 277 -37.96 -6.44 7.80
C THR B 277 -39.07 -7.45 7.61
N GLU B 278 -39.98 -7.24 6.66
CA GLU B 278 -41.07 -8.18 6.46
C GLU B 278 -40.67 -9.36 5.57
N ASN B 279 -39.50 -9.32 4.94
CA ASN B 279 -39.02 -10.46 4.18
C ASN B 279 -38.78 -11.63 5.13
N PRO B 280 -39.49 -12.75 4.99
CA PRO B 280 -39.29 -13.87 5.91
C PRO B 280 -38.00 -14.64 5.70
N ASP B 281 -37.25 -14.35 4.64
CA ASP B 281 -36.03 -15.09 4.32
C ASP B 281 -34.75 -14.33 4.63
N LEU B 282 -34.84 -13.06 4.97
CA LEU B 282 -33.65 -12.23 5.20
C LEU B 282 -33.30 -12.23 6.68
N SER B 283 -32.06 -12.59 6.99
CA SER B 283 -31.55 -12.51 8.36
C SER B 283 -30.05 -12.27 8.30
N ILE B 284 -29.60 -11.29 9.08
CA ILE B 284 -28.20 -10.86 9.06
C ILE B 284 -27.68 -10.87 10.49
N ILE B 285 -26.50 -11.46 10.69
CA ILE B 285 -25.82 -11.42 11.97
C ILE B 285 -24.79 -10.29 11.94
N TRP B 286 -24.98 -9.29 12.80
CA TRP B 286 -24.00 -8.23 12.97
C TRP B 286 -23.00 -8.63 14.04
N ILE B 287 -21.72 -8.63 13.69
CA ILE B 287 -20.63 -8.86 14.63
C ILE B 287 -19.85 -7.56 14.75
N ASP B 288 -19.80 -7.00 15.97
CA ASP B 288 -18.85 -5.94 16.26
C ASP B 288 -17.54 -6.61 16.63
N PRO B 289 -16.48 -6.46 15.83
CA PRO B 289 -15.22 -7.15 16.15
C PRO B 289 -14.64 -6.78 17.50
N ASP B 290 -14.98 -5.60 18.04
CA ASP B 290 -14.48 -5.25 19.36
C ASP B 290 -15.12 -6.06 20.48
N ASP B 291 -16.16 -6.84 20.18
CA ASP B 291 -16.74 -7.73 21.17
C ASP B 291 -16.05 -9.09 21.23
N PHE B 292 -15.22 -9.42 20.23
CA PHE B 292 -14.59 -10.73 20.15
C PHE B 292 -13.13 -10.59 19.73
N PRO B 293 -12.30 -9.92 20.56
CA PRO B 293 -10.92 -9.67 20.14
C PRO B 293 -10.11 -10.93 19.89
N LEU B 294 -10.34 -12.00 20.65
CA LEU B 294 -9.57 -13.22 20.46
C LEU B 294 -9.89 -13.92 19.13
N LEU B 295 -10.99 -13.55 18.47
CA LEU B 295 -11.36 -14.13 17.20
C LEU B 295 -11.00 -13.26 16.01
N VAL B 296 -10.48 -12.06 16.23
CA VAL B 296 -10.22 -11.10 15.16
C VAL B 296 -9.15 -11.60 14.21
N PRO B 297 -7.97 -12.03 14.68
CA PRO B 297 -7.00 -12.58 13.71
C PRO B 297 -7.48 -13.85 13.03
N TYR B 298 -8.21 -14.70 13.76
CA TYR B 298 -8.78 -15.89 13.15
C TYR B 298 -9.73 -15.53 12.00
N TRP B 299 -10.63 -14.57 12.24
CA TRP B 299 -11.57 -14.14 11.21
C TRP B 299 -10.83 -13.55 10.01
N GLU B 300 -9.85 -12.67 10.27
CA GLU B 300 -9.16 -12.00 9.18
C GLU B 300 -8.44 -13.00 8.28
N LYS B 301 -7.83 -14.03 8.88
CA LYS B 301 -7.12 -15.03 8.08
C LYS B 301 -8.09 -16.00 7.41
N THR B 302 -9.12 -16.44 8.14
CA THR B 302 -10.04 -17.44 7.59
C THR B 302 -10.88 -16.85 6.47
N PHE B 303 -11.33 -15.59 6.63
CA PHE B 303 -12.19 -14.95 5.65
C PHE B 303 -11.42 -14.12 4.63
N ASP B 304 -10.14 -13.89 4.85
CA ASP B 304 -9.32 -13.02 4.00
C ASP B 304 -9.92 -11.62 3.92
N ILE B 305 -10.15 -11.03 5.09
CA ILE B 305 -10.72 -9.68 5.19
C ILE B 305 -9.94 -8.89 6.23
N ASP B 306 -10.11 -7.57 6.17
CA ASP B 306 -9.47 -6.64 7.10
C ASP B 306 -10.56 -6.11 8.02
N LEU B 307 -10.53 -6.53 9.29
CA LEU B 307 -11.60 -6.18 10.21
C LEU B 307 -11.50 -4.76 10.74
N SER B 308 -10.46 -4.00 10.38
CA SER B 308 -10.45 -2.57 10.68
C SER B 308 -11.36 -1.79 9.74
N ALA B 309 -11.95 -2.45 8.75
CA ALA B 309 -12.90 -1.86 7.82
C ALA B 309 -14.21 -2.64 7.86
N PRO B 310 -15.34 -1.99 7.57
CA PRO B 310 -16.62 -2.71 7.57
C PRO B 310 -16.66 -3.78 6.50
N GLN B 311 -17.40 -4.86 6.78
CA GLN B 311 -17.52 -5.97 5.85
C GLN B 311 -18.93 -6.54 5.92
N ILE B 312 -19.38 -7.11 4.81
CA ILE B 312 -20.58 -7.95 4.82
C ILE B 312 -20.37 -9.06 3.81
N GLY B 313 -20.76 -10.28 4.19
CA GLY B 313 -20.49 -11.42 3.36
C GLY B 313 -21.33 -12.62 3.73
N VAL B 314 -21.05 -13.73 3.06
CA VAL B 314 -21.78 -14.98 3.22
C VAL B 314 -20.80 -16.00 3.79
N VAL B 315 -21.19 -16.64 4.89
CA VAL B 315 -20.31 -17.59 5.58
C VAL B 315 -21.00 -18.94 5.66
N ASN B 316 -20.31 -19.98 5.22
CA ASN B 316 -20.80 -21.35 5.28
C ASN B 316 -20.26 -22.01 6.54
N VAL B 317 -21.16 -22.38 7.46
CA VAL B 317 -20.74 -22.92 8.74
C VAL B 317 -20.17 -24.32 8.65
N THR B 318 -20.23 -24.95 7.47
CA THR B 318 -19.67 -26.29 7.31
C THR B 318 -18.15 -26.26 7.37
N ASP B 319 -17.53 -25.29 6.70
CA ASP B 319 -16.07 -25.22 6.64
C ASP B 319 -15.54 -23.79 6.64
N ALA B 320 -16.34 -22.82 7.07
CA ALA B 320 -15.97 -21.41 7.15
C ALA B 320 -15.65 -20.80 5.78
N ASP B 321 -16.11 -21.44 4.71
CA ASP B 321 -15.97 -20.87 3.38
C ASP B 321 -16.82 -19.62 3.26
N SER B 322 -16.32 -18.63 2.52
CA SER B 322 -16.98 -17.33 2.56
C SER B 322 -16.74 -16.54 1.28
N VAL B 323 -17.62 -15.58 1.03
CA VAL B 323 -17.48 -14.58 -0.02
C VAL B 323 -17.98 -13.26 0.54
N TRP B 324 -17.36 -12.16 0.13
CA TRP B 324 -17.57 -10.87 0.75
C TRP B 324 -17.86 -9.80 -0.28
N MET B 325 -18.65 -8.81 0.12
CA MET B 325 -18.94 -7.67 -0.76
C MET B 325 -17.67 -6.91 -1.09
N GLU B 326 -17.51 -6.56 -2.36
CA GLU B 326 -16.33 -5.84 -2.82
C GLU B 326 -16.48 -4.34 -2.49
N MET B 327 -15.53 -3.83 -1.72
CA MET B 327 -15.42 -2.39 -1.48
C MET B 327 -13.98 -1.98 -1.73
N ASP B 328 -13.81 -0.80 -2.35
CA ASP B 328 -12.45 -0.35 -2.68
C ASP B 328 -11.62 -0.15 -1.42
N ASP B 329 -12.21 0.42 -0.37
CA ASP B 329 -11.61 0.48 0.95
C ASP B 329 -12.70 0.85 1.96
N GLU B 330 -12.28 1.32 3.15
CA GLU B 330 -13.24 1.67 4.19
C GLU B 330 -14.14 2.82 3.80
N GLU B 331 -13.71 3.68 2.88
CA GLU B 331 -14.50 4.82 2.46
C GLU B 331 -15.47 4.50 1.33
N ASP B 332 -15.37 3.31 0.74
CA ASP B 332 -16.25 2.91 -0.36
C ASP B 332 -17.37 2.02 0.15
N LEU B 333 -18.17 2.57 1.06
CA LEU B 333 -19.27 1.81 1.60
C LEU B 333 -20.45 1.81 0.62
N PRO B 334 -21.25 0.74 0.62
CA PRO B 334 -22.39 0.70 -0.30
C PRO B 334 -23.49 1.66 0.14
N SER B 335 -24.20 2.19 -0.85
CA SER B 335 -25.45 2.87 -0.56
C SER B 335 -26.48 1.85 -0.10
N ALA B 336 -27.60 2.35 0.42
CA ALA B 336 -28.69 1.45 0.79
C ALA B 336 -29.13 0.62 -0.41
N GLU B 337 -29.18 1.24 -1.60
CA GLU B 337 -29.57 0.53 -2.81
C GLU B 337 -28.55 -0.53 -3.16
N GLU B 338 -27.26 -0.20 -3.09
CA GLU B 338 -26.22 -1.19 -3.37
C GLU B 338 -26.29 -2.36 -2.38
N LEU B 339 -26.45 -2.04 -1.09
CA LEU B 339 -26.57 -3.09 -0.09
C LEU B 339 -27.80 -3.96 -0.36
N GLU B 340 -28.91 -3.32 -0.72
CA GLU B 340 -30.12 -4.08 -1.06
C GLU B 340 -29.92 -4.93 -2.31
N ASP B 341 -29.20 -4.40 -3.30
CA ASP B 341 -28.84 -5.19 -4.47
C ASP B 341 -28.08 -6.45 -4.06
N TRP B 342 -27.09 -6.29 -3.19
CA TRP B 342 -26.24 -7.40 -2.80
C TRP B 342 -27.01 -8.44 -2.01
N LEU B 343 -27.85 -8.00 -1.07
CA LEU B 343 -28.64 -8.94 -0.28
C LEU B 343 -29.61 -9.73 -1.14
N GLU B 344 -30.24 -9.07 -2.12
CA GLU B 344 -31.15 -9.77 -3.01
C GLU B 344 -30.41 -10.82 -3.84
N ASP B 345 -29.18 -10.50 -4.27
CA ASP B 345 -28.38 -11.48 -4.97
C ASP B 345 -28.01 -12.66 -4.08
N VAL B 346 -27.81 -12.42 -2.78
CA VAL B 346 -27.49 -13.51 -1.87
C VAL B 346 -28.71 -14.39 -1.66
N LEU B 347 -29.89 -13.78 -1.48
CA LEU B 347 -31.10 -14.57 -1.26
C LEU B 347 -31.48 -15.39 -2.48
N GLU B 348 -31.20 -14.87 -3.70
CA GLU B 348 -31.46 -15.63 -4.92
C GLU B 348 -30.41 -16.70 -5.18
N GLY B 349 -29.29 -16.67 -4.47
CA GLY B 349 -28.21 -17.60 -4.72
C GLY B 349 -27.22 -17.16 -5.78
N GLU B 350 -27.44 -15.99 -6.41
CA GLU B 350 -26.50 -15.51 -7.41
C GLU B 350 -25.12 -15.27 -6.81
N ILE B 351 -25.07 -14.79 -5.57
CA ILE B 351 -23.83 -14.65 -4.81
C ILE B 351 -23.82 -15.74 -3.74
N ASN B 352 -22.78 -16.55 -3.74
CA ASN B 352 -22.73 -17.70 -2.84
C ASN B 352 -21.28 -18.08 -2.58
N THR B 353 -21.09 -18.98 -1.63
CA THR B 353 -19.76 -19.46 -1.29
C THR B 353 -19.31 -20.59 -2.21
N GLU B 354 -20.25 -21.34 -2.77
CA GLU B 354 -19.91 -22.45 -3.65
C GLU B 354 -19.44 -21.96 -5.01
N GLN C 1 15.71 26.38 -22.16
CA GLN C 1 15.03 26.18 -20.89
C GLN C 1 13.50 26.14 -21.06
N GLU C 2 12.93 27.25 -21.52
CA GLU C 2 11.49 27.32 -21.70
C GLU C 2 11.06 26.39 -22.83
N GLY C 3 10.19 25.43 -22.49
CA GLY C 3 9.79 24.41 -23.44
C GLY C 3 10.70 23.21 -23.52
N LEU C 4 11.68 23.11 -22.63
CA LEU C 4 12.63 22.00 -22.63
C LEU C 4 13.21 21.82 -21.23
N ASP C 5 12.33 21.88 -20.23
CA ASP C 5 12.74 21.98 -18.83
C ASP C 5 12.52 20.64 -18.14
N PHE C 6 13.62 19.94 -17.86
CA PHE C 6 13.52 18.67 -17.15
C PHE C 6 12.95 18.91 -15.75
N PRO C 7 12.07 18.02 -15.27
CA PRO C 7 11.51 18.20 -13.93
C PRO C 7 12.51 17.81 -12.85
N GLU C 8 12.52 18.61 -11.79
CA GLU C 8 13.31 18.33 -10.59
C GLU C 8 12.38 17.90 -9.46
N TYR C 9 12.87 16.99 -8.62
CA TYR C 9 12.06 16.49 -7.52
C TYR C 9 11.72 17.63 -6.55
N ASP C 10 10.43 17.77 -6.24
CA ASP C 10 9.95 18.86 -5.40
C ASP C 10 9.94 18.54 -3.91
N GLY C 11 10.40 17.35 -3.53
CA GLY C 11 10.50 16.99 -2.12
C GLY C 11 9.24 16.41 -1.52
N VAL C 12 8.13 16.38 -2.24
CA VAL C 12 6.89 15.84 -1.70
C VAL C 12 7.00 14.33 -1.57
N ASP C 13 6.47 13.79 -0.47
CA ASP C 13 6.51 12.35 -0.20
C ASP C 13 5.34 11.69 -0.91
N ARG C 14 5.59 11.15 -2.10
CA ARG C 14 4.56 10.46 -2.87
C ARG C 14 4.70 8.95 -2.87
N VAL C 15 5.88 8.42 -2.55
CA VAL C 15 6.14 6.99 -2.54
C VAL C 15 6.26 6.55 -1.08
N ILE C 16 5.32 5.73 -0.62
CA ILE C 16 5.27 5.32 0.78
C ILE C 16 5.33 3.80 0.84
N ASN C 17 5.57 3.29 2.05
CA ASN C 17 5.50 1.86 2.29
C ASN C 17 4.07 1.38 2.16
N VAL C 18 3.88 0.28 1.44
CA VAL C 18 2.57 -0.33 1.22
C VAL C 18 2.50 -1.60 2.04
N ASN C 19 1.52 -1.66 2.95
CA ASN C 19 1.38 -2.77 3.88
C ASN C 19 -0.05 -3.28 3.86
N ALA C 20 -0.32 -4.28 4.70
CA ALA C 20 -1.64 -4.92 4.71
C ALA C 20 -2.73 -3.95 5.14
N LYS C 21 -2.39 -2.91 5.89
CA LYS C 21 -3.39 -1.98 6.41
C LYS C 21 -3.71 -0.83 5.47
N ASN C 22 -2.84 -0.53 4.49
CA ASN C 22 -3.07 0.60 3.62
C ASN C 22 -3.11 0.26 2.13
N TYR C 23 -2.88 -1.00 1.74
CA TYR C 23 -2.75 -1.31 0.32
C TYR C 23 -4.05 -1.05 -0.43
N LYS C 24 -5.20 -1.27 0.21
CA LYS C 24 -6.47 -0.96 -0.45
C LYS C 24 -6.64 0.53 -0.65
N ASN C 25 -6.21 1.34 0.33
CA ASN C 25 -6.24 2.79 0.16
C ASN C 25 -5.39 3.21 -1.03
N VAL C 26 -4.20 2.62 -1.18
CA VAL C 26 -3.28 3.04 -2.22
C VAL C 26 -3.76 2.57 -3.59
N PHE C 27 -4.25 1.33 -3.69
CA PHE C 27 -4.81 0.85 -4.95
C PHE C 27 -6.00 1.71 -5.39
N LYS C 28 -6.81 2.15 -4.43
CA LYS C 28 -7.94 3.01 -4.78
C LYS C 28 -7.47 4.37 -5.28
N LYS C 29 -6.36 4.87 -4.73
CA LYS C 29 -5.90 6.21 -5.06
C LYS C 29 -5.37 6.31 -6.48
N TYR C 30 -4.75 5.25 -7.00
CA TYR C 30 -4.05 5.31 -8.26
C TYR C 30 -4.69 4.39 -9.29
N GLU C 31 -4.80 4.89 -10.52
CA GLU C 31 -5.30 4.06 -11.62
C GLU C 31 -4.34 2.92 -11.92
N VAL C 32 -3.05 3.22 -12.02
CA VAL C 32 -2.00 2.23 -12.23
C VAL C 32 -1.01 2.35 -11.09
N LEU C 33 -0.71 1.22 -10.44
CA LEU C 33 0.14 1.20 -9.25
C LEU C 33 1.35 0.32 -9.52
N ALA C 34 2.54 0.84 -9.24
CA ALA C 34 3.79 0.12 -9.38
C ALA C 34 4.41 -0.08 -8.01
N LEU C 35 4.64 -1.33 -7.63
CA LEU C 35 5.12 -1.68 -6.30
C LEU C 35 6.51 -2.29 -6.42
N LEU C 36 7.50 -1.65 -5.81
CA LEU C 36 8.85 -2.18 -5.76
C LEU C 36 8.97 -3.14 -4.58
N TYR C 37 9.17 -4.42 -4.88
CA TYR C 37 9.31 -5.46 -3.86
C TYR C 37 10.79 -5.61 -3.54
N HIS C 38 11.16 -5.34 -2.29
CA HIS C 38 12.56 -5.20 -1.92
C HIS C 38 12.82 -5.85 -0.56
N GLU C 39 14.08 -6.23 -0.35
CA GLU C 39 14.55 -6.62 0.96
C GLU C 39 14.95 -5.39 1.77
N PRO C 40 14.99 -5.49 3.09
CA PRO C 40 15.59 -4.43 3.89
C PRO C 40 17.06 -4.26 3.54
N PRO C 41 17.55 -3.02 3.43
CA PRO C 41 18.95 -2.82 3.06
C PRO C 41 19.88 -3.21 4.20
N GLU C 42 21.16 -3.36 3.86
CA GLU C 42 22.17 -3.59 4.88
C GLU C 42 22.38 -2.30 5.68
N ASP C 43 23.03 -2.45 6.84
CA ASP C 43 23.12 -1.35 7.79
C ASP C 43 24.26 -0.38 7.50
N ASP C 44 25.25 -0.78 6.71
CA ASP C 44 26.37 0.11 6.43
C ASP C 44 25.89 1.33 5.64
N LYS C 45 26.69 2.40 5.72
CA LYS C 45 26.28 3.68 5.16
C LYS C 45 26.09 3.61 3.65
N ALA C 46 26.96 2.87 2.95
CA ALA C 46 26.85 2.78 1.50
C ALA C 46 25.58 2.05 1.08
N SER C 47 25.19 1.02 1.84
CA SER C 47 23.95 0.32 1.52
C SER C 47 22.73 1.18 1.81
N GLN C 48 22.76 1.94 2.90
CA GLN C 48 21.66 2.87 3.19
C GLN C 48 21.57 3.95 2.12
N ARG C 49 22.73 4.44 1.65
CA ARG C 49 22.74 5.47 0.63
C ARG C 49 22.09 4.98 -0.66
N GLN C 50 22.44 3.78 -1.12
CA GLN C 50 21.88 3.26 -2.36
C GLN C 50 20.39 2.99 -2.24
N PHE C 51 19.93 2.57 -1.06
CA PHE C 51 18.50 2.34 -0.89
C PHE C 51 17.73 3.66 -0.96
N GLU C 52 18.29 4.73 -0.37
CA GLU C 52 17.64 6.02 -0.43
C GLU C 52 17.66 6.59 -1.85
N MET C 53 18.72 6.32 -2.61
CA MET C 53 18.77 6.78 -4.00
C MET C 53 17.68 6.12 -4.83
N GLU C 54 17.41 4.84 -4.56
CA GLU C 54 16.40 4.12 -5.34
C GLU C 54 15.01 4.66 -5.06
N GLU C 55 14.69 4.94 -3.79
CA GLU C 55 13.39 5.51 -3.49
C GLU C 55 13.24 6.90 -4.09
N LEU C 56 14.33 7.68 -4.11
CA LEU C 56 14.29 9.00 -4.74
C LEU C 56 14.08 8.90 -6.24
N ILE C 57 14.60 7.85 -6.87
CA ILE C 57 14.32 7.62 -8.29
C ILE C 57 12.82 7.40 -8.50
N LEU C 58 12.22 6.58 -7.63
CA LEU C 58 10.77 6.36 -7.74
C LEU C 58 9.99 7.63 -7.41
N GLU C 59 10.49 8.44 -6.48
CA GLU C 59 9.82 9.70 -6.17
C GLU C 59 9.78 10.61 -7.39
N LEU C 60 10.88 10.69 -8.13
CA LEU C 60 10.88 11.51 -9.35
C LEU C 60 9.90 10.95 -10.37
N ALA C 61 9.88 9.63 -10.55
CA ALA C 61 8.93 9.03 -11.48
C ALA C 61 7.50 9.26 -11.03
N ALA C 62 7.25 9.20 -9.73
CA ALA C 62 5.89 9.41 -9.21
C ALA C 62 5.46 10.86 -9.40
N GLN C 63 6.39 11.80 -9.26
CA GLN C 63 6.09 13.20 -9.51
C GLN C 63 5.78 13.43 -10.99
N VAL C 64 6.58 12.83 -11.88
CA VAL C 64 6.42 13.06 -13.31
C VAL C 64 5.10 12.48 -13.81
N LEU C 65 4.72 11.32 -13.28
CA LEU C 65 3.56 10.58 -13.78
C LEU C 65 2.32 10.74 -12.92
N GLU C 66 2.29 11.72 -12.02
CA GLU C 66 1.16 11.85 -11.11
C GLU C 66 -0.12 12.22 -11.86
N ASP C 67 -0.03 13.13 -12.84
CA ASP C 67 -1.23 13.53 -13.56
C ASP C 67 -1.75 12.45 -14.51
N LYS C 68 -0.96 11.42 -14.79
CA LYS C 68 -1.43 10.31 -15.60
C LYS C 68 -1.98 9.16 -14.77
N GLY C 69 -2.19 9.38 -13.47
CA GLY C 69 -2.81 8.37 -12.63
C GLY C 69 -1.90 7.26 -12.17
N VAL C 70 -0.58 7.46 -12.23
CA VAL C 70 0.38 6.44 -11.82
C VAL C 70 0.84 6.74 -10.40
N GLY C 71 1.00 5.69 -9.59
CA GLY C 71 1.61 5.82 -8.29
C GLY C 71 2.65 4.74 -8.10
N PHE C 72 3.53 4.97 -7.12
CA PHE C 72 4.59 4.03 -6.79
C PHE C 72 4.58 3.76 -5.30
N GLY C 73 4.92 2.53 -4.93
CA GLY C 73 4.99 2.14 -3.53
C GLY C 73 6.09 1.13 -3.30
N LEU C 74 6.46 0.98 -2.03
CA LEU C 74 7.48 0.05 -1.60
C LEU C 74 6.87 -1.04 -0.73
N VAL C 75 7.26 -2.28 -0.98
CA VAL C 75 6.79 -3.43 -0.20
C VAL C 75 8.00 -4.14 0.38
N ASP C 76 8.10 -4.17 1.71
CA ASP C 76 9.21 -4.81 2.40
C ASP C 76 9.02 -6.32 2.41
N SER C 77 10.04 -7.06 1.98
CA SER C 77 9.89 -8.51 1.87
C SER C 77 9.80 -9.18 3.22
N GLU C 78 10.37 -8.57 4.28
CA GLU C 78 10.27 -9.14 5.62
C GLU C 78 9.03 -8.64 6.36
N LYS C 79 8.90 -7.31 6.48
CA LYS C 79 7.81 -6.74 7.27
C LYS C 79 6.45 -6.99 6.63
N ASP C 80 6.38 -6.94 5.30
CA ASP C 80 5.12 -7.05 4.57
C ASP C 80 5.01 -8.36 3.81
N ALA C 81 5.56 -9.45 4.37
CA ALA C 81 5.62 -10.71 3.65
C ALA C 81 4.24 -11.23 3.29
N ALA C 82 3.25 -11.00 4.18
CA ALA C 82 1.93 -11.56 3.96
C ALA C 82 1.21 -10.86 2.80
N VAL C 83 1.22 -9.53 2.79
CA VAL C 83 0.54 -8.81 1.71
C VAL C 83 1.31 -8.95 0.40
N ALA C 84 2.63 -9.09 0.47
CA ALA C 84 3.41 -9.33 -0.74
C ALA C 84 2.99 -10.65 -1.40
N LYS C 85 2.77 -11.69 -0.60
CA LYS C 85 2.31 -12.96 -1.13
C LYS C 85 0.90 -12.83 -1.69
N LYS C 86 0.04 -12.05 -1.02
CA LYS C 86 -1.33 -11.88 -1.51
C LYS C 86 -1.36 -11.17 -2.85
N LEU C 87 -0.47 -10.19 -3.05
CA LEU C 87 -0.41 -9.44 -4.29
C LEU C 87 0.43 -10.11 -5.36
N GLY C 88 1.10 -11.22 -5.04
CA GLY C 88 1.91 -11.90 -6.01
C GLY C 88 3.27 -11.28 -6.25
N LEU C 89 3.85 -10.64 -5.24
CA LEU C 89 5.19 -10.05 -5.34
C LEU C 89 6.17 -11.09 -4.83
N THR C 90 6.91 -11.73 -5.75
CA THR C 90 7.73 -12.87 -5.40
C THR C 90 9.22 -12.71 -5.71
N GLU C 91 9.59 -11.82 -6.62
CA GLU C 91 10.99 -11.70 -7.05
C GLU C 91 11.57 -10.42 -6.46
N VAL C 92 12.52 -10.59 -5.54
CA VAL C 92 13.18 -9.45 -4.90
C VAL C 92 13.82 -8.55 -5.96
N ASP C 93 13.64 -7.25 -5.81
CA ASP C 93 14.13 -6.15 -6.65
C ASP C 93 13.33 -6.00 -7.93
N SER C 94 12.25 -6.74 -8.12
CA SER C 94 11.33 -6.51 -9.23
C SER C 94 10.27 -5.50 -8.82
N MET C 95 9.83 -4.71 -9.80
CA MET C 95 8.76 -3.74 -9.62
C MET C 95 7.53 -4.26 -10.36
N TYR C 96 6.45 -4.48 -9.63
CA TYR C 96 5.23 -5.04 -10.19
C TYR C 96 4.24 -3.93 -10.48
N VAL C 97 3.78 -3.87 -11.72
CA VAL C 97 2.91 -2.79 -12.19
C VAL C 97 1.52 -3.36 -12.42
N PHE C 98 0.54 -2.79 -11.72
CA PHE C 98 -0.85 -3.26 -11.77
C PHE C 98 -1.64 -2.34 -12.69
N LYS C 99 -1.99 -2.85 -13.87
CA LYS C 99 -2.86 -2.14 -14.81
C LYS C 99 -4.05 -3.05 -15.11
N GLY C 100 -5.26 -2.57 -14.82
CA GLY C 100 -6.44 -3.40 -15.04
C GLY C 100 -6.34 -4.70 -14.30
N ASP C 101 -6.60 -5.80 -15.01
CA ASP C 101 -6.52 -7.14 -14.45
C ASP C 101 -5.13 -7.75 -14.54
N GLU C 102 -4.15 -7.03 -15.08
CA GLU C 102 -2.83 -7.57 -15.34
C GLU C 102 -1.81 -7.08 -14.33
N VAL C 103 -0.80 -7.91 -14.09
CA VAL C 103 0.35 -7.56 -13.26
C VAL C 103 1.59 -7.70 -14.12
N ILE C 104 2.29 -6.59 -14.33
CA ILE C 104 3.44 -6.52 -15.23
C ILE C 104 4.70 -6.40 -14.39
N GLU C 105 5.63 -7.33 -14.57
CA GLU C 105 6.89 -7.31 -13.84
C GLU C 105 7.91 -6.47 -14.59
N TYR C 106 8.46 -5.47 -13.91
CA TYR C 106 9.58 -4.69 -14.42
C TYR C 106 10.87 -5.24 -13.81
N ASP C 107 11.81 -5.62 -14.67
CA ASP C 107 13.09 -6.17 -14.26
C ASP C 107 14.19 -5.58 -15.12
N GLY C 108 14.25 -4.25 -15.16
CA GLY C 108 15.20 -3.56 -16.01
C GLY C 108 15.99 -2.48 -15.29
N GLU C 109 16.65 -1.61 -16.05
CA GLU C 109 17.50 -0.58 -15.48
C GLU C 109 16.72 0.30 -14.52
N PHE C 110 17.26 0.50 -13.32
CA PHE C 110 16.59 1.30 -12.30
C PHE C 110 17.06 2.76 -12.40
N SER C 111 16.56 3.41 -13.46
CA SER C 111 16.77 4.83 -13.68
C SER C 111 15.41 5.50 -13.87
N ALA C 112 15.32 6.77 -13.47
CA ALA C 112 14.04 7.48 -13.55
C ALA C 112 13.51 7.51 -14.98
N ASP C 113 14.37 7.80 -15.96
CA ASP C 113 13.89 7.94 -17.33
C ASP C 113 13.47 6.59 -17.90
N THR C 114 14.23 5.53 -17.61
CA THR C 114 13.85 4.21 -18.10
C THR C 114 12.55 3.74 -17.47
N ILE C 115 12.34 4.04 -16.19
CA ILE C 115 11.12 3.62 -15.51
C ILE C 115 9.92 4.44 -16.01
N VAL C 116 10.09 5.75 -16.18
CA VAL C 116 9.01 6.57 -16.71
C VAL C 116 8.66 6.14 -18.13
N GLU C 117 9.68 5.88 -18.96
CA GLU C 117 9.42 5.41 -20.32
C GLU C 117 8.66 4.09 -20.30
N PHE C 118 9.00 3.20 -19.37
CA PHE C 118 8.30 1.93 -19.27
C PHE C 118 6.84 2.14 -18.88
N LEU C 119 6.59 2.99 -17.88
CA LEU C 119 5.22 3.25 -17.46
C LEU C 119 4.41 3.90 -18.58
N LEU C 120 5.04 4.79 -19.35
CA LEU C 120 4.35 5.39 -20.50
C LEU C 120 3.94 4.32 -21.51
N ASP C 121 4.81 3.33 -21.72
CA ASP C 121 4.46 2.22 -22.60
C ASP C 121 3.34 1.37 -22.00
N VAL C 122 3.36 1.18 -20.68
CA VAL C 122 2.31 0.42 -20.01
C VAL C 122 0.96 1.11 -20.19
N LEU C 123 0.95 2.45 -20.15
CA LEU C 123 -0.30 3.19 -20.27
C LEU C 123 -0.89 3.14 -21.68
N GLU C 124 -0.10 2.78 -22.69
CA GLU C 124 -0.62 2.69 -24.04
C GLU C 124 -1.52 1.47 -24.21
N ASP C 125 -2.39 1.54 -25.21
CA ASP C 125 -3.22 0.40 -25.56
C ASP C 125 -2.35 -0.76 -26.04
N PRO C 126 -2.75 -2.01 -25.79
CA PRO C 126 -1.87 -3.14 -26.08
C PRO C 126 -1.83 -3.60 -27.54
N VAL C 127 -2.74 -3.11 -28.40
CA VAL C 127 -2.77 -3.51 -29.80
C VAL C 127 -2.64 -2.26 -30.67
N GLU C 128 -1.71 -2.29 -31.61
CA GLU C 128 -1.51 -1.22 -32.58
C GLU C 128 -2.11 -1.66 -33.91
N LEU C 129 -2.89 -0.77 -34.54
CA LEU C 129 -3.53 -1.10 -35.81
C LEU C 129 -2.61 -0.78 -36.97
N ILE C 130 -2.73 -1.56 -38.04
CA ILE C 130 -1.97 -1.36 -39.27
C ILE C 130 -2.97 -1.17 -40.40
N GLU C 131 -2.89 -0.03 -41.08
CA GLU C 131 -3.77 0.29 -42.19
C GLU C 131 -2.99 1.08 -43.23
N GLY C 132 -2.97 0.59 -44.45
CA GLY C 132 -2.28 1.28 -45.53
C GLY C 132 -0.85 0.81 -45.69
N GLU C 133 -0.28 1.13 -46.87
CA GLU C 133 1.05 0.66 -47.22
C GLU C 133 2.13 1.27 -46.34
N ARG C 134 1.96 2.53 -45.91
CA ARG C 134 3.01 3.19 -45.15
C ARG C 134 3.09 2.65 -43.72
N GLU C 135 1.93 2.41 -43.10
CA GLU C 135 1.94 1.77 -41.78
C GLU C 135 2.46 0.35 -41.86
N LEU C 136 2.23 -0.32 -42.99
CA LEU C 136 2.78 -1.67 -43.17
C LEU C 136 4.30 -1.63 -43.20
N GLN C 137 4.88 -0.61 -43.85
CA GLN C 137 6.33 -0.47 -43.86
C GLN C 137 6.85 -0.25 -42.45
N ALA C 138 6.13 0.54 -41.64
CA ALA C 138 6.52 0.75 -40.26
C ALA C 138 6.52 -0.57 -39.49
N PHE C 139 5.53 -1.43 -39.74
CA PHE C 139 5.54 -2.76 -39.12
C PHE C 139 6.76 -3.55 -39.56
N GLU C 140 7.04 -3.56 -40.87
CA GLU C 140 8.15 -4.35 -41.39
C GLU C 140 9.51 -3.80 -40.96
N ASN C 141 9.58 -2.53 -40.55
CA ASN C 141 10.85 -1.98 -40.07
C ASN C 141 11.23 -2.51 -38.70
N ILE C 142 10.28 -3.04 -37.94
CA ILE C 142 10.58 -3.56 -36.61
C ILE C 142 11.33 -4.88 -36.74
N GLU C 143 12.50 -4.96 -36.09
CA GLU C 143 13.27 -6.21 -36.15
C GLU C 143 13.93 -6.61 -34.83
N ASP C 144 14.21 -5.68 -33.92
CA ASP C 144 14.95 -6.02 -32.70
C ASP C 144 14.05 -6.52 -31.57
N GLU C 145 12.81 -6.89 -31.88
CA GLU C 145 11.92 -7.43 -30.87
C GLU C 145 10.93 -8.38 -31.53
N ILE C 146 10.41 -9.31 -30.72
CA ILE C 146 9.34 -10.19 -31.19
C ILE C 146 8.10 -9.35 -31.48
N LYS C 147 7.40 -9.70 -32.55
CA LYS C 147 6.17 -9.01 -32.90
C LYS C 147 5.17 -10.02 -33.46
N LEU C 148 3.89 -9.76 -33.20
CA LEU C 148 2.79 -10.56 -33.73
C LEU C 148 1.86 -9.65 -34.51
N ILE C 149 1.29 -10.17 -35.60
CA ILE C 149 0.31 -9.44 -36.38
C ILE C 149 -0.80 -10.40 -36.79
N GLY C 150 -2.04 -9.96 -36.64
CA GLY C 150 -3.18 -10.78 -36.99
C GLY C 150 -4.14 -10.03 -37.89
N TYR C 151 -4.85 -10.79 -38.72
CA TYR C 151 -5.81 -10.26 -39.69
C TYR C 151 -7.21 -10.65 -39.25
N PHE C 152 -8.03 -9.65 -38.96
CA PHE C 152 -9.38 -9.87 -38.45
C PHE C 152 -10.37 -9.00 -39.21
N LYS C 153 -11.65 -9.36 -39.10
CA LYS C 153 -12.69 -8.66 -39.85
C LYS C 153 -12.86 -7.23 -39.36
N SER C 154 -13.01 -7.04 -38.05
CA SER C 154 -13.16 -5.72 -37.46
C SER C 154 -12.82 -5.81 -35.97
N LYS C 155 -12.85 -4.66 -35.30
CA LYS C 155 -12.66 -4.66 -33.86
C LYS C 155 -13.78 -5.37 -33.13
N ASP C 156 -14.94 -5.58 -33.77
CA ASP C 156 -16.02 -6.33 -33.17
C ASP C 156 -15.86 -7.84 -33.32
N SER C 157 -14.83 -8.29 -34.02
CA SER C 157 -14.60 -9.73 -34.18
C SER C 157 -14.27 -10.37 -32.85
N GLU C 158 -14.94 -11.49 -32.57
CA GLU C 158 -14.60 -12.28 -31.39
C GLU C 158 -13.13 -12.66 -31.37
N HIS C 159 -12.54 -12.89 -32.54
CA HIS C 159 -11.15 -13.32 -32.61
C HIS C 159 -10.18 -12.17 -32.42
N TYR C 160 -10.55 -10.95 -32.86
CA TYR C 160 -9.74 -9.80 -32.51
C TYR C 160 -9.74 -9.57 -31.01
N LYS C 161 -10.89 -9.76 -30.35
CA LYS C 161 -10.97 -9.54 -28.92
C LYS C 161 -10.09 -10.53 -28.16
N ALA C 162 -10.04 -11.78 -28.62
CA ALA C 162 -9.12 -12.75 -28.02
C ALA C 162 -7.67 -12.35 -28.27
N PHE C 163 -7.39 -11.82 -29.47
CA PHE C 163 -6.06 -11.32 -29.79
C PHE C 163 -5.65 -10.20 -28.84
N GLU C 164 -6.58 -9.29 -28.54
CA GLU C 164 -6.29 -8.20 -27.61
C GLU C 164 -6.12 -8.71 -26.18
N ASP C 165 -6.91 -9.73 -25.81
CA ASP C 165 -6.72 -10.34 -24.50
C ASP C 165 -5.32 -10.93 -24.36
N ALA C 166 -4.84 -11.60 -25.40
CA ALA C 166 -3.50 -12.17 -25.37
C ALA C 166 -2.43 -11.08 -25.39
N ALA C 167 -2.69 -9.97 -26.07
CA ALA C 167 -1.73 -8.88 -26.09
C ALA C 167 -1.50 -8.32 -24.69
N GLU C 168 -2.57 -8.22 -23.89
CA GLU C 168 -2.45 -7.65 -22.56
C GLU C 168 -1.55 -8.49 -21.66
N GLU C 169 -1.43 -9.79 -21.94
CA GLU C 169 -0.61 -10.66 -21.11
C GLU C 169 0.89 -10.42 -21.28
N PHE C 170 1.31 -9.87 -22.42
CA PHE C 170 2.72 -9.62 -22.67
C PHE C 170 3.04 -8.13 -22.76
N HIS C 171 2.06 -7.28 -22.43
CA HIS C 171 2.23 -5.83 -22.48
C HIS C 171 3.23 -5.38 -21.42
N PRO C 172 4.15 -4.48 -21.78
CA PRO C 172 4.36 -3.90 -23.12
C PRO C 172 5.59 -4.48 -23.81
N TYR C 173 5.96 -5.72 -23.48
CA TYR C 173 7.23 -6.26 -23.95
C TYR C 173 7.16 -6.81 -25.37
N ILE C 174 6.00 -7.33 -25.78
CA ILE C 174 5.85 -7.87 -27.13
C ILE C 174 4.76 -7.09 -27.85
N PRO C 175 5.11 -6.30 -28.87
CA PRO C 175 4.09 -5.53 -29.59
C PRO C 175 3.18 -6.43 -30.40
N PHE C 176 1.87 -6.29 -30.18
CA PHE C 176 0.85 -6.97 -30.96
C PHE C 176 0.28 -5.99 -31.97
N PHE C 177 0.13 -6.44 -33.21
CA PHE C 177 -0.45 -5.63 -34.28
C PHE C 177 -1.66 -6.33 -34.86
N ALA C 178 -2.65 -5.55 -35.25
CA ALA C 178 -3.85 -6.08 -35.90
C ALA C 178 -4.15 -5.25 -37.14
N THR C 179 -4.63 -5.92 -38.19
CA THR C 179 -5.09 -5.22 -39.38
C THR C 179 -6.47 -5.73 -39.77
N PHE C 180 -7.32 -4.81 -40.20
CA PHE C 180 -8.57 -5.14 -40.87
C PHE C 180 -8.48 -4.85 -42.35
N ASP C 181 -7.30 -4.52 -42.84
CA ASP C 181 -7.05 -4.11 -44.22
C ASP C 181 -6.69 -5.35 -45.03
N SER C 182 -7.55 -5.71 -45.99
CA SER C 182 -7.31 -6.90 -46.80
C SER C 182 -6.09 -6.74 -47.70
N LYS C 183 -5.80 -5.51 -48.14
CA LYS C 183 -4.60 -5.28 -48.94
C LYS C 183 -3.33 -5.50 -48.12
N VAL C 184 -3.33 -5.03 -46.87
CA VAL C 184 -2.20 -5.29 -45.97
C VAL C 184 -2.09 -6.78 -45.71
N ALA C 185 -3.21 -7.44 -45.42
CA ALA C 185 -3.19 -8.87 -45.14
C ALA C 185 -2.64 -9.66 -46.32
N LYS C 186 -3.03 -9.30 -47.53
CA LYS C 186 -2.53 -9.98 -48.72
C LYS C 186 -1.01 -9.86 -48.84
N LYS C 187 -0.49 -8.66 -48.60
CA LYS C 187 0.96 -8.46 -48.67
C LYS C 187 1.68 -9.32 -47.63
N LEU C 188 1.13 -9.43 -46.43
CA LEU C 188 1.71 -10.25 -45.38
C LEU C 188 1.36 -11.73 -45.54
N THR C 189 0.55 -12.09 -46.53
CA THR C 189 0.06 -13.44 -46.76
C THR C 189 -0.75 -13.97 -45.57
N LEU C 190 -1.44 -13.06 -44.88
CA LEU C 190 -2.30 -13.43 -43.76
C LEU C 190 -3.70 -13.76 -44.27
N LYS C 191 -4.18 -14.95 -43.91
CA LYS C 191 -5.59 -15.27 -44.11
C LYS C 191 -6.40 -14.73 -42.92
N LEU C 192 -7.71 -14.67 -43.10
CA LEU C 192 -8.57 -14.14 -42.06
C LEU C 192 -8.46 -14.99 -40.80
N ASN C 193 -8.24 -14.33 -39.66
CA ASN C 193 -8.08 -14.88 -38.32
C ASN C 193 -6.72 -15.51 -38.11
N GLU C 194 -5.81 -15.46 -39.10
CA GLU C 194 -4.45 -15.94 -38.90
C GLU C 194 -3.61 -14.93 -38.14
N ILE C 195 -2.68 -15.44 -37.35
CA ILE C 195 -1.72 -14.63 -36.60
C ILE C 195 -0.32 -15.10 -36.97
N ASP C 196 0.51 -14.18 -37.42
CA ASP C 196 1.90 -14.47 -37.74
C ASP C 196 2.80 -14.00 -36.61
N PHE C 197 3.67 -14.89 -36.16
CA PHE C 197 4.64 -14.62 -35.12
C PHE C 197 6.00 -14.35 -35.76
N TYR C 198 6.54 -13.16 -35.54
CA TYR C 198 7.87 -12.80 -36.05
C TYR C 198 8.86 -12.84 -34.90
N GLU C 199 9.68 -13.89 -34.87
CA GLU C 199 10.84 -13.90 -33.98
C GLU C 199 11.75 -12.72 -34.31
N ALA C 200 12.41 -12.19 -33.28
CA ALA C 200 13.27 -11.03 -33.47
C ALA C 200 14.34 -11.33 -34.52
N PHE C 201 14.56 -10.36 -35.41
CA PHE C 201 15.57 -10.37 -36.46
C PHE C 201 15.33 -11.43 -37.53
N MET C 202 14.16 -12.08 -37.53
CA MET C 202 13.84 -13.07 -38.53
C MET C 202 13.05 -12.44 -39.67
N GLU C 203 13.34 -12.88 -40.90
CA GLU C 203 12.57 -12.40 -42.05
C GLU C 203 11.29 -13.17 -42.24
N GLU C 204 11.27 -14.46 -41.89
CA GLU C 204 10.12 -15.31 -42.13
C GLU C 204 9.36 -15.57 -40.83
N PRO C 205 8.06 -15.35 -40.82
CA PRO C 205 7.27 -15.59 -39.60
C PRO C 205 6.89 -17.05 -39.43
N VAL C 206 6.33 -17.34 -38.25
CA VAL C 206 5.69 -18.62 -37.97
C VAL C 206 4.22 -18.35 -37.74
N THR C 207 3.37 -19.03 -38.49
CA THR C 207 1.93 -18.86 -38.34
C THR C 207 1.43 -19.72 -37.18
N ILE C 208 0.67 -19.10 -36.27
CA ILE C 208 0.15 -19.83 -35.11
C ILE C 208 -0.86 -20.84 -35.60
N PRO C 209 -0.68 -22.13 -35.31
CA PRO C 209 -1.63 -23.13 -35.81
C PRO C 209 -2.95 -23.08 -35.07
N GLY C 210 -3.95 -23.70 -35.70
CA GLY C 210 -5.25 -23.84 -35.07
C GLY C 210 -6.14 -22.62 -35.10
N LYS C 211 -6.10 -21.83 -36.17
CA LYS C 211 -6.98 -20.68 -36.27
C LYS C 211 -8.44 -21.14 -36.36
N PRO C 212 -9.38 -20.33 -35.82
CA PRO C 212 -9.13 -19.09 -35.07
C PRO C 212 -8.52 -19.38 -33.70
N ASN C 213 -7.74 -18.45 -33.19
CA ASN C 213 -6.96 -18.66 -31.97
C ASN C 213 -7.65 -18.00 -30.78
N SER C 214 -7.92 -18.81 -29.75
CA SER C 214 -8.33 -18.28 -28.47
C SER C 214 -7.17 -17.57 -27.78
N GLU C 215 -7.48 -16.84 -26.72
CA GLU C 215 -6.42 -16.20 -25.96
C GLU C 215 -5.43 -17.22 -25.43
N GLU C 216 -5.93 -18.36 -24.95
CA GLU C 216 -5.04 -19.38 -24.41
C GLU C 216 -4.11 -19.93 -25.49
N GLU C 217 -4.63 -20.12 -26.70
CA GLU C 217 -3.79 -20.64 -27.78
C GLU C 217 -2.67 -19.66 -28.14
N ILE C 218 -2.99 -18.37 -28.18
CA ILE C 218 -1.97 -17.36 -28.47
C ILE C 218 -0.95 -17.31 -27.34
N VAL C 219 -1.43 -17.28 -26.09
CA VAL C 219 -0.52 -17.19 -24.95
C VAL C 219 0.39 -18.41 -24.89
N ASN C 220 -0.17 -19.60 -25.10
CA ASN C 220 0.64 -20.81 -25.07
C ASN C 220 1.69 -20.79 -26.17
N PHE C 221 1.32 -20.32 -27.37
CA PHE C 221 2.28 -20.26 -28.47
C PHE C 221 3.41 -19.29 -28.16
N VAL C 222 3.08 -18.09 -27.68
CA VAL C 222 4.10 -17.09 -27.41
C VAL C 222 5.05 -17.55 -26.32
N GLU C 223 4.53 -18.17 -25.25
CA GLU C 223 5.38 -18.65 -24.18
C GLU C 223 6.33 -19.75 -24.65
N GLU C 224 5.90 -20.53 -25.64
CA GLU C 224 6.78 -21.57 -26.18
C GLU C 224 7.87 -20.98 -27.06
N HIS C 225 7.58 -19.88 -27.77
CA HIS C 225 8.54 -19.24 -28.67
C HIS C 225 9.11 -17.95 -28.07
N ARG C 226 9.27 -17.91 -26.75
CA ARG C 226 9.60 -16.65 -26.08
C ARG C 226 11.04 -16.23 -26.33
N ARG C 227 11.96 -17.18 -26.49
CA ARG C 227 13.38 -16.87 -26.58
C ARG C 227 13.81 -16.87 -28.04
N SER C 228 14.19 -15.70 -28.55
CA SER C 228 14.69 -15.59 -29.91
C SER C 228 16.13 -16.11 -30.00
N THR C 229 16.48 -16.62 -31.19
CA THR C 229 17.86 -17.03 -31.44
C THR C 229 18.82 -15.87 -31.24
N LEU C 230 18.42 -14.67 -31.66
CA LEU C 230 19.19 -13.46 -31.44
C LEU C 230 18.29 -12.44 -30.75
N ARG C 231 18.66 -12.02 -29.56
CA ARG C 231 17.90 -11.02 -28.83
C ARG C 231 18.81 -9.88 -28.41
N LYS C 232 18.27 -8.66 -28.46
CA LYS C 232 19.02 -7.45 -28.14
C LYS C 232 18.79 -7.09 -26.69
N LEU C 233 19.86 -6.88 -25.95
CA LEU C 233 19.74 -6.40 -24.58
C LEU C 233 19.18 -4.98 -24.58
N LYS C 234 18.13 -4.77 -23.82
CA LYS C 234 17.46 -3.48 -23.74
C LYS C 234 17.34 -3.04 -22.29
N PRO C 235 17.53 -1.75 -22.00
CA PRO C 235 17.48 -1.29 -20.61
C PRO C 235 16.18 -1.65 -19.89
N GLU C 236 15.03 -1.59 -20.59
CA GLU C 236 13.76 -1.87 -19.95
C GLU C 236 13.65 -3.29 -19.43
N SER C 237 14.46 -4.22 -19.97
CA SER C 237 14.33 -5.63 -19.60
C SER C 237 15.69 -6.31 -19.41
N MET C 238 16.75 -5.54 -19.12
CA MET C 238 18.10 -6.09 -19.18
C MET C 238 18.30 -7.22 -18.18
N TYR C 239 17.72 -7.10 -16.98
CA TYR C 239 17.94 -8.13 -15.97
C TYR C 239 17.09 -9.37 -16.23
N GLU C 240 15.87 -9.19 -16.74
CA GLU C 240 15.07 -10.33 -17.15
C GLU C 240 15.79 -11.17 -18.20
N THR C 241 16.40 -10.50 -19.19
CA THR C 241 17.14 -11.21 -20.23
C THR C 241 18.38 -11.87 -19.66
N TRP C 242 19.14 -11.13 -18.84
CA TRP C 242 20.39 -11.67 -18.30
C TRP C 242 20.12 -12.84 -17.35
N GLU C 243 19.01 -12.81 -16.62
CA GLU C 243 18.67 -13.92 -15.73
C GLU C 243 18.13 -15.13 -16.48
N ASP C 244 17.81 -15.00 -17.77
CA ASP C 244 17.31 -16.10 -18.57
C ASP C 244 18.48 -16.81 -19.29
N ASP C 245 19.40 -17.32 -18.48
CA ASP C 245 20.61 -17.92 -19.02
C ASP C 245 20.34 -19.31 -19.57
N MET C 246 21.22 -19.73 -20.47
CA MET C 246 21.15 -21.05 -21.10
C MET C 246 22.16 -21.94 -20.38
N ASP C 247 21.69 -22.64 -19.34
CA ASP C 247 22.50 -23.61 -18.61
C ASP C 247 23.74 -22.95 -18.00
N GLY C 248 23.57 -21.73 -17.50
CA GLY C 248 24.62 -21.04 -16.77
C GLY C 248 25.51 -20.12 -17.58
N ILE C 249 25.28 -20.01 -18.89
CA ILE C 249 26.10 -19.16 -19.74
C ILE C 249 25.21 -18.35 -20.68
N HIS C 250 25.76 -17.23 -21.16
CA HIS C 250 25.23 -16.49 -22.29
C HIS C 250 26.30 -16.42 -23.37
N ILE C 251 25.89 -16.57 -24.62
CA ILE C 251 26.70 -16.13 -25.75
C ILE C 251 26.40 -14.66 -25.97
N VAL C 252 27.42 -13.82 -25.85
CA VAL C 252 27.26 -12.37 -25.86
C VAL C 252 28.01 -11.79 -27.03
N ALA C 253 27.32 -11.01 -27.85
CA ALA C 253 27.92 -10.33 -29.00
C ALA C 253 27.83 -8.83 -28.77
N PHE C 254 28.99 -8.18 -28.75
CA PHE C 254 29.07 -6.72 -28.67
C PHE C 254 29.23 -6.18 -30.08
N ALA C 255 28.34 -5.27 -30.47
CA ALA C 255 28.42 -4.64 -31.78
C ALA C 255 27.74 -3.29 -31.72
N GLU C 256 28.48 -2.24 -32.09
CA GLU C 256 27.92 -0.90 -32.19
C GLU C 256 27.31 -0.74 -33.58
N GLU C 257 25.98 -0.70 -33.64
CA GLU C 257 25.28 -0.68 -34.92
C GLU C 257 25.69 0.51 -35.77
N ALA C 258 25.94 1.66 -35.12
CA ALA C 258 26.28 2.88 -35.85
C ALA C 258 27.66 2.79 -36.50
N ASP C 259 28.57 2.05 -35.89
CA ASP C 259 29.93 1.95 -36.41
C ASP C 259 29.96 1.04 -37.63
N PRO C 260 30.71 1.42 -38.68
CA PRO C 260 30.74 0.56 -39.89
C PRO C 260 31.21 -0.86 -39.63
N ASP C 261 32.18 -1.04 -38.73
CA ASP C 261 32.62 -2.40 -38.41
C ASP C 261 31.59 -3.12 -37.56
N GLY C 262 30.95 -2.42 -36.63
CA GLY C 262 29.85 -3.02 -35.90
C GLY C 262 28.70 -3.42 -36.81
N PHE C 263 28.37 -2.55 -37.78
CA PHE C 263 27.35 -2.88 -38.77
C PHE C 263 27.73 -4.13 -39.55
N GLU C 264 28.99 -4.24 -39.95
CA GLU C 264 29.44 -5.40 -40.71
C GLU C 264 29.28 -6.67 -39.91
N PHE C 265 29.70 -6.66 -38.65
CA PHE C 265 29.58 -7.85 -37.81
C PHE C 265 28.12 -8.18 -37.54
N LEU C 266 27.28 -7.15 -37.41
CA LEU C 266 25.86 -7.39 -37.13
C LEU C 266 25.18 -8.06 -38.32
N GLU C 267 25.56 -7.68 -39.55
CA GLU C 267 25.01 -8.35 -40.73
C GLU C 267 25.30 -9.84 -40.68
N THR C 268 26.55 -10.21 -40.43
CA THR C 268 26.94 -11.62 -40.36
C THR C 268 26.19 -12.33 -39.25
N LEU C 269 26.08 -11.69 -38.08
CA LEU C 269 25.39 -12.30 -36.95
C LEU C 269 23.93 -12.57 -37.26
N LYS C 270 23.26 -11.59 -37.88
CA LYS C 270 21.85 -11.78 -38.22
C LYS C 270 21.67 -12.89 -39.25
N ALA C 271 22.59 -12.99 -40.21
CA ALA C 271 22.47 -14.03 -41.24
C ALA C 271 22.70 -15.41 -40.66
N VAL C 272 23.69 -15.55 -39.76
CA VAL C 272 23.96 -16.83 -39.14
C VAL C 272 22.81 -17.23 -38.21
N ALA C 273 22.25 -16.25 -37.49
CA ALA C 273 21.12 -16.54 -36.62
C ALA C 273 19.91 -17.04 -37.40
N GLN C 274 19.63 -16.41 -38.55
CA GLN C 274 18.53 -16.85 -39.39
C GLN C 274 18.76 -18.26 -39.93
N ASP C 275 19.99 -18.55 -40.36
CA ASP C 275 20.30 -19.87 -40.90
C ASP C 275 20.27 -20.96 -39.82
N ASN C 276 20.38 -20.59 -38.54
CA ASN C 276 20.38 -21.54 -37.44
C ASN C 276 19.21 -21.30 -36.49
N THR C 277 18.14 -20.66 -36.96
CA THR C 277 17.09 -20.22 -36.04
C THR C 277 16.26 -21.37 -35.49
N GLU C 278 16.30 -22.55 -36.12
CA GLU C 278 15.52 -23.66 -35.61
C GLU C 278 16.20 -24.38 -34.44
N ASN C 279 17.46 -24.09 -34.18
CA ASN C 279 18.18 -24.70 -33.07
C ASN C 279 17.66 -24.14 -31.75
N PRO C 280 16.98 -24.94 -30.91
CA PRO C 280 16.47 -24.40 -29.64
C PRO C 280 17.56 -24.18 -28.60
N ASP C 281 18.77 -24.71 -28.81
CA ASP C 281 19.86 -24.55 -27.87
C ASP C 281 20.68 -23.29 -28.11
N LEU C 282 20.44 -22.58 -29.21
CA LEU C 282 21.24 -21.41 -29.57
C LEU C 282 20.46 -20.14 -29.24
N SER C 283 21.05 -19.29 -28.42
CA SER C 283 20.51 -17.97 -28.13
C SER C 283 21.66 -17.03 -27.87
N ILE C 284 21.67 -15.90 -28.59
CA ILE C 284 22.75 -14.93 -28.53
C ILE C 284 22.18 -13.61 -28.05
N ILE C 285 22.86 -12.97 -27.09
CA ILE C 285 22.50 -11.64 -26.64
C ILE C 285 23.38 -10.64 -27.37
N TRP C 286 22.77 -9.77 -28.17
CA TRP C 286 23.46 -8.66 -28.78
C TRP C 286 23.39 -7.45 -27.85
N ILE C 287 24.54 -6.97 -27.42
CA ILE C 287 24.65 -5.73 -26.66
C ILE C 287 25.28 -4.69 -27.57
N ASP C 288 24.56 -3.60 -27.82
CA ASP C 288 25.16 -2.42 -28.44
C ASP C 288 25.72 -1.57 -27.31
N PRO C 289 27.05 -1.42 -27.20
CA PRO C 289 27.61 -0.66 -26.07
C PRO C 289 27.14 0.78 -26.01
N ASP C 290 26.69 1.34 -27.14
CA ASP C 290 26.11 2.69 -27.12
C ASP C 290 24.85 2.77 -26.27
N ASP C 291 24.19 1.63 -26.03
CA ASP C 291 22.98 1.63 -25.22
C ASP C 291 23.27 1.54 -23.72
N PHE C 292 24.50 1.23 -23.32
CA PHE C 292 24.84 1.09 -21.91
C PHE C 292 26.20 1.74 -21.63
N PRO C 293 26.29 3.07 -21.80
CA PRO C 293 27.60 3.73 -21.59
C PRO C 293 28.17 3.53 -20.19
N LEU C 294 27.33 3.49 -19.16
CA LEU C 294 27.84 3.33 -17.80
C LEU C 294 28.43 1.95 -17.54
N LEU C 295 28.22 0.98 -18.43
CA LEU C 295 28.77 -0.36 -18.27
C LEU C 295 29.98 -0.63 -19.14
N VAL C 296 30.34 0.28 -20.04
CA VAL C 296 31.41 -0.01 -21.00
C VAL C 296 32.76 -0.19 -20.30
N PRO C 297 33.21 0.71 -19.40
CA PRO C 297 34.47 0.42 -18.70
C PRO C 297 34.40 -0.82 -17.83
N TYR C 298 33.25 -1.06 -17.17
CA TYR C 298 33.08 -2.29 -16.40
C TYR C 298 33.25 -3.53 -17.27
N TRP C 299 32.63 -3.53 -18.46
CA TRP C 299 32.73 -4.68 -19.33
C TRP C 299 34.16 -4.88 -19.84
N GLU C 300 34.81 -3.80 -20.27
CA GLU C 300 36.17 -3.92 -20.79
C GLU C 300 37.12 -4.45 -19.71
N LYS C 301 36.90 -4.06 -18.46
CA LYS C 301 37.74 -4.55 -17.37
C LYS C 301 37.35 -5.97 -16.95
N THR C 302 36.06 -6.27 -16.92
CA THR C 302 35.62 -7.58 -16.45
C THR C 302 35.89 -8.66 -17.49
N PHE C 303 35.57 -8.38 -18.76
CA PHE C 303 35.74 -9.34 -19.83
C PHE C 303 37.09 -9.24 -20.52
N ASP C 304 37.85 -8.16 -20.28
CA ASP C 304 39.16 -7.94 -20.90
C ASP C 304 39.06 -7.93 -22.42
N ILE C 305 38.18 -7.04 -22.93
CA ILE C 305 37.96 -6.90 -24.36
C ILE C 305 37.92 -5.41 -24.70
N ASP C 306 38.17 -5.13 -25.99
CA ASP C 306 38.15 -3.78 -26.52
C ASP C 306 36.78 -3.54 -27.15
N LEU C 307 35.94 -2.78 -26.45
CA LEU C 307 34.57 -2.55 -26.93
C LEU C 307 34.48 -1.52 -28.03
N SER C 308 35.60 -0.95 -28.49
CA SER C 308 35.60 -0.17 -29.71
C SER C 308 35.54 -1.06 -30.95
N ALA C 309 35.70 -2.37 -30.79
CA ALA C 309 35.65 -3.35 -31.86
C ALA C 309 34.56 -4.37 -31.58
N PRO C 310 33.97 -4.99 -32.61
CA PRO C 310 32.98 -6.03 -32.39
C PRO C 310 33.59 -7.22 -31.66
N GLN C 311 32.77 -7.88 -30.84
CA GLN C 311 33.21 -9.02 -30.05
C GLN C 311 32.08 -10.04 -29.95
N ILE C 312 32.43 -11.30 -29.81
CA ILE C 312 31.47 -12.34 -29.44
C ILE C 312 32.17 -13.35 -28.55
N GLY C 313 31.48 -13.80 -27.51
CA GLY C 313 32.09 -14.72 -26.58
C GLY C 313 31.06 -15.38 -25.68
N VAL C 314 31.58 -16.15 -24.74
CA VAL C 314 30.76 -16.88 -23.77
C VAL C 314 30.99 -16.26 -22.40
N VAL C 315 29.90 -15.92 -21.71
CA VAL C 315 29.97 -15.33 -20.39
C VAL C 315 29.28 -16.27 -19.41
N ASN C 316 30.01 -16.64 -18.35
CA ASN C 316 29.43 -17.43 -17.28
C ASN C 316 28.72 -16.50 -16.30
N VAL C 317 27.45 -16.77 -16.03
CA VAL C 317 26.65 -15.85 -15.22
C VAL C 317 26.92 -15.97 -13.72
N THR C 318 27.69 -16.98 -13.30
CA THR C 318 27.97 -17.14 -11.89
C THR C 318 29.05 -16.18 -11.42
N ASP C 319 30.15 -16.07 -12.17
CA ASP C 319 31.27 -15.24 -11.74
C ASP C 319 31.84 -14.38 -12.87
N ALA C 320 31.09 -14.18 -13.95
CA ALA C 320 31.46 -13.33 -15.08
C ALA C 320 32.74 -13.79 -15.77
N ASP C 321 33.19 -15.02 -15.52
CA ASP C 321 34.26 -15.59 -16.31
C ASP C 321 33.84 -15.68 -17.77
N SER C 322 34.80 -15.53 -18.68
CA SER C 322 34.43 -15.39 -20.09
C SER C 322 35.58 -15.82 -20.99
N VAL C 323 35.21 -16.18 -22.22
CA VAL C 323 36.16 -16.44 -23.30
C VAL C 323 35.59 -15.80 -24.56
N TRP C 324 36.46 -15.26 -25.41
CA TRP C 324 36.04 -14.47 -26.55
C TRP C 324 36.74 -14.92 -27.82
N MET C 325 36.05 -14.77 -28.94
CA MET C 325 36.66 -15.08 -30.24
C MET C 325 37.81 -14.12 -30.50
N GLU C 326 38.96 -14.69 -30.87
CA GLU C 326 40.14 -13.87 -31.18
C GLU C 326 39.99 -13.23 -32.56
N MET C 327 40.22 -11.92 -32.60
CA MET C 327 40.29 -11.17 -33.85
C MET C 327 41.47 -10.21 -33.75
N ASP C 328 42.23 -10.09 -34.84
CA ASP C 328 43.38 -9.17 -34.84
C ASP C 328 42.95 -7.77 -34.43
N ASP C 329 41.89 -7.26 -35.04
CA ASP C 329 41.32 -5.96 -34.72
C ASP C 329 39.91 -5.92 -35.31
N GLU C 330 39.32 -4.73 -35.34
CA GLU C 330 37.96 -4.57 -35.82
C GLU C 330 37.79 -4.92 -37.28
N GLU C 331 38.87 -4.96 -38.06
CA GLU C 331 38.78 -5.30 -39.47
C GLU C 331 38.88 -6.80 -39.71
N ASP C 332 39.16 -7.59 -38.68
CA ASP C 332 39.38 -9.03 -38.80
C ASP C 332 38.15 -9.80 -38.33
N LEU C 333 37.03 -9.48 -38.94
CA LEU C 333 35.76 -10.10 -38.57
C LEU C 333 35.65 -11.49 -39.17
N PRO C 334 34.97 -12.40 -38.48
CA PRO C 334 34.76 -13.74 -39.04
C PRO C 334 33.76 -13.71 -40.20
N SER C 335 33.96 -14.61 -41.15
CA SER C 335 32.94 -14.85 -42.16
C SER C 335 31.75 -15.57 -41.52
N ALA C 336 30.67 -15.67 -42.29
CA ALA C 336 29.49 -16.37 -41.79
C ALA C 336 29.80 -17.81 -41.42
N GLU C 337 30.63 -18.48 -42.23
CA GLU C 337 30.98 -19.87 -41.94
C GLU C 337 31.88 -19.96 -40.71
N GLU C 338 32.83 -19.04 -40.57
CA GLU C 338 33.70 -19.04 -39.38
C GLU C 338 32.90 -18.76 -38.11
N LEU C 339 31.95 -17.82 -38.19
CA LEU C 339 31.12 -17.55 -37.01
C LEU C 339 30.27 -18.76 -36.66
N GLU C 340 29.70 -19.43 -37.65
CA GLU C 340 28.92 -20.63 -37.38
C GLU C 340 29.79 -21.73 -36.77
N ASP C 341 31.02 -21.89 -37.28
CA ASP C 341 31.93 -22.87 -36.70
C ASP C 341 32.22 -22.57 -35.24
N TRP C 342 32.39 -21.30 -34.90
CA TRP C 342 32.65 -20.91 -33.52
C TRP C 342 31.44 -21.20 -32.64
N LEU C 343 30.25 -20.85 -33.12
CA LEU C 343 29.03 -21.13 -32.36
C LEU C 343 28.84 -22.62 -32.13
N GLU C 344 29.13 -23.44 -33.15
CA GLU C 344 29.02 -24.89 -32.99
C GLU C 344 29.98 -25.39 -31.92
N ASP C 345 31.24 -24.91 -31.96
CA ASP C 345 32.21 -25.31 -30.94
C ASP C 345 31.71 -24.94 -29.54
N VAL C 346 31.11 -23.75 -29.40
CA VAL C 346 30.57 -23.34 -28.11
C VAL C 346 29.47 -24.28 -27.66
N LEU C 347 28.51 -24.56 -28.55
CA LEU C 347 27.38 -25.40 -28.18
C LEU C 347 27.81 -26.83 -27.84
N GLU C 348 28.88 -27.31 -28.46
CA GLU C 348 29.40 -28.64 -28.18
C GLU C 348 30.35 -28.68 -26.99
N GLY C 349 30.63 -27.53 -26.38
CA GLY C 349 31.55 -27.47 -25.26
C GLY C 349 33.01 -27.41 -25.66
N GLU C 350 33.33 -27.44 -26.94
CA GLU C 350 34.72 -27.37 -27.37
C GLU C 350 35.34 -26.03 -27.01
N ILE C 351 34.53 -24.98 -26.95
CA ILE C 351 34.95 -23.67 -26.44
C ILE C 351 34.09 -23.37 -25.23
N ASN C 352 34.74 -23.19 -24.07
CA ASN C 352 34.02 -22.90 -22.84
C ASN C 352 34.89 -22.02 -21.96
N THR C 353 34.30 -21.53 -20.87
CA THR C 353 35.01 -20.64 -19.95
C THR C 353 35.89 -21.40 -18.97
N GLU C 354 35.63 -22.68 -18.74
CA GLU C 354 36.43 -23.47 -17.81
C GLU C 354 37.63 -24.10 -18.50
N GLN D 1 23.54 -10.12 -12.01
CA GLN D 1 24.40 -9.03 -11.58
C GLN D 1 25.81 -9.19 -12.11
N GLU D 2 26.37 -10.39 -11.98
CA GLU D 2 27.72 -10.66 -12.43
C GLU D 2 27.80 -10.52 -13.95
N GLY D 3 28.66 -9.63 -14.41
CA GLY D 3 28.74 -9.30 -15.82
C GLY D 3 27.78 -8.24 -16.27
N LEU D 4 26.99 -7.66 -15.36
CA LEU D 4 25.98 -6.67 -15.69
C LEU D 4 25.70 -5.84 -14.45
N ASP D 5 26.75 -5.25 -13.88
CA ASP D 5 26.70 -4.56 -12.59
C ASP D 5 26.99 -3.07 -12.81
N PHE D 6 25.95 -2.25 -12.76
CA PHE D 6 26.13 -0.81 -12.90
C PHE D 6 27.04 -0.28 -11.80
N PRO D 7 27.88 0.71 -12.10
CA PRO D 7 28.73 1.28 -11.05
C PRO D 7 27.92 2.15 -10.09
N GLU D 8 28.26 2.03 -8.81
CA GLU D 8 27.67 2.86 -7.76
C GLU D 8 28.75 3.74 -7.17
N TYR D 9 28.43 5.01 -6.97
CA TYR D 9 29.41 5.98 -6.51
C TYR D 9 30.01 5.56 -5.17
N ASP D 10 31.35 5.46 -5.13
CA ASP D 10 32.05 4.95 -3.96
C ASP D 10 32.34 6.03 -2.93
N GLY D 11 31.92 7.27 -3.16
CA GLY D 11 32.12 8.33 -2.19
C GLY D 11 33.47 9.01 -2.25
N VAL D 12 34.38 8.57 -3.12
CA VAL D 12 35.67 9.23 -3.24
C VAL D 12 35.51 10.56 -3.94
N ASP D 13 36.19 11.59 -3.41
CA ASP D 13 36.10 12.94 -3.95
C ASP D 13 37.06 13.07 -5.13
N ARG D 14 36.52 12.94 -6.35
CA ARG D 14 37.32 13.06 -7.57
C ARG D 14 37.08 14.34 -8.33
N VAL D 15 35.93 14.98 -8.14
CA VAL D 15 35.59 16.24 -8.81
C VAL D 15 35.73 17.36 -7.80
N ILE D 16 36.68 18.26 -8.05
CA ILE D 16 36.98 19.34 -7.12
C ILE D 16 36.91 20.67 -7.87
N ASN D 17 36.87 21.76 -7.10
CA ASN D 17 36.89 23.09 -7.68
C ASN D 17 38.24 23.36 -8.31
N VAL D 18 38.23 23.77 -9.57
CA VAL D 18 39.45 24.12 -10.29
C VAL D 18 39.60 25.62 -10.24
N ASN D 19 40.76 26.10 -9.76
CA ASN D 19 40.97 27.50 -9.51
C ASN D 19 42.36 27.90 -9.98
N ALA D 20 42.71 29.17 -9.76
CA ALA D 20 43.99 29.69 -10.23
C ALA D 20 45.16 28.98 -9.58
N LYS D 21 44.98 28.45 -8.37
CA LYS D 21 46.09 27.84 -7.65
C LYS D 21 46.42 26.44 -8.14
N ASN D 22 45.43 25.69 -8.64
CA ASN D 22 45.63 24.29 -8.95
C ASN D 22 45.38 23.90 -10.40
N TYR D 23 44.95 24.84 -11.26
CA TYR D 23 44.42 24.42 -12.55
C TYR D 23 45.51 23.85 -13.46
N LYS D 24 46.76 24.31 -13.33
CA LYS D 24 47.82 23.75 -14.15
C LYS D 24 48.12 22.31 -13.77
N ASN D 25 48.12 22.01 -12.46
CA ASN D 25 48.38 20.63 -12.03
C ASN D 25 47.21 19.72 -12.35
N VAL D 26 45.98 20.23 -12.34
CA VAL D 26 44.82 19.41 -12.69
C VAL D 26 44.87 19.04 -14.17
N PHE D 27 45.30 19.98 -15.02
CA PHE D 27 45.46 19.68 -16.44
C PHE D 27 46.56 18.65 -16.67
N LYS D 28 47.66 18.76 -15.91
CA LYS D 28 48.73 17.77 -16.04
C LYS D 28 48.29 16.39 -15.57
N LYS D 29 47.33 16.33 -14.63
CA LYS D 29 46.95 15.05 -14.05
C LYS D 29 46.12 14.21 -15.02
N TYR D 30 45.31 14.85 -15.88
CA TYR D 30 44.36 14.15 -16.73
C TYR D 30 44.72 14.35 -18.20
N GLU D 31 44.55 13.28 -18.99
CA GLU D 31 44.73 13.39 -20.43
C GLU D 31 43.60 14.19 -21.06
N VAL D 32 42.37 13.94 -20.63
CA VAL D 32 41.20 14.69 -21.06
C VAL D 32 40.52 15.27 -19.82
N LEU D 33 40.24 16.56 -19.84
CA LEU D 33 39.68 17.26 -18.69
C LEU D 33 38.38 17.94 -19.08
N ALA D 34 37.33 17.71 -18.29
CA ALA D 34 36.01 18.30 -18.52
C ALA D 34 35.71 19.24 -17.35
N LEU D 35 35.50 20.51 -17.66
CA LEU D 35 35.27 21.55 -16.65
C LEU D 35 33.85 22.08 -16.78
N LEU D 36 33.05 21.93 -15.72
CA LEU D 36 31.72 22.53 -15.68
C LEU D 36 31.84 23.98 -15.22
N TYR D 37 31.49 24.90 -16.12
CA TYR D 37 31.52 26.33 -15.83
C TYR D 37 30.14 26.74 -15.31
N HIS D 38 30.08 27.09 -14.03
CA HIS D 38 28.81 27.32 -13.35
C HIS D 38 28.85 28.61 -12.55
N GLU D 39 27.68 29.23 -12.41
CA GLU D 39 27.50 30.29 -11.44
C GLU D 39 27.36 29.69 -10.04
N PRO D 40 27.72 30.44 -9.00
CA PRO D 40 27.52 29.94 -7.64
C PRO D 40 26.03 29.70 -7.37
N PRO D 41 25.69 28.60 -6.71
CA PRO D 41 24.27 28.26 -6.53
C PRO D 41 23.55 29.29 -5.67
N GLU D 42 22.32 29.59 -6.06
CA GLU D 42 21.53 30.56 -5.32
C GLU D 42 21.04 29.96 -4.01
N ASP D 43 20.68 30.86 -3.08
CA ASP D 43 20.62 30.48 -1.65
C ASP D 43 19.51 29.48 -1.34
N ASP D 44 18.43 29.46 -2.13
CA ASP D 44 17.25 28.67 -1.80
C ASP D 44 17.58 27.18 -1.75
N LYS D 45 16.89 26.47 -0.84
CA LYS D 45 17.14 25.05 -0.65
C LYS D 45 16.83 24.24 -1.90
N ALA D 46 16.00 24.74 -2.81
CA ALA D 46 15.73 24.02 -4.05
C ALA D 46 16.93 24.08 -5.00
N SER D 47 17.53 25.27 -5.13
CA SER D 47 18.71 25.40 -5.99
C SER D 47 19.95 24.76 -5.38
N GLN D 48 20.00 24.69 -4.04
CA GLN D 48 21.12 24.00 -3.40
C GLN D 48 21.05 22.50 -3.66
N ARG D 49 19.85 21.94 -3.69
CA ARG D 49 19.71 20.53 -4.03
C ARG D 49 20.10 20.27 -5.47
N GLN D 50 19.66 21.14 -6.39
CA GLN D 50 19.97 20.94 -7.81
C GLN D 50 21.47 20.99 -8.06
N PHE D 51 22.21 21.79 -7.28
CA PHE D 51 23.65 21.87 -7.50
C PHE D 51 24.38 20.67 -6.92
N GLU D 52 23.92 20.15 -5.78
CA GLU D 52 24.56 18.98 -5.20
C GLU D 52 24.35 17.75 -6.07
N MET D 53 23.14 17.60 -6.64
CA MET D 53 22.88 16.44 -7.49
C MET D 53 23.75 16.47 -8.73
N GLU D 54 23.96 17.65 -9.31
CA GLU D 54 24.75 17.74 -10.53
C GLU D 54 26.23 17.47 -10.28
N GLU D 55 26.74 17.85 -9.11
CA GLU D 55 28.12 17.49 -8.79
C GLU D 55 28.25 15.99 -8.54
N LEU D 56 27.24 15.38 -7.92
CA LEU D 56 27.26 13.94 -7.74
C LEU D 56 27.18 13.20 -9.07
N ILE D 57 26.49 13.78 -10.06
CA ILE D 57 26.46 13.18 -11.38
C ILE D 57 27.85 13.18 -11.99
N LEU D 58 28.58 14.29 -11.86
CA LEU D 58 29.95 14.34 -12.34
C LEU D 58 30.86 13.40 -11.56
N GLU D 59 30.59 13.24 -10.26
CA GLU D 59 31.39 12.31 -9.47
C GLU D 59 31.24 10.89 -9.97
N LEU D 60 30.02 10.48 -10.33
CA LEU D 60 29.83 9.15 -10.89
C LEU D 60 30.52 9.02 -12.24
N ALA D 61 30.42 10.06 -13.08
CA ALA D 61 31.11 10.03 -14.37
C ALA D 61 32.62 9.99 -14.18
N ALA D 62 33.14 10.73 -13.20
CA ALA D 62 34.57 10.72 -12.94
C ALA D 62 35.04 9.35 -12.47
N GLN D 63 34.19 8.65 -11.71
CA GLN D 63 34.55 7.32 -11.23
C GLN D 63 34.55 6.30 -12.37
N VAL D 64 33.53 6.37 -13.24
CA VAL D 64 33.42 5.42 -14.34
C VAL D 64 34.57 5.60 -15.33
N LEU D 65 35.00 6.84 -15.55
CA LEU D 65 35.98 7.15 -16.59
C LEU D 65 37.38 7.37 -16.06
N GLU D 66 37.63 7.08 -14.78
CA GLU D 66 38.95 7.36 -14.22
C GLU D 66 40.04 6.55 -14.91
N ASP D 67 39.78 5.27 -15.19
CA ASP D 67 40.83 4.44 -15.78
C ASP D 67 41.13 4.82 -17.22
N LYS D 68 40.24 5.54 -17.89
CA LYS D 68 40.49 6.00 -19.25
C LYS D 68 41.11 7.39 -19.30
N GLY D 69 41.55 7.92 -18.16
CA GLY D 69 42.28 9.16 -18.15
C GLY D 69 41.45 10.41 -18.22
N VAL D 70 40.17 10.34 -17.89
CA VAL D 70 39.27 11.49 -17.95
C VAL D 70 39.13 12.08 -16.55
N GLY D 71 39.14 13.41 -16.48
CA GLY D 71 38.91 14.09 -15.23
C GLY D 71 37.80 15.12 -15.37
N PHE D 72 37.18 15.43 -14.25
CA PHE D 72 36.10 16.40 -14.18
C PHE D 72 36.42 17.44 -13.10
N GLY D 73 36.14 18.71 -13.41
CA GLY D 73 36.35 19.78 -12.46
C GLY D 73 35.23 20.80 -12.54
N LEU D 74 35.19 21.67 -11.53
CA LEU D 74 34.20 22.72 -11.43
C LEU D 74 34.89 24.08 -11.41
N VAL D 75 34.36 25.02 -12.18
CA VAL D 75 34.91 26.37 -12.26
C VAL D 75 33.79 27.36 -11.93
N ASP D 76 34.01 28.16 -10.89
CA ASP D 76 33.02 29.13 -10.41
C ASP D 76 33.13 30.41 -11.24
N SER D 77 32.03 30.82 -11.85
CA SER D 77 32.06 31.99 -12.73
C SER D 77 32.42 33.26 -11.96
N GLU D 78 32.07 33.31 -10.68
CA GLU D 78 32.41 34.47 -9.84
C GLU D 78 33.79 34.31 -9.20
N LYS D 79 33.97 33.25 -8.40
CA LYS D 79 35.21 33.07 -7.66
C LYS D 79 36.40 32.86 -8.59
N ASP D 80 36.20 32.12 -9.68
CA ASP D 80 37.28 31.73 -10.58
C ASP D 80 37.19 32.44 -11.94
N ALA D 81 36.72 33.70 -11.94
CA ALA D 81 36.52 34.42 -13.19
C ALA D 81 37.82 34.61 -13.96
N ALA D 82 38.94 34.78 -13.25
CA ALA D 82 40.21 35.02 -13.92
C ALA D 82 40.66 33.80 -14.71
N VAL D 83 40.70 32.63 -14.06
CA VAL D 83 41.14 31.43 -14.75
C VAL D 83 40.11 30.99 -15.79
N ALA D 84 38.83 31.28 -15.55
CA ALA D 84 37.81 30.97 -16.56
C ALA D 84 38.05 31.76 -17.84
N LYS D 85 38.49 33.01 -17.72
CA LYS D 85 38.79 33.81 -18.90
C LYS D 85 40.03 33.29 -19.61
N LYS D 86 41.02 32.82 -18.86
CA LYS D 86 42.22 32.26 -19.48
C LYS D 86 41.90 30.99 -20.26
N LEU D 87 41.02 30.15 -19.73
CA LEU D 87 40.69 28.87 -20.33
C LEU D 87 39.61 28.97 -21.40
N GLY D 88 38.94 30.11 -21.53
CA GLY D 88 37.91 30.27 -22.53
C GLY D 88 36.54 29.78 -22.13
N LEU D 89 36.24 29.71 -20.84
CA LEU D 89 34.92 29.30 -20.37
C LEU D 89 34.05 30.54 -20.29
N THR D 90 33.04 30.61 -21.17
CA THR D 90 32.22 31.81 -21.29
C THR D 90 30.73 31.57 -21.13
N GLU D 91 30.24 30.36 -21.37
CA GLU D 91 28.80 30.08 -21.35
C GLU D 91 28.47 29.35 -20.06
N VAL D 92 27.72 30.02 -19.18
CA VAL D 92 27.31 29.44 -17.91
C VAL D 92 26.55 28.14 -18.15
N ASP D 93 26.84 27.13 -17.32
CA ASP D 93 26.24 25.80 -17.32
C ASP D 93 26.70 24.93 -18.47
N SER D 94 27.68 25.36 -19.25
CA SER D 94 28.30 24.51 -20.25
C SER D 94 29.51 23.79 -19.66
N MET D 95 29.78 22.60 -20.16
CA MET D 95 30.92 21.80 -19.73
C MET D 95 31.93 21.76 -20.87
N TYR D 96 33.13 22.27 -20.61
CA TYR D 96 34.17 22.40 -21.63
C TYR D 96 35.15 21.25 -21.49
N VAL D 97 35.29 20.47 -22.56
CA VAL D 97 36.13 19.28 -22.59
C VAL D 97 37.40 19.60 -23.36
N PHE D 98 38.55 19.43 -22.72
CA PHE D 98 39.84 19.73 -23.32
C PHE D 98 40.50 18.43 -23.77
N LYS D 99 40.57 18.23 -25.08
CA LYS D 99 41.25 17.07 -25.66
C LYS D 99 42.29 17.56 -26.66
N GLY D 100 43.55 17.27 -26.38
CA GLY D 100 44.61 17.74 -27.26
C GLY D 100 44.63 19.24 -27.33
N ASP D 101 44.61 19.78 -28.55
CA ASP D 101 44.59 21.22 -28.76
C ASP D 101 43.19 21.79 -28.89
N GLU D 102 42.16 20.98 -28.67
CA GLU D 102 40.78 21.40 -28.91
C GLU D 102 40.02 21.60 -27.61
N VAL D 103 39.02 22.47 -27.68
CA VAL D 103 38.07 22.70 -26.58
C VAL D 103 36.68 22.38 -27.12
N ILE D 104 35.99 21.45 -26.46
CA ILE D 104 34.69 20.96 -26.91
C ILE D 104 33.64 21.38 -25.89
N GLU D 105 32.65 22.15 -26.33
CA GLU D 105 31.59 22.60 -25.44
C GLU D 105 30.48 21.55 -25.39
N TYR D 106 30.19 21.06 -24.18
CA TYR D 106 29.05 20.18 -23.95
C TYR D 106 27.88 21.03 -23.45
N ASP D 107 26.77 20.98 -24.19
CA ASP D 107 25.55 21.72 -23.88
C ASP D 107 24.35 20.79 -24.03
N GLY D 108 24.42 19.63 -23.36
CA GLY D 108 23.38 18.63 -23.49
C GLY D 108 22.76 18.21 -22.19
N GLU D 109 21.98 17.13 -22.22
CA GLU D 109 21.33 16.63 -21.02
C GLU D 109 22.37 16.30 -19.94
N PHE D 110 22.12 16.78 -18.73
CA PHE D 110 23.07 16.63 -17.63
C PHE D 110 22.69 15.39 -16.82
N SER D 111 23.03 14.23 -17.38
CA SER D 111 22.88 12.96 -16.68
C SER D 111 24.16 12.17 -16.84
N ALA D 112 24.41 11.27 -15.89
CA ALA D 112 25.70 10.57 -15.85
C ALA D 112 25.91 9.75 -17.12
N ASP D 113 24.87 9.06 -17.61
CA ASP D 113 25.06 8.18 -18.75
C ASP D 113 25.26 8.99 -20.04
N THR D 114 24.49 10.06 -20.22
CA THR D 114 24.67 10.89 -21.40
C THR D 114 26.06 11.53 -21.41
N ILE D 115 26.53 11.97 -20.24
CA ILE D 115 27.85 12.59 -20.13
C ILE D 115 28.94 11.56 -20.38
N VAL D 116 28.81 10.36 -19.82
CA VAL D 116 29.81 9.33 -20.04
C VAL D 116 29.84 8.92 -21.50
N GLU D 117 28.66 8.77 -22.12
CA GLU D 117 28.62 8.42 -23.54
C GLU D 117 29.26 9.51 -24.39
N PHE D 118 29.05 10.77 -24.05
CA PHE D 118 29.68 11.86 -24.78
C PHE D 118 31.19 11.81 -24.63
N LEU D 119 31.69 11.61 -23.41
CA LEU D 119 33.12 11.53 -23.20
C LEU D 119 33.73 10.34 -23.93
N LEU D 120 33.04 9.21 -23.95
CA LEU D 120 33.54 8.07 -24.73
C LEU D 120 33.62 8.40 -26.20
N ASP D 121 32.64 9.16 -26.71
CA ASP D 121 32.72 9.62 -28.10
C ASP D 121 33.88 10.58 -28.30
N VAL D 122 34.13 11.46 -27.32
CA VAL D 122 35.24 12.39 -27.42
C VAL D 122 36.57 11.65 -27.50
N LEU D 123 36.69 10.55 -26.74
CA LEU D 123 37.93 9.77 -26.73
C LEU D 123 38.21 9.08 -28.07
N GLU D 124 37.19 8.85 -28.89
CA GLU D 124 37.42 8.19 -30.17
C GLU D 124 38.17 9.11 -31.12
N ASP D 125 38.80 8.49 -32.13
CA ASP D 125 39.46 9.26 -33.17
C ASP D 125 38.42 10.00 -34.02
N PRO D 126 38.78 11.18 -34.56
CA PRO D 126 37.78 12.03 -35.22
C PRO D 126 37.40 11.59 -36.64
N VAL D 127 38.14 10.68 -37.28
CA VAL D 127 37.83 10.26 -38.64
C VAL D 127 37.59 8.76 -38.65
N GLU D 128 36.47 8.34 -39.23
CA GLU D 128 36.13 6.94 -39.41
C GLU D 128 36.38 6.54 -40.86
N LEU D 129 37.11 5.45 -41.05
CA LEU D 129 37.43 5.00 -42.40
C LEU D 129 36.28 4.18 -42.99
N ILE D 130 36.18 4.20 -44.31
CA ILE D 130 35.18 3.45 -45.06
C ILE D 130 35.90 2.60 -46.10
N GLU D 131 35.81 1.28 -45.97
CA GLU D 131 36.40 0.37 -46.94
C GLU D 131 35.44 -0.78 -47.19
N GLY D 132 35.18 -1.06 -48.47
CA GLY D 132 34.30 -2.13 -48.84
C GLY D 132 32.84 -1.70 -48.93
N GLU D 133 32.04 -2.57 -49.57
CA GLU D 133 30.64 -2.23 -49.82
C GLU D 133 29.82 -2.23 -48.54
N ARG D 134 30.14 -3.09 -47.58
CA ARG D 134 29.31 -3.17 -46.37
C ARG D 134 29.54 -1.96 -45.48
N GLU D 135 30.79 -1.51 -45.34
CA GLU D 135 31.03 -0.26 -44.62
C GLU D 135 30.42 0.93 -45.34
N LEU D 136 30.38 0.89 -46.67
CA LEU D 136 29.72 1.95 -47.43
C LEU D 136 28.24 2.01 -47.07
N GLN D 137 27.59 0.85 -46.98
CA GLN D 137 26.18 0.81 -46.61
C GLN D 137 25.96 1.41 -45.22
N ALA D 138 26.89 1.15 -44.29
CA ALA D 138 26.76 1.73 -42.96
C ALA D 138 26.82 3.25 -43.02
N PHE D 139 27.70 3.79 -43.88
CA PHE D 139 27.74 5.24 -44.09
C PHE D 139 26.42 5.74 -44.65
N GLU D 140 25.89 5.05 -45.66
CA GLU D 140 24.67 5.51 -46.33
C GLU D 140 23.46 5.46 -45.39
N ASN D 141 23.49 4.57 -44.39
CA ASN D 141 22.38 4.48 -43.45
C ASN D 141 22.28 5.69 -42.53
N ILE D 142 23.34 6.48 -42.40
CA ILE D 142 23.30 7.65 -41.53
C ILE D 142 22.43 8.72 -42.15
N GLU D 143 21.40 9.17 -41.41
CA GLU D 143 20.52 10.22 -41.89
C GLU D 143 20.19 11.31 -40.88
N ASP D 144 20.23 11.05 -39.58
CA ASP D 144 19.75 12.03 -38.60
C ASP D 144 20.83 13.01 -38.16
N GLU D 145 21.94 13.12 -38.90
CA GLU D 145 22.99 14.04 -38.54
C GLU D 145 23.76 14.42 -39.79
N ILE D 146 24.39 15.60 -39.74
CA ILE D 146 25.30 16.03 -40.79
C ILE D 146 26.46 15.05 -40.86
N LYS D 147 26.93 14.78 -42.09
CA LYS D 147 28.08 13.92 -42.26
C LYS D 147 28.90 14.39 -43.45
N LEU D 148 30.20 14.15 -43.40
CA LEU D 148 31.12 14.44 -44.50
C LEU D 148 31.90 13.19 -44.84
N ILE D 149 32.20 13.02 -46.12
CA ILE D 149 33.02 11.91 -46.57
C ILE D 149 33.95 12.39 -47.68
N GLY D 150 35.23 12.02 -47.58
CA GLY D 150 36.21 12.40 -48.56
C GLY D 150 36.99 11.20 -49.06
N TYR D 151 37.53 11.35 -50.27
CA TYR D 151 38.29 10.30 -50.93
C TYR D 151 39.73 10.78 -51.07
N PHE D 152 40.66 10.04 -50.48
CA PHE D 152 42.07 10.42 -50.48
C PHE D 152 42.90 9.20 -50.84
N LYS D 153 44.18 9.44 -51.12
CA LYS D 153 45.06 8.35 -51.56
C LYS D 153 45.35 7.40 -50.41
N SER D 154 45.71 7.93 -49.25
CA SER D 154 46.03 7.13 -48.08
C SER D 154 46.02 8.03 -46.86
N LYS D 155 46.30 7.45 -45.69
CA LYS D 155 46.42 8.24 -44.47
C LYS D 155 47.63 9.16 -44.51
N ASP D 156 48.61 8.89 -45.38
CA ASP D 156 49.77 9.74 -45.52
C ASP D 156 49.53 10.91 -46.45
N SER D 157 48.35 11.01 -47.06
CA SER D 157 48.04 12.12 -47.93
C SER D 157 47.93 13.42 -47.15
N GLU D 158 48.56 14.47 -47.69
CA GLU D 158 48.44 15.79 -47.09
C GLU D 158 46.98 16.23 -46.98
N HIS D 159 46.15 15.82 -47.93
CA HIS D 159 44.76 16.26 -47.93
C HIS D 159 43.90 15.44 -46.97
N TYR D 160 44.28 14.19 -46.70
CA TYR D 160 43.63 13.47 -45.61
C TYR D 160 43.96 14.12 -44.27
N LYS D 161 45.21 14.54 -44.09
CA LYS D 161 45.61 15.15 -42.82
C LYS D 161 44.89 16.46 -42.58
N ALA D 162 44.65 17.23 -43.65
CA ALA D 162 43.85 18.45 -43.50
C ALA D 162 42.40 18.11 -43.20
N PHE D 163 41.89 17.03 -43.79
CA PHE D 163 40.53 16.57 -43.50
C PHE D 163 40.41 16.18 -42.03
N GLU D 164 41.40 15.48 -41.49
CA GLU D 164 41.38 15.08 -40.09
C GLU D 164 41.52 16.29 -39.17
N ASP D 165 42.32 17.29 -39.58
CA ASP D 165 42.43 18.52 -38.81
C ASP D 165 41.07 19.21 -38.72
N ALA D 166 40.31 19.21 -39.80
CA ALA D 166 38.98 19.82 -39.78
C ALA D 166 38.02 19.00 -38.93
N ALA D 167 38.15 17.67 -38.96
CA ALA D 167 37.28 16.81 -38.16
C ALA D 167 37.44 17.11 -36.67
N GLU D 168 38.66 17.42 -36.24
CA GLU D 168 38.91 17.70 -34.83
C GLU D 168 38.20 18.96 -34.37
N GLU D 169 37.92 19.90 -35.28
CA GLU D 169 37.24 21.13 -34.91
C GLU D 169 35.79 20.90 -34.53
N PHE D 170 35.15 19.88 -35.11
CA PHE D 170 33.73 19.62 -34.88
C PHE D 170 33.48 18.36 -34.06
N HIS D 171 34.52 17.67 -33.62
CA HIS D 171 34.44 16.44 -32.85
C HIS D 171 33.75 16.65 -31.51
N PRO D 172 32.84 15.75 -31.12
CA PRO D 172 32.37 14.58 -31.86
C PRO D 172 30.97 14.79 -32.43
N TYR D 173 30.61 16.03 -32.74
CA TYR D 173 29.24 16.33 -33.14
C TYR D 173 28.98 16.05 -34.62
N ILE D 174 29.98 16.18 -35.48
CA ILE D 174 29.79 15.94 -36.91
C ILE D 174 30.72 14.80 -37.32
N PRO D 175 30.18 13.64 -37.71
CA PRO D 175 31.05 12.53 -38.13
C PRO D 175 31.73 12.82 -39.46
N PHE D 176 33.05 12.71 -39.48
CA PHE D 176 33.85 12.79 -40.69
C PHE D 176 34.25 11.39 -41.12
N PHE D 177 34.11 11.10 -42.41
CA PHE D 177 34.46 9.81 -42.97
C PHE D 177 35.47 10.01 -44.09
N ALA D 178 36.42 9.08 -44.18
CA ALA D 178 37.42 9.09 -45.24
C ALA D 178 37.48 7.70 -45.88
N THR D 179 37.60 7.67 -47.20
CA THR D 179 37.83 6.42 -47.90
C THR D 179 39.07 6.51 -48.76
N PHE D 180 39.84 5.43 -48.79
CA PHE D 180 40.93 5.25 -49.73
C PHE D 180 40.58 4.22 -50.79
N ASP D 181 39.31 3.80 -50.81
CA ASP D 181 38.82 2.74 -51.68
C ASP D 181 38.25 3.37 -52.94
N SER D 182 38.94 3.19 -54.07
CA SER D 182 38.47 3.79 -55.31
C SER D 182 37.10 3.27 -55.72
N LYS D 183 36.78 2.02 -55.37
CA LYS D 183 35.46 1.49 -55.71
C LYS D 183 34.36 2.13 -54.86
N VAL D 184 34.65 2.42 -53.60
CA VAL D 184 33.71 3.17 -52.77
C VAL D 184 33.56 4.58 -53.31
N ALA D 185 34.67 5.22 -53.68
CA ALA D 185 34.62 6.58 -54.19
C ALA D 185 33.80 6.67 -55.48
N LYS D 186 33.90 5.66 -56.34
CA LYS D 186 33.15 5.67 -57.59
C LYS D 186 31.64 5.66 -57.32
N LYS D 187 31.20 4.80 -56.40
CA LYS D 187 29.78 4.74 -56.06
C LYS D 187 29.29 6.05 -55.44
N LEU D 188 30.15 6.74 -54.69
CA LEU D 188 29.80 8.03 -54.10
C LEU D 188 30.01 9.19 -55.05
N THR D 189 30.59 8.95 -56.23
CA THR D 189 30.95 9.98 -57.21
C THR D 189 31.99 10.95 -56.66
N LEU D 190 32.85 10.47 -55.78
CA LEU D 190 33.93 11.27 -55.23
C LEU D 190 35.17 11.14 -56.11
N LYS D 191 35.59 12.26 -56.71
CA LYS D 191 36.91 12.29 -57.32
C LYS D 191 37.97 12.41 -56.23
N LEU D 192 39.23 12.20 -56.61
CA LEU D 192 40.31 12.21 -55.63
C LEU D 192 40.38 13.58 -54.95
N ASN D 193 40.50 13.55 -53.62
CA ASN D 193 40.56 14.72 -52.74
C ASN D 193 39.27 15.51 -52.69
N GLU D 194 38.18 15.00 -53.27
CA GLU D 194 36.89 15.65 -53.13
C GLU D 194 36.24 15.26 -51.81
N ILE D 195 35.47 16.19 -51.26
CA ILE D 195 34.77 16.00 -50.01
C ILE D 195 33.30 16.33 -50.23
N ASP D 196 32.42 15.39 -49.91
CA ASP D 196 30.98 15.60 -50.04
C ASP D 196 30.37 15.86 -48.67
N PHE D 197 29.55 16.90 -48.60
CA PHE D 197 28.85 17.29 -47.38
C PHE D 197 27.39 16.85 -47.51
N TYR D 198 26.92 16.06 -46.55
CA TYR D 198 25.54 15.59 -46.52
C TYR D 198 24.79 16.28 -45.39
N GLU D 199 23.88 17.18 -45.75
CA GLU D 199 22.97 17.75 -44.76
C GLU D 199 22.08 16.65 -44.19
N ALA D 200 21.71 16.80 -42.92
CA ALA D 200 20.87 15.80 -42.27
C ALA D 200 19.60 15.58 -43.06
N PHE D 201 19.24 14.31 -43.22
CA PHE D 201 18.02 13.84 -43.89
C PHE D 201 17.97 14.20 -45.37
N MET D 202 19.06 14.69 -45.95
CA MET D 202 19.12 14.96 -47.39
C MET D 202 19.76 13.78 -48.10
N GLU D 203 19.25 13.47 -49.29
CA GLU D 203 19.80 12.38 -50.08
C GLU D 203 20.89 12.84 -51.04
N GLU D 204 20.89 14.12 -51.44
CA GLU D 204 21.92 14.60 -52.36
C GLU D 204 22.94 15.43 -51.62
N PRO D 205 24.23 15.15 -51.75
CA PRO D 205 25.25 15.93 -51.03
C PRO D 205 25.57 17.23 -51.75
N VAL D 206 26.36 18.05 -51.07
CA VAL D 206 26.99 19.23 -51.66
C VAL D 206 28.50 19.01 -51.61
N THR D 207 29.15 19.12 -52.76
CA THR D 207 30.59 18.94 -52.84
C THR D 207 31.28 20.24 -52.45
N ILE D 208 32.26 20.13 -51.55
CA ILE D 208 33.02 21.33 -51.15
C ILE D 208 33.84 21.81 -52.34
N PRO D 209 33.71 23.08 -52.74
CA PRO D 209 34.43 23.57 -53.91
C PRO D 209 35.90 23.82 -53.61
N GLY D 210 36.65 24.09 -54.67
CA GLY D 210 38.04 24.47 -54.53
C GLY D 210 38.98 23.38 -54.08
N LYS D 211 38.74 22.14 -54.48
CA LYS D 211 39.64 21.03 -54.15
C LYS D 211 41.05 21.29 -54.71
N PRO D 212 42.08 20.80 -54.01
CA PRO D 212 42.04 20.12 -52.72
C PRO D 212 41.70 21.10 -51.61
N ASN D 213 41.13 20.59 -50.52
CA ASN D 213 40.64 21.44 -49.44
C ASN D 213 41.61 21.46 -48.28
N SER D 214 42.04 22.66 -47.89
CA SER D 214 42.74 22.86 -46.65
C SER D 214 41.78 22.72 -45.47
N GLU D 215 42.34 22.64 -44.27
CA GLU D 215 41.51 22.65 -43.07
C GLU D 215 40.62 23.88 -43.04
N GLU D 216 41.18 25.04 -43.38
CA GLU D 216 40.41 26.28 -43.37
C GLU D 216 39.23 26.22 -44.32
N GLU D 217 39.43 25.67 -45.52
CA GLU D 217 38.35 25.57 -46.49
C GLU D 217 37.24 24.65 -46.01
N ILE D 218 37.60 23.55 -45.34
CA ILE D 218 36.58 22.63 -44.84
C ILE D 218 35.83 23.26 -43.67
N VAL D 219 36.58 23.87 -42.74
CA VAL D 219 35.96 24.45 -41.55
C VAL D 219 34.99 25.56 -41.94
N ASN D 220 35.42 26.44 -42.85
CA ASN D 220 34.55 27.54 -43.27
C ASN D 220 33.29 27.02 -43.97
N PHE D 221 33.43 25.96 -44.77
CA PHE D 221 32.27 25.39 -45.45
C PHE D 221 31.28 24.80 -44.45
N VAL D 222 31.79 24.02 -43.49
CA VAL D 222 30.89 23.39 -42.51
C VAL D 222 30.18 24.45 -41.69
N GLU D 223 30.90 25.49 -41.26
CA GLU D 223 30.28 26.54 -40.48
C GLU D 223 29.18 27.25 -41.27
N GLU D 224 29.36 27.39 -42.59
CA GLU D 224 28.35 28.03 -43.40
C GLU D 224 27.13 27.13 -43.61
N HIS D 225 27.32 25.81 -43.56
CA HIS D 225 26.23 24.86 -43.77
C HIS D 225 25.84 24.14 -42.48
N ARG D 226 25.99 24.81 -41.35
CA ARG D 226 25.88 24.15 -40.05
C ARG D 226 24.46 23.79 -39.69
N ARG D 227 23.48 24.58 -40.14
CA ARG D 227 22.09 24.43 -39.73
C ARG D 227 21.30 23.67 -40.79
N SER D 228 20.93 22.44 -40.49
CA SER D 228 20.10 21.65 -41.40
C SER D 228 18.66 22.14 -41.41
N THR D 229 18.00 21.94 -42.57
CA THR D 229 16.58 22.29 -42.67
C THR D 229 15.75 21.49 -41.67
N LEU D 230 16.03 20.20 -41.56
CA LEU D 230 15.41 19.33 -40.56
C LEU D 230 16.51 18.73 -39.71
N ARG D 231 16.47 18.97 -38.40
CA ARG D 231 17.43 18.38 -37.49
C ARG D 231 16.71 17.71 -36.34
N LYS D 232 17.31 16.62 -35.85
CA LYS D 232 16.73 15.81 -34.78
C LYS D 232 17.33 16.24 -33.46
N LEU D 233 16.46 16.50 -32.47
CA LEU D 233 16.93 16.87 -31.14
C LEU D 233 17.55 15.64 -30.47
N LYS D 234 18.77 15.81 -29.97
CA LYS D 234 19.50 14.72 -29.37
C LYS D 234 19.93 15.09 -27.96
N PRO D 235 19.85 14.15 -27.01
CA PRO D 235 20.23 14.47 -25.62
C PRO D 235 21.63 15.05 -25.48
N GLU D 236 22.60 14.56 -26.25
CA GLU D 236 23.98 15.04 -26.12
C GLU D 236 24.11 16.53 -26.46
N SER D 237 23.16 17.09 -27.21
CA SER D 237 23.30 18.45 -27.69
C SER D 237 21.98 19.22 -27.63
N MET D 238 21.09 18.83 -26.71
CA MET D 238 19.72 19.33 -26.77
C MET D 238 19.64 20.83 -26.50
N TYR D 239 20.47 21.34 -25.57
CA TYR D 239 20.40 22.76 -25.25
C TYR D 239 21.11 23.61 -26.29
N GLU D 240 22.18 23.09 -26.88
CA GLU D 240 22.83 23.79 -27.99
C GLU D 240 21.84 24.01 -29.13
N THR D 241 21.09 22.97 -29.48
CA THR D 241 20.11 23.08 -30.55
C THR D 241 18.97 24.01 -30.16
N TRP D 242 18.49 23.89 -28.92
CA TRP D 242 17.34 24.70 -28.48
C TRP D 242 17.69 26.18 -28.40
N GLU D 243 18.92 26.51 -28.03
CA GLU D 243 19.36 27.89 -27.95
C GLU D 243 19.72 28.48 -29.30
N ASP D 244 19.74 27.67 -30.35
CA ASP D 244 19.99 28.14 -31.71
C ASP D 244 18.67 28.43 -32.42
N ASP D 245 17.91 29.35 -31.83
CA ASP D 245 16.55 29.61 -32.28
C ASP D 245 16.51 30.55 -33.47
N MET D 246 15.38 30.54 -34.16
CA MET D 246 15.13 31.36 -35.35
C MET D 246 14.13 32.45 -34.96
N ASP D 247 14.62 33.69 -34.80
CA ASP D 247 13.80 34.83 -34.40
C ASP D 247 13.03 34.56 -33.11
N GLY D 248 13.63 33.82 -32.19
CA GLY D 248 12.99 33.52 -30.92
C GLY D 248 11.99 32.38 -30.95
N ILE D 249 11.81 31.70 -32.08
CA ILE D 249 10.82 30.64 -32.19
C ILE D 249 11.46 29.40 -32.82
N HIS D 250 10.87 28.24 -32.52
CA HIS D 250 11.19 26.98 -33.14
C HIS D 250 9.95 26.38 -33.79
N ILE D 251 10.12 25.80 -34.97
CA ILE D 251 9.15 24.86 -35.50
C ILE D 251 9.51 23.47 -34.97
N VAL D 252 8.60 22.88 -34.20
CA VAL D 252 8.87 21.63 -33.49
C VAL D 252 7.91 20.57 -33.99
N ALA D 253 8.46 19.46 -34.48
CA ALA D 253 7.68 18.32 -34.93
C ALA D 253 7.90 17.18 -33.95
N PHE D 254 6.82 16.70 -33.34
CA PHE D 254 6.85 15.51 -32.50
C PHE D 254 6.42 14.31 -33.32
N ALA D 255 7.28 13.30 -33.40
CA ALA D 255 6.97 12.10 -34.16
C ALA D 255 7.74 10.93 -33.57
N GLU D 256 7.02 9.89 -33.15
CA GLU D 256 7.64 8.66 -32.65
C GLU D 256 7.96 7.78 -33.86
N GLU D 257 9.25 7.63 -34.16
CA GLU D 257 9.68 6.98 -35.40
C GLU D 257 9.19 5.54 -35.48
N ALA D 258 9.20 4.82 -34.35
CA ALA D 258 8.80 3.42 -34.34
C ALA D 258 7.29 3.25 -34.48
N ASP D 259 6.50 4.26 -34.12
CA ASP D 259 5.05 4.16 -34.22
C ASP D 259 4.62 4.32 -35.68
N PRO D 260 3.65 3.51 -36.14
CA PRO D 260 3.25 3.61 -37.56
C PRO D 260 2.76 4.99 -37.96
N ASP D 261 1.95 5.65 -37.12
CA ASP D 261 1.51 6.99 -37.45
C ASP D 261 2.66 7.99 -37.39
N GLY D 262 3.55 7.83 -36.41
CA GLY D 262 4.73 8.67 -36.36
C GLY D 262 5.63 8.47 -37.57
N PHE D 263 5.79 7.21 -38.00
CA PHE D 263 6.56 6.92 -39.22
C PHE D 263 5.95 7.60 -40.44
N GLU D 264 4.61 7.51 -40.58
CA GLU D 264 3.93 8.14 -41.70
C GLU D 264 4.19 9.64 -41.74
N PHE D 265 3.97 10.32 -40.61
CA PHE D 265 4.19 11.75 -40.54
C PHE D 265 5.64 12.09 -40.82
N LEU D 266 6.56 11.28 -40.30
CA LEU D 266 7.99 11.52 -40.49
C LEU D 266 8.37 11.44 -41.96
N GLU D 267 7.77 10.49 -42.70
CA GLU D 267 8.02 10.41 -44.13
C GLU D 267 7.66 11.71 -44.83
N THR D 268 6.44 12.21 -44.56
CA THR D 268 5.99 13.44 -45.20
C THR D 268 6.88 14.62 -44.80
N LEU D 269 7.29 14.65 -43.53
CA LEU D 269 8.13 15.75 -43.05
C LEU D 269 9.49 15.75 -43.74
N LYS D 270 10.09 14.58 -43.91
CA LYS D 270 11.38 14.51 -44.60
C LYS D 270 11.25 14.91 -46.07
N ALA D 271 10.15 14.48 -46.73
CA ALA D 271 9.97 14.82 -48.13
C ALA D 271 9.80 16.33 -48.31
N VAL D 272 9.00 16.96 -47.47
CA VAL D 272 8.82 18.41 -47.57
C VAL D 272 10.12 19.13 -47.22
N ALA D 273 10.86 18.62 -46.24
CA ALA D 273 12.15 19.23 -45.89
C ALA D 273 13.12 19.18 -47.06
N GLN D 274 13.11 18.07 -47.81
CA GLN D 274 13.98 17.97 -48.98
C GLN D 274 13.53 18.92 -50.09
N ASP D 275 12.22 19.08 -50.27
CA ASP D 275 11.74 19.96 -51.33
C ASP D 275 11.95 21.43 -51.02
N ASN D 276 12.15 21.79 -49.76
CA ASN D 276 12.33 23.18 -49.36
C ASN D 276 13.67 23.38 -48.66
N THR D 277 14.66 22.53 -48.98
CA THR D 277 15.93 22.58 -48.28
C THR D 277 16.74 23.83 -48.60
N GLU D 278 16.46 24.50 -49.71
CA GLU D 278 17.23 25.68 -50.08
C GLU D 278 16.74 26.95 -49.38
N ASN D 279 15.53 26.92 -48.81
CA ASN D 279 15.02 28.06 -48.06
C ASN D 279 15.88 28.27 -46.82
N PRO D 280 16.61 29.39 -46.73
CA PRO D 280 17.44 29.62 -45.54
C PRO D 280 16.65 29.99 -44.29
N ASP D 281 15.36 30.31 -44.43
CA ASP D 281 14.55 30.68 -43.28
C ASP D 281 13.83 29.49 -42.66
N LEU D 282 13.82 28.33 -43.30
CA LEU D 282 13.10 27.18 -42.81
C LEU D 282 14.02 26.31 -41.96
N SER D 283 13.63 26.06 -40.72
CA SER D 283 14.36 25.16 -39.84
C SER D 283 13.36 24.47 -38.92
N ILE D 284 13.37 23.14 -38.92
CA ILE D 284 12.43 22.33 -38.15
C ILE D 284 13.23 21.42 -37.22
N ILE D 285 12.79 21.35 -35.97
CA ILE D 285 13.37 20.43 -34.99
C ILE D 285 12.43 19.26 -34.83
N TRP D 286 12.91 18.06 -35.16
CA TRP D 286 12.16 16.84 -34.92
C TRP D 286 12.53 16.28 -33.55
N ILE D 287 11.53 16.09 -32.70
CA ILE D 287 11.69 15.45 -31.40
C ILE D 287 10.95 14.12 -31.43
N ASP D 288 11.68 13.04 -31.24
CA ASP D 288 11.03 11.75 -30.99
C ASP D 288 10.78 11.70 -29.49
N PRO D 289 9.52 11.73 -29.05
CA PRO D 289 9.24 11.75 -27.60
C PRO D 289 9.80 10.55 -26.86
N ASP D 290 10.02 9.43 -27.54
CA ASP D 290 10.62 8.27 -26.88
C ASP D 290 12.08 8.50 -26.50
N ASP D 291 12.72 9.56 -27.00
CA ASP D 291 14.06 9.91 -26.59
C ASP D 291 14.10 10.77 -25.35
N PHE D 292 12.97 11.31 -24.91
CA PHE D 292 12.92 12.24 -23.76
C PHE D 292 11.71 11.91 -22.89
N PRO D 293 11.67 10.71 -22.29
CA PRO D 293 10.48 10.35 -21.51
C PRO D 293 10.19 11.29 -20.34
N LEU D 294 11.23 11.81 -19.68
CA LEU D 294 11.00 12.68 -18.54
C LEU D 294 10.37 14.02 -18.92
N LEU D 295 10.37 14.37 -20.20
CA LEU D 295 9.80 15.63 -20.67
C LEU D 295 8.41 15.47 -21.29
N VAL D 296 7.92 14.24 -21.45
CA VAL D 296 6.68 13.99 -22.16
C VAL D 296 5.49 14.61 -21.41
N PRO D 297 5.30 14.35 -20.10
CA PRO D 297 4.17 15.00 -19.42
C PRO D 297 4.30 16.51 -19.36
N TYR D 298 5.52 17.02 -19.20
CA TYR D 298 5.73 18.47 -19.24
C TYR D 298 5.30 19.04 -20.59
N TRP D 299 5.73 18.40 -21.69
CA TRP D 299 5.36 18.89 -23.01
C TRP D 299 3.85 18.86 -23.22
N GLU D 300 3.21 17.75 -22.83
CA GLU D 300 1.77 17.62 -23.08
C GLU D 300 0.98 18.67 -22.31
N LYS D 301 1.41 18.99 -21.09
CA LYS D 301 0.74 20.01 -20.30
C LYS D 301 1.06 21.42 -20.81
N THR D 302 2.34 21.67 -21.08
CA THR D 302 2.75 23.02 -21.51
C THR D 302 2.18 23.38 -22.88
N PHE D 303 2.20 22.42 -23.82
CA PHE D 303 1.75 22.67 -25.17
C PHE D 303 0.29 22.30 -25.40
N ASP D 304 -0.35 21.64 -24.45
CA ASP D 304 -1.72 21.16 -24.58
C ASP D 304 -1.87 20.28 -25.82
N ILE D 305 -1.02 19.25 -25.90
CA ILE D 305 -1.03 18.32 -27.01
C ILE D 305 -0.93 16.90 -26.47
N ASP D 306 -1.35 15.95 -27.31
CA ASP D 306 -1.27 14.53 -27.00
C ASP D 306 -0.09 13.94 -27.77
N LEU D 307 0.96 13.56 -27.05
CA LEU D 307 2.19 13.09 -27.70
C LEU D 307 2.12 11.62 -28.11
N SER D 308 0.99 10.94 -27.91
CA SER D 308 0.82 9.65 -28.56
C SER D 308 0.50 9.80 -30.04
N ALA D 309 0.29 11.02 -30.51
CA ALA D 309 0.00 11.33 -31.90
C ALA D 309 1.04 12.31 -32.45
N PRO D 310 1.33 12.25 -33.75
CA PRO D 310 2.28 13.22 -34.32
C PRO D 310 1.76 14.64 -34.21
N GLN D 311 2.69 15.58 -34.06
CA GLN D 311 2.36 16.99 -33.90
C GLN D 311 3.40 17.84 -34.59
N ILE D 312 3.00 19.04 -34.99
CA ILE D 312 3.94 20.05 -35.47
C ILE D 312 3.38 21.42 -35.12
N GLY D 313 4.24 22.30 -34.62
CA GLY D 313 3.80 23.60 -34.17
C GLY D 313 4.95 24.57 -34.02
N VAL D 314 4.61 25.77 -33.56
CA VAL D 314 5.56 26.84 -33.32
C VAL D 314 5.68 27.01 -31.81
N VAL D 315 6.91 27.04 -31.30
CA VAL D 315 7.17 27.18 -29.87
C VAL D 315 8.01 28.44 -29.64
N ASN D 316 7.56 29.28 -28.72
CA ASN D 316 8.27 30.50 -28.34
C ASN D 316 9.23 30.17 -27.20
N VAL D 317 10.54 30.35 -27.45
CA VAL D 317 11.54 29.98 -26.46
C VAL D 317 11.57 30.93 -25.26
N THR D 318 10.83 32.04 -25.31
CA THR D 318 10.86 32.97 -24.19
C THR D 318 9.89 32.56 -23.09
N ASP D 319 8.69 32.11 -23.45
CA ASP D 319 7.68 31.78 -22.45
C ASP D 319 6.97 30.45 -22.72
N ALA D 320 7.51 29.60 -23.60
CA ALA D 320 6.95 28.29 -23.94
C ALA D 320 5.56 28.38 -24.57
N ASP D 321 5.12 29.58 -24.97
CA ASP D 321 3.87 29.73 -25.68
C ASP D 321 3.97 29.04 -27.05
N SER D 322 2.83 28.50 -27.51
CA SER D 322 2.90 27.64 -28.69
C SER D 322 1.56 27.64 -29.42
N VAL D 323 1.63 27.28 -30.71
CA VAL D 323 0.46 27.05 -31.55
C VAL D 323 0.77 25.84 -32.43
N TRP D 324 -0.23 25.00 -32.65
CA TRP D 324 -0.01 23.68 -33.26
C TRP D 324 -0.95 23.47 -34.45
N MET D 325 -0.48 22.68 -35.40
CA MET D 325 -1.30 22.34 -36.56
C MET D 325 -2.51 21.52 -36.13
N GLU D 326 -3.67 21.87 -36.68
CA GLU D 326 -4.92 21.19 -36.34
C GLU D 326 -4.99 19.84 -37.05
N MET D 327 -5.18 18.78 -36.28
CA MET D 327 -5.40 17.44 -36.80
C MET D 327 -6.48 16.77 -35.98
N ASP D 328 -7.39 16.06 -36.66
CA ASP D 328 -8.47 15.38 -35.95
C ASP D 328 -7.92 14.33 -35.00
N ASP D 329 -7.01 13.49 -35.48
CA ASP D 329 -6.32 12.54 -34.64
C ASP D 329 -5.07 12.05 -35.38
N GLU D 330 -4.50 10.94 -34.91
CA GLU D 330 -3.26 10.43 -35.48
C GLU D 330 -3.43 9.97 -36.92
N GLU D 331 -4.65 9.68 -37.36
CA GLU D 331 -4.88 9.27 -38.73
C GLU D 331 -5.09 10.43 -39.68
N ASP D 332 -5.34 11.62 -39.16
CA ASP D 332 -5.63 12.80 -39.98
C ASP D 332 -4.35 13.62 -40.20
N LEU D 333 -3.35 12.95 -40.77
CA LEU D 333 -2.09 13.61 -41.03
C LEU D 333 -2.18 14.50 -42.26
N PRO D 334 -1.38 15.57 -42.32
CA PRO D 334 -1.40 16.42 -43.51
C PRO D 334 -0.67 15.77 -44.67
N SER D 335 -1.16 16.08 -45.88
CA SER D 335 -0.41 15.74 -47.07
C SER D 335 0.84 16.61 -47.16
N ALA D 336 1.71 16.28 -48.12
CA ALA D 336 2.88 17.11 -48.35
C ALA D 336 2.47 18.54 -48.68
N GLU D 337 1.42 18.70 -49.50
CA GLU D 337 0.93 20.03 -49.83
C GLU D 337 0.39 20.75 -48.60
N GLU D 338 -0.36 20.04 -47.76
CA GLU D 338 -0.92 20.66 -46.56
C GLU D 338 0.19 21.08 -45.60
N LEU D 339 1.19 20.23 -45.38
CA LEU D 339 2.28 20.57 -44.49
C LEU D 339 3.07 21.76 -45.03
N GLU D 340 3.27 21.82 -46.35
CA GLU D 340 3.97 22.95 -46.95
C GLU D 340 3.15 24.23 -46.81
N ASP D 341 1.82 24.13 -46.95
CA ASP D 341 0.95 25.28 -46.70
C ASP D 341 1.16 25.83 -45.29
N TRP D 342 1.16 24.94 -44.30
CA TRP D 342 1.29 25.36 -42.91
C TRP D 342 2.66 25.97 -42.64
N LEU D 343 3.72 25.36 -43.17
CA LEU D 343 5.06 25.91 -42.97
C LEU D 343 5.18 27.30 -43.59
N GLU D 344 4.61 27.50 -44.78
CA GLU D 344 4.68 28.81 -45.41
C GLU D 344 3.91 29.86 -44.61
N ASP D 345 2.74 29.49 -44.09
CA ASP D 345 2.00 30.39 -43.22
C ASP D 345 2.82 30.76 -41.99
N VAL D 346 3.58 29.80 -41.45
CA VAL D 346 4.41 30.08 -40.29
C VAL D 346 5.52 31.06 -40.66
N LEU D 347 6.21 30.81 -41.78
CA LEU D 347 7.32 31.67 -42.17
C LEU D 347 6.85 33.09 -42.49
N GLU D 348 5.65 33.23 -43.06
CA GLU D 348 5.11 34.54 -43.36
C GLU D 348 4.52 35.23 -42.13
N GLY D 349 4.44 34.55 -40.99
CA GLY D 349 3.86 35.12 -39.79
C GLY D 349 2.36 35.02 -39.68
N GLU D 350 1.69 34.43 -40.67
CA GLU D 350 0.24 34.24 -40.58
C GLU D 350 -0.13 33.34 -39.41
N ILE D 351 0.68 32.32 -39.15
CA ILE D 351 0.52 31.44 -38.00
C ILE D 351 1.63 31.78 -37.01
N ASN D 352 1.25 32.19 -35.80
CA ASN D 352 2.21 32.64 -34.81
C ASN D 352 1.67 32.37 -33.41
N THR D 353 2.55 32.53 -32.42
CA THR D 353 2.18 32.39 -31.02
C THR D 353 1.63 33.69 -30.44
N GLU D 354 2.18 34.82 -30.85
CA GLU D 354 1.73 36.13 -30.36
C GLU D 354 0.38 36.52 -30.96
CA CA E . 7.19 -19.25 27.92
CA CA F . -14.10 18.64 35.01
CA CA G . 1.30 27.87 20.30
CA CA H . -15.05 26.89 18.99
CA CA I . -11.02 -23.90 19.51
CA CA J . 0.34 2.47 36.52
CA CA K . -0.40 -0.71 38.84
CA CA L . -1.18 -4.14 37.06
CA CA M . -13.61 -11.62 28.91
CA CA N . -14.40 -5.05 23.79
CA CA O . 5.58 12.29 13.59
CA CA P . 6.61 12.70 22.25
CA CA Q . -8.97 3.52 22.95
CA CA R . -19.09 -7.15 54.54
CA CA S . -15.39 2.52 58.71
CA CA T . -34.67 8.72 50.78
CA CA U . -23.63 21.74 51.64
CA CA V . -26.50 -8.15 33.90
CA CA W . -34.04 -2.23 38.16
CA CA X . -37.48 0.73 38.59
CA CA Y . -37.09 4.45 39.20
CA CA Z . -10.82 -1.75 19.62
CA CA AA . -11.95 3.89 10.62
CA CA BA . -13.18 7.22 7.74
CA CA CA . -16.39 7.28 5.78
CA CA DA . -20.98 -7.43 30.37
CA CA EA . -13.99 -30.46 40.20
CA CA FA . -38.32 -8.78 10.59
CA CA GA . -56.72 -13.93 24.72
CA CA HA . -50.69 0.49 20.30
CA CA IA . -17.95 0.86 -4.67
CA CA JA . -6.92 -11.67 43.38
CA CA KA . -28.22 -24.83 21.56
CA CA LA . -24.48 -25.72 20.74
CA CA MA . -21.74 -25.00 23.35
CA CA NA . -41.25 -24.24 30.93
CA CA OA . -44.47 -22.19 31.43
CA CA PA . -46.34 -17.18 38.58
CA CA QA . -30.69 -10.63 29.29
CA CA RA . -29.15 -19.26 5.95
CA CA SA . -15.85 -20.99 -1.74
CA CA TA . 8.82 8.50 0.18
CA CA UA . 14.77 -19.21 -33.51
CA CA VA . -8.34 -22.65 -32.27
CA CA WA . 0.94 -16.83 -44.65
CA CA XA . 14.43 22.02 -14.59
CA CA YA . 12.25 -11.40 -13.40
CA CA ZA . 15.47 -10.02 -11.39
CA CA AB . 15.63 -6.03 -10.75
CA CA BB . 19.32 7.68 -19.23
CA CA CB . 13.79 5.64 -25.34
CA CA DB . 7.59 4.39 -25.95
CA CA EB . -11.00 -8.06 -23.58
CA CA FB . -5.29 -13.12 -19.73
CA CA GB . 7.28 -2.16 -26.03
CA CA HB . 40.26 -8.12 -16.33
CA CA IB . 38.25 -19.18 -17.17
CA CA JB . 41.78 -13.80 -38.15
CA CA KB . 31.64 -27.95 -36.25
CA CA LB . 29.20 6.22 -29.09
CA CA MB . 35.20 1.27 -36.49
CA CA NB . 36.49 -0.07 -40.36
CA CA OB . 35.61 -3.40 -41.79
CA CA PB . -0.13 5.00 -33.21
CA CA QB . -2.57 4.24 -37.08
CA CA RB . -2.15 6.18 -40.12
CA CA SB . 23.16 5.92 -26.46
CA CA TB . 33.47 16.61 -5.14
CA CA UB . 18.92 22.79 -46.32
CA CA VB . 41.71 24.65 -52.17
CA CA WB . 30.49 13.92 -57.11
CA CA XB . 26.12 -2.12 -8.72
CA CA YB . 26.14 26.52 -26.06
CA CA ZB . 23.69 26.59 -23.03
CA CA AC . 23.65 23.65 -20.42
CA CA BC . 47.00 16.78 -37.40
CA CA CC . 41.59 23.85 -33.41
CA CA DC . 42.40 23.92 -36.02
CA CA EC . 29.02 11.79 -32.66
CA CA FC . -0.38 32.12 -27.46
CA CA GC . -7.62 17.43 -41.59
CA CA HC . 3.11 24.54 -52.60
#